data_7T6W
#
_entry.id   7T6W
#
_cell.length_a   139.152
_cell.length_b   178.804
_cell.length_c   180.697
_cell.angle_alpha   90.000
_cell.angle_beta   90.000
_cell.angle_gamma   90.000
#
_symmetry.space_group_name_H-M   'I 2 2 2'
#
loop_
_entity.id
_entity.type
_entity.pdbx_description
1 polymer 'Chaetomium alpha glucosidase'
2 branched 2-acetamido-2-deoxy-beta-D-glucopyranose-(1-4)-2-acetamido-2-deoxy-beta-D-glucopyranose
3 non-polymer GLYCEROL
4 non-polymer 'SULFATE ION'
5 water water
#
_entity_poly.entity_id   1
_entity_poly.type   'polypeptide(L)'
_entity_poly.pdbx_seq_one_letter_code
;MGILPSPGMPALLSLVSLLSVLLMGCVAETGVEGESILHSEIGRLNNQSLLWGPYRPNIYFGTRPRIGKSLMTGLMWGKI
ESYTDFQHTVRYTCEQNEGMKGYGWDEYDPRRGGIQSIHDIQNGLDITTSFVKIPGGAHGGSWAARIKGTLNDDAPKDQK
TIVVFYVSQEGENSELEAVPSENEFGYEGDVILKGRSEALGNYKLVVTKGKGVIPQSDHDLSRLRGPGQTVVQSLTYPDE
VLWQAKPILFQQLKAGIDWLVENKYDVADPPPPWQVYLLANKPGSGNVHIVQKVFEGDFEFDILFSSESAGKEVTSKDLE
REVKQATEVFGERFARVFDLKAPFQGDNYKKFGKSMFSNLIGGIGYFYGHSLVDRSYAPEYDEENEGFWEDAAEARARHQ
EALEGPYELFTSIPSRPFFPRGFLWDEGFHLLPIADWDIDLALEIIKSWYNLMDEDGWIAREQILGAEARSKVPKEFQTQ
YPHYANPPTLFLVLDNFVERLRKNNASQPVVKDNLSLDETLSTASVDNPEVGLEYLRRLYPLLRRQFDWFRKTQAGDIKS
YDREAYSTKEAYRWRGRTVSHCLTSGLDDYPRPQPPHPGELHVDLMSWVGVMVKSLISIGSLLGATEDVEFYTKVLDAIE
HNLDDLHWSEKEGCYCDATIDEFEEHKLVCHKGYISLFPFLTGLLKPDSPKLGKLLALIGDESELWSPYGLRSLSKKDEF
YGTAENYWRSPVWININYLAIVQLYNIATQDGPYKETARDLYTRLRKNIVETVYRNWEETGFAWEQYNPETGKGQRTQHF
TGWTSLVVKIMSGHHHHHH
;
_entity_poly.pdbx_strand_id   A,B
#
# COMPACT_ATOMS: atom_id res chain seq x y z
N LEU A 38 3.33 -33.28 -10.27
CA LEU A 38 4.79 -33.29 -10.62
C LEU A 38 5.34 -31.87 -10.80
N HIS A 39 4.49 -30.91 -11.18
CA HIS A 39 4.98 -29.54 -11.31
C HIS A 39 5.61 -29.10 -10.00
N SER A 40 4.86 -29.29 -8.91
CA SER A 40 5.29 -28.90 -7.57
C SER A 40 6.47 -29.75 -7.11
N GLU A 41 6.66 -30.90 -7.76
CA GLU A 41 7.81 -31.75 -7.49
C GLU A 41 9.09 -31.01 -7.89
N ILE A 42 9.14 -30.58 -9.16
CA ILE A 42 10.30 -29.89 -9.70
C ILE A 42 10.50 -28.59 -8.91
N GLY A 43 9.38 -27.91 -8.63
CA GLY A 43 9.39 -26.74 -7.77
C GLY A 43 10.04 -27.03 -6.41
N ARG A 44 9.63 -28.13 -5.78
CA ARG A 44 10.07 -28.43 -4.43
C ARG A 44 11.59 -28.64 -4.46
N LEU A 45 12.08 -29.22 -5.56
CA LEU A 45 13.49 -29.50 -5.65
C LEU A 45 14.28 -28.23 -5.96
N ASN A 46 13.63 -27.26 -6.62
CA ASN A 46 14.28 -25.99 -6.90
C ASN A 46 14.49 -25.20 -5.61
N ASN A 47 13.39 -25.00 -4.84
CA ASN A 47 13.44 -24.43 -3.49
C ASN A 47 14.69 -24.94 -2.80
N GLN A 48 14.87 -26.26 -2.82
CA GLN A 48 15.89 -26.92 -2.02
C GLN A 48 17.27 -26.57 -2.59
N SER A 49 17.40 -26.64 -3.92
CA SER A 49 18.70 -26.49 -4.55
C SER A 49 19.23 -25.08 -4.33
N LEU A 50 18.34 -24.11 -4.12
CA LEU A 50 18.69 -22.71 -4.28
C LEU A 50 18.71 -22.04 -2.92
N LEU A 51 18.25 -22.75 -1.89
CA LEU A 51 17.89 -22.10 -0.65
C LEU A 51 19.13 -21.45 -0.01
N TRP A 52 20.27 -22.15 -0.05
CA TRP A 52 21.51 -21.57 0.46
C TRP A 52 22.30 -20.90 -0.67
N GLY A 53 22.98 -19.80 -0.35
CA GLY A 53 23.81 -19.10 -1.30
C GLY A 53 24.58 -17.98 -0.61
N PRO A 54 25.58 -17.36 -1.27
CA PRO A 54 26.27 -16.23 -0.66
C PRO A 54 25.52 -14.97 -1.04
N TYR A 55 24.23 -14.98 -0.77
CA TYR A 55 23.27 -14.07 -1.39
C TYR A 55 23.33 -12.67 -0.76
N ARG A 56 24.53 -12.19 -0.43
CA ARG A 56 24.66 -10.89 0.18
C ARG A 56 25.62 -10.03 -0.65
N PRO A 57 25.30 -9.79 -1.92
CA PRO A 57 26.23 -9.11 -2.83
C PRO A 57 26.82 -7.79 -2.32
N ASN A 58 26.15 -7.15 -1.33
CA ASN A 58 26.48 -5.81 -0.86
C ASN A 58 27.76 -5.84 0.00
N ILE A 59 28.12 -7.02 0.49
CA ILE A 59 29.31 -7.15 1.32
C ILE A 59 30.26 -8.08 0.58
N TYR A 60 31.54 -8.08 1.00
CA TYR A 60 32.57 -8.78 0.25
C TYR A 60 32.32 -10.27 0.31
N PHE A 61 32.02 -10.77 1.51
CA PHE A 61 31.67 -12.16 1.61
C PHE A 61 30.80 -12.43 2.84
N GLY A 62 29.69 -13.17 2.59
CA GLY A 62 28.72 -13.56 3.58
C GLY A 62 27.68 -14.50 2.97
N THR A 63 26.98 -15.26 3.81
CA THR A 63 25.95 -16.16 3.33
C THR A 63 24.64 -15.88 4.07
N ARG A 64 23.52 -16.22 3.42
CA ARG A 64 22.20 -16.19 4.00
C ARG A 64 21.29 -17.03 3.10
N PRO A 65 20.28 -17.74 3.64
CA PRO A 65 19.37 -18.51 2.80
C PRO A 65 18.26 -17.60 2.27
N ARG A 66 17.41 -18.16 1.39
CA ARG A 66 16.26 -17.43 0.89
C ARG A 66 15.12 -17.56 1.90
N ILE A 67 15.32 -16.99 3.10
CA ILE A 67 14.29 -16.90 4.12
C ILE A 67 14.47 -15.54 4.79
N GLY A 68 13.37 -14.83 5.00
CA GLY A 68 13.40 -13.47 5.48
C GLY A 68 14.15 -13.34 6.81
N LYS A 69 13.71 -14.10 7.82
CA LYS A 69 14.24 -14.00 9.17
C LYS A 69 14.90 -15.32 9.55
N SER A 70 16.24 -15.37 9.42
CA SER A 70 17.00 -16.61 9.49
C SER A 70 18.48 -16.32 9.81
N LEU A 71 19.35 -17.32 9.54
CA LEU A 71 20.75 -17.25 9.90
C LEU A 71 21.54 -16.56 8.79
N MET A 72 22.30 -15.53 9.16
CA MET A 72 23.14 -14.75 8.25
C MET A 72 24.58 -14.72 8.77
N THR A 73 25.54 -14.74 7.85
CA THR A 73 26.95 -14.62 8.16
C THR A 73 27.61 -13.48 7.37
N GLY A 74 28.79 -13.08 7.83
CA GLY A 74 29.53 -11.99 7.18
C GLY A 74 30.99 -11.94 7.61
N LEU A 75 31.88 -11.70 6.62
CA LEU A 75 33.31 -11.65 6.83
C LEU A 75 33.80 -10.21 6.92
N MET A 76 34.67 -9.93 7.90
CA MET A 76 35.39 -8.66 7.99
C MET A 76 36.86 -8.95 8.16
N TRP A 77 37.74 -8.07 7.61
CA TRP A 77 39.17 -8.09 7.92
C TRP A 77 39.76 -6.68 7.91
N GLY A 78 41.00 -6.56 8.45
CA GLY A 78 41.69 -5.27 8.51
C GLY A 78 43.08 -5.34 9.12
N LYS A 79 44.04 -4.66 8.50
CA LYS A 79 45.39 -4.62 9.08
C LYS A 79 45.36 -3.75 10.33
N ILE A 80 46.20 -4.08 11.32
CA ILE A 80 46.34 -3.19 12.46
C ILE A 80 47.82 -2.80 12.68
N GLU A 81 48.12 -1.51 12.48
CA GLU A 81 49.48 -1.03 12.59
C GLU A 81 49.61 -0.04 13.76
N SER A 82 48.48 0.47 14.25
CA SER A 82 48.45 1.54 15.24
C SER A 82 47.26 1.37 16.19
N TYR A 83 47.12 2.30 17.15
CA TYR A 83 46.07 2.23 18.13
C TYR A 83 44.75 2.80 17.57
N THR A 84 44.80 3.37 16.35
CA THR A 84 43.63 4.06 15.83
C THR A 84 43.26 3.57 14.42
N ASP A 85 44.14 2.80 13.79
CA ASP A 85 44.08 2.64 12.34
C ASP A 85 42.95 1.67 11.89
N PHE A 86 42.47 0.81 12.80
CA PHE A 86 41.68 -0.35 12.39
C PHE A 86 40.29 0.09 11.92
N GLN A 87 39.79 1.18 12.53
CA GLN A 87 38.50 1.73 12.15
C GLN A 87 38.53 2.16 10.67
N HIS A 88 39.71 2.50 10.13
CA HIS A 88 39.81 2.96 8.75
C HIS A 88 40.17 1.82 7.80
N THR A 89 40.62 0.69 8.34
CA THR A 89 41.20 -0.31 7.47
C THR A 89 40.20 -1.43 7.23
N VAL A 90 39.35 -1.68 8.23
CA VAL A 90 38.51 -2.86 8.25
C VAL A 90 37.58 -2.84 7.03
N ARG A 91 37.42 -4.01 6.39
CA ARG A 91 36.60 -4.16 5.20
C ARG A 91 35.32 -4.89 5.58
N TYR A 92 34.20 -4.54 4.94
CA TYR A 92 32.97 -5.29 5.15
C TYR A 92 32.03 -5.17 3.94
N THR A 93 31.40 -4.01 3.82
CA THR A 93 30.56 -3.76 2.66
C THR A 93 31.45 -3.37 1.48
N CYS A 94 31.04 -3.77 0.27
CA CYS A 94 31.76 -3.46 -0.96
C CYS A 94 31.87 -1.95 -1.21
N GLU A 95 33.06 -1.52 -1.65
CA GLU A 95 33.30 -0.18 -2.14
C GLU A 95 34.14 -0.27 -3.42
N GLN A 96 34.32 0.85 -4.11
CA GLN A 96 35.40 0.90 -5.09
C GLN A 96 36.11 2.25 -5.00
N ASN A 97 37.39 2.22 -4.61
CA ASN A 97 38.26 3.39 -4.55
C ASN A 97 39.72 2.98 -4.76
N GLU A 98 40.64 3.95 -4.63
CA GLU A 98 42.07 3.76 -4.86
C GLU A 98 42.64 2.73 -3.87
N GLY A 99 41.90 2.46 -2.77
CA GLY A 99 42.30 1.52 -1.72
C GLY A 99 42.25 0.04 -2.17
N MET A 100 41.38 -0.24 -3.16
CA MET A 100 41.07 -1.60 -3.57
C MET A 100 41.35 -1.74 -5.06
N LYS A 101 42.07 -2.79 -5.45
CA LYS A 101 42.43 -2.93 -6.84
C LYS A 101 41.22 -3.45 -7.62
N GLY A 102 40.67 -4.58 -7.17
CA GLY A 102 39.59 -5.23 -7.87
C GLY A 102 39.08 -6.41 -7.07
N TYR A 103 37.97 -6.99 -7.53
CA TYR A 103 37.44 -8.14 -6.83
C TYR A 103 36.26 -8.72 -7.59
N GLY A 104 36.03 -10.01 -7.38
CA GLY A 104 34.86 -10.63 -7.93
C GLY A 104 35.05 -12.13 -8.07
N TRP A 105 34.06 -12.76 -8.71
CA TRP A 105 33.96 -14.20 -8.81
C TRP A 105 34.68 -14.66 -10.07
N ASP A 106 35.57 -15.65 -9.89
CA ASP A 106 36.31 -16.29 -10.98
C ASP A 106 35.45 -17.38 -11.61
N GLU A 107 34.78 -18.16 -10.78
CA GLU A 107 33.72 -19.06 -11.20
C GLU A 107 32.58 -18.93 -10.20
N TYR A 108 31.37 -19.29 -10.62
CA TYR A 108 30.27 -19.31 -9.69
C TYR A 108 29.03 -19.92 -10.32
N ASP A 109 28.48 -20.95 -9.66
CA ASP A 109 27.12 -21.38 -9.90
C ASP A 109 26.35 -21.19 -8.61
N PRO A 110 25.12 -20.63 -8.64
CA PRO A 110 24.32 -20.49 -7.44
C PRO A 110 23.96 -21.84 -6.83
N ARG A 111 24.08 -22.92 -7.63
CA ARG A 111 23.69 -24.26 -7.19
C ARG A 111 24.86 -24.98 -6.52
N ARG A 112 26.09 -24.61 -6.87
CA ARG A 112 27.27 -25.39 -6.49
C ARG A 112 28.20 -24.57 -5.59
N GLY A 113 28.34 -23.28 -5.91
CA GLY A 113 29.27 -22.37 -5.25
C GLY A 113 30.27 -21.81 -6.27
N GLY A 114 31.36 -21.26 -5.76
CA GLY A 114 32.43 -20.79 -6.61
C GLY A 114 33.58 -20.22 -5.80
N ILE A 115 34.39 -19.38 -6.45
CA ILE A 115 35.61 -18.88 -5.83
C ILE A 115 35.72 -17.39 -6.13
N GLN A 116 36.06 -16.62 -5.09
CA GLN A 116 36.10 -15.16 -5.21
C GLN A 116 37.51 -14.67 -4.89
N SER A 117 37.96 -13.69 -5.69
CA SER A 117 39.28 -13.08 -5.57
C SER A 117 39.11 -11.63 -5.13
N ILE A 118 39.77 -11.25 -4.05
CA ILE A 118 39.76 -9.87 -3.61
C ILE A 118 41.19 -9.34 -3.51
N HIS A 119 41.48 -8.25 -4.23
CA HIS A 119 42.81 -7.66 -4.26
C HIS A 119 42.78 -6.31 -3.55
N ASP A 120 43.20 -6.32 -2.28
CA ASP A 120 43.07 -5.20 -1.39
C ASP A 120 44.44 -4.52 -1.24
N ILE A 121 44.62 -3.38 -1.93
CA ILE A 121 45.87 -2.61 -1.89
C ILE A 121 46.18 -2.13 -0.46
N GLN A 122 45.19 -1.46 0.17
CA GLN A 122 45.36 -0.76 1.44
C GLN A 122 45.75 -1.71 2.57
N ASN A 123 45.41 -3.00 2.43
CA ASN A 123 45.60 -3.94 3.50
C ASN A 123 46.64 -4.99 3.09
N GLY A 124 47.27 -4.78 1.92
CA GLY A 124 48.39 -5.58 1.47
C GLY A 124 47.98 -7.05 1.27
N LEU A 125 46.72 -7.24 0.91
CA LEU A 125 46.11 -8.55 1.07
C LEU A 125 45.47 -9.01 -0.23
N ASP A 126 45.73 -10.25 -0.56
CA ASP A 126 44.95 -10.95 -1.56
C ASP A 126 44.09 -11.98 -0.86
N ILE A 127 42.79 -11.94 -1.14
CA ILE A 127 41.89 -12.81 -0.43
C ILE A 127 41.14 -13.71 -1.39
N THR A 128 40.98 -14.95 -0.97
CA THR A 128 40.25 -15.94 -1.73
C THR A 128 39.15 -16.43 -0.83
N THR A 129 37.95 -16.44 -1.36
CA THR A 129 36.85 -17.05 -0.65
C THR A 129 36.27 -18.14 -1.54
N SER A 130 36.48 -19.39 -1.13
CA SER A 130 35.85 -20.51 -1.81
C SER A 130 34.57 -20.87 -1.07
N PHE A 131 33.46 -20.88 -1.82
CA PHE A 131 32.18 -21.26 -1.22
C PHE A 131 31.65 -22.49 -1.93
N VAL A 132 31.01 -23.39 -1.16
CA VAL A 132 30.59 -24.69 -1.70
C VAL A 132 29.40 -25.25 -0.92
N LYS A 133 28.47 -25.85 -1.66
CA LYS A 133 27.22 -26.33 -1.08
C LYS A 133 27.17 -27.86 -1.17
N ILE A 134 26.89 -28.52 -0.05
CA ILE A 134 26.70 -29.96 -0.09
C ILE A 134 25.20 -30.28 0.02
N PRO A 135 24.57 -30.82 -1.06
CA PRO A 135 23.17 -31.26 -0.98
C PRO A 135 23.04 -32.30 0.13
N GLY A 136 21.93 -32.23 0.88
CA GLY A 136 21.67 -33.21 1.91
C GLY A 136 20.53 -32.77 2.83
N GLY A 137 19.86 -33.76 3.45
CA GLY A 137 18.83 -33.52 4.45
C GLY A 137 17.55 -32.95 3.83
N ALA A 138 16.76 -32.27 4.67
CA ALA A 138 15.44 -31.79 4.29
C ALA A 138 15.40 -30.27 4.29
N HIS A 139 16.54 -29.63 4.55
CA HIS A 139 16.49 -28.25 4.97
C HIS A 139 17.26 -27.35 4.02
N GLY A 140 17.71 -27.93 2.90
CA GLY A 140 18.37 -27.13 1.89
C GLY A 140 19.89 -27.25 1.93
N GLY A 141 20.38 -28.36 2.49
CA GLY A 141 21.77 -28.76 2.33
C GLY A 141 22.67 -28.22 3.43
N SER A 142 23.92 -28.69 3.43
CA SER A 142 25.00 -28.10 4.19
C SER A 142 25.82 -27.18 3.28
N TRP A 143 26.81 -26.47 3.85
CA TRP A 143 27.71 -25.63 3.05
C TRP A 143 29.02 -25.33 3.80
N ALA A 144 30.01 -24.86 3.04
CA ALA A 144 31.37 -24.69 3.53
C ALA A 144 32.11 -23.60 2.76
N ALA A 145 33.07 -22.95 3.44
CA ALA A 145 33.82 -21.84 2.87
C ALA A 145 35.24 -21.81 3.43
N ARG A 146 36.19 -21.49 2.57
CA ARG A 146 37.55 -21.34 3.00
C ARG A 146 37.99 -19.91 2.73
N ILE A 147 38.54 -19.28 3.77
CA ILE A 147 39.02 -17.92 3.71
C ILE A 147 40.55 -17.94 3.71
N LYS A 148 41.17 -17.45 2.63
CA LYS A 148 42.61 -17.54 2.46
C LYS A 148 43.18 -16.15 2.22
N GLY A 149 44.09 -15.73 3.09
CA GLY A 149 44.70 -14.41 3.01
C GLY A 149 46.22 -14.47 2.79
N THR A 150 46.67 -13.92 1.66
CA THR A 150 48.08 -13.85 1.32
C THR A 150 48.51 -12.38 1.26
N LEU A 151 49.47 -12.00 2.10
CA LEU A 151 50.09 -10.69 1.99
C LEU A 151 50.71 -10.57 0.60
N ASN A 152 50.52 -9.41 -0.05
CA ASN A 152 51.22 -9.11 -1.30
C ASN A 152 52.68 -8.76 -0.98
N ASP A 153 53.44 -8.33 -2.00
CA ASP A 153 54.87 -8.08 -1.87
C ASP A 153 55.15 -6.79 -1.10
N ASP A 154 54.21 -5.86 -1.10
CA ASP A 154 54.48 -4.53 -0.58
C ASP A 154 54.01 -4.43 0.87
N ALA A 155 53.49 -5.54 1.40
CA ALA A 155 53.10 -5.57 2.80
C ALA A 155 54.30 -6.01 3.64
N PRO A 156 54.44 -5.50 4.89
CA PRO A 156 55.46 -6.03 5.82
C PRO A 156 55.22 -7.52 6.07
N LYS A 157 56.31 -8.29 6.15
CA LYS A 157 56.21 -9.74 6.18
C LYS A 157 55.56 -10.18 7.50
N ASP A 158 55.53 -9.24 8.48
CA ASP A 158 55.01 -9.47 9.83
C ASP A 158 53.76 -8.62 10.10
N GLN A 159 52.98 -8.35 9.05
CA GLN A 159 51.77 -7.55 9.22
C GLN A 159 50.76 -8.30 10.09
N LYS A 160 50.19 -7.55 11.03
CA LYS A 160 49.15 -8.07 11.91
C LYS A 160 47.75 -7.76 11.33
N THR A 161 47.01 -8.83 11.00
CA THR A 161 45.71 -8.70 10.36
C THR A 161 44.61 -9.26 11.27
N ILE A 162 43.59 -8.43 11.58
CA ILE A 162 42.43 -8.87 12.32
C ILE A 162 41.38 -9.39 11.35
N VAL A 163 40.79 -10.54 11.70
CA VAL A 163 39.75 -11.16 10.91
C VAL A 163 38.58 -11.50 11.83
N VAL A 164 37.38 -11.18 11.36
CA VAL A 164 36.16 -11.45 12.09
C VAL A 164 35.18 -12.17 11.17
N PHE A 165 34.66 -13.29 11.66
CA PHE A 165 33.45 -13.89 11.10
C PHE A 165 32.26 -13.53 12.01
N TYR A 166 31.20 -12.95 11.40
CA TYR A 166 30.06 -12.43 12.15
C TYR A 166 28.82 -13.27 11.85
N VAL A 167 28.11 -13.69 12.92
CA VAL A 167 26.98 -14.60 12.75
C VAL A 167 25.76 -14.07 13.51
N SER A 168 24.62 -14.00 12.82
CA SER A 168 23.40 -13.50 13.43
C SER A 168 22.22 -14.38 13.05
N GLN A 169 21.20 -14.42 13.94
CA GLN A 169 19.97 -15.17 13.71
C GLN A 169 18.75 -14.37 14.16
N GLU A 170 17.74 -14.37 13.30
CA GLU A 170 16.46 -13.68 13.44
C GLU A 170 15.36 -14.73 13.57
N GLY A 171 14.25 -14.33 14.23
CA GLY A 171 13.20 -15.28 14.61
C GLY A 171 12.92 -15.26 16.12
N GLU A 172 11.76 -15.80 16.51
CA GLU A 172 11.29 -15.70 17.88
C GLU A 172 11.69 -16.98 18.66
N ASN A 173 11.60 -18.14 17.99
CA ASN A 173 11.75 -19.43 18.65
C ASN A 173 12.97 -20.17 18.09
N SER A 174 14.09 -19.44 17.96
CA SER A 174 15.31 -20.01 17.44
C SER A 174 16.42 -19.74 18.45
N GLU A 175 17.48 -20.56 18.38
CA GLU A 175 18.50 -20.57 19.42
C GLU A 175 19.86 -20.83 18.79
N LEU A 176 20.87 -20.09 19.26
CA LEU A 176 22.22 -20.24 18.75
C LEU A 176 23.23 -20.03 19.88
N GLU A 177 24.15 -20.97 20.03
CA GLU A 177 25.00 -21.07 21.20
C GLU A 177 26.40 -21.48 20.76
N ALA A 178 27.41 -20.74 21.25
CA ALA A 178 28.79 -21.14 21.19
C ALA A 178 29.06 -22.17 22.30
N VAL A 179 29.43 -23.40 21.92
CA VAL A 179 30.02 -24.31 22.90
C VAL A 179 31.33 -23.71 23.41
N PRO A 180 31.44 -23.50 24.73
CA PRO A 180 32.58 -22.79 25.29
C PRO A 180 33.88 -23.60 25.22
N SER A 181 35.01 -22.91 25.35
CA SER A 181 36.35 -23.48 25.19
C SER A 181 36.77 -24.25 26.43
N GLU A 182 37.71 -25.19 26.26
CA GLU A 182 38.39 -25.82 27.40
C GLU A 182 39.46 -24.88 27.97
N ASN A 183 40.12 -24.08 27.12
CA ASN A 183 41.20 -23.21 27.57
C ASN A 183 40.61 -21.97 28.26
N GLU A 184 41.50 -21.16 28.84
CA GLU A 184 41.07 -20.21 29.86
C GLU A 184 40.42 -18.99 29.18
N PHE A 185 41.12 -18.42 28.20
CA PHE A 185 40.86 -17.07 27.73
C PHE A 185 40.32 -17.10 26.29
N GLY A 186 39.91 -18.26 25.82
CA GLY A 186 39.57 -18.36 24.43
C GLY A 186 39.96 -19.71 23.87
N TYR A 187 40.08 -19.78 22.54
CA TYR A 187 40.04 -21.05 21.84
C TYR A 187 41.42 -21.35 21.25
N GLU A 188 41.94 -22.53 21.58
CA GLU A 188 43.18 -23.00 20.99
C GLU A 188 42.88 -23.70 19.68
N GLY A 189 41.61 -24.00 19.44
CA GLY A 189 41.24 -24.73 18.23
C GLY A 189 39.95 -24.21 17.60
N ASP A 190 39.02 -25.14 17.34
CA ASP A 190 37.78 -24.89 16.63
C ASP A 190 36.79 -24.17 17.55
N VAL A 191 35.90 -23.38 16.92
CA VAL A 191 34.75 -22.78 17.58
C VAL A 191 33.47 -23.40 17.00
N ILE A 192 32.65 -23.98 17.89
CA ILE A 192 31.48 -24.71 17.45
C ILE A 192 30.24 -23.94 17.89
N LEU A 193 29.39 -23.59 16.91
CA LEU A 193 28.08 -23.01 17.21
C LEU A 193 27.00 -24.05 16.95
N LYS A 194 26.13 -24.21 17.95
CA LYS A 194 24.99 -25.10 17.88
C LYS A 194 23.74 -24.22 17.82
N GLY A 195 22.91 -24.44 16.80
CA GLY A 195 21.71 -23.65 16.65
C GLY A 195 20.51 -24.47 16.18
N ARG A 196 19.32 -23.87 16.33
CA ARG A 196 18.08 -24.50 15.89
C ARG A 196 17.07 -23.40 15.56
N SER A 197 16.40 -23.57 14.41
CA SER A 197 15.26 -22.74 14.05
C SER A 197 14.22 -23.61 13.38
N GLU A 198 12.93 -23.19 13.40
CA GLU A 198 11.87 -23.85 12.64
C GLU A 198 12.29 -24.01 11.17
N ALA A 199 12.92 -22.96 10.59
CA ALA A 199 13.30 -22.94 9.17
C ALA A 199 14.38 -23.97 8.86
N LEU A 200 15.45 -24.02 9.68
CA LEU A 200 16.65 -24.76 9.31
C LEU A 200 16.74 -26.06 10.10
N GLY A 201 15.89 -26.21 11.10
CA GLY A 201 16.01 -27.36 11.98
C GLY A 201 17.26 -27.25 12.86
N ASN A 202 17.90 -28.40 13.08
CA ASN A 202 19.09 -28.47 13.91
C ASN A 202 20.31 -28.37 13.01
N TYR A 203 21.20 -27.44 13.35
CA TYR A 203 22.42 -27.25 12.58
C TYR A 203 23.58 -27.00 13.53
N LYS A 204 24.80 -27.09 13.00
CA LYS A 204 25.93 -26.61 13.73
C LYS A 204 26.90 -25.93 12.76
N LEU A 205 27.46 -24.81 13.21
CA LEU A 205 28.35 -23.99 12.41
C LEU A 205 29.74 -23.99 13.06
N VAL A 206 30.78 -24.40 12.29
CA VAL A 206 32.14 -24.47 12.82
C VAL A 206 33.06 -23.46 12.12
N VAL A 207 33.77 -22.66 12.94
CA VAL A 207 34.90 -21.84 12.50
C VAL A 207 36.17 -22.57 12.92
N THR A 208 36.96 -23.06 11.94
CA THR A 208 38.12 -23.93 12.23
C THR A 208 39.31 -23.14 12.83
N LYS A 209 40.33 -23.89 13.34
CA LYS A 209 41.46 -23.27 14.03
C LYS A 209 42.25 -22.47 13.02
N GLY A 210 42.43 -23.05 11.84
CA GLY A 210 43.10 -22.41 10.74
C GLY A 210 44.59 -22.72 10.72
N LYS A 211 45.24 -22.37 9.61
CA LYS A 211 46.68 -22.29 9.56
C LYS A 211 47.08 -20.81 9.72
N GLY A 212 48.20 -20.57 10.41
CA GLY A 212 48.87 -19.29 10.35
C GLY A 212 49.43 -18.90 11.72
N VAL A 213 50.49 -18.09 11.72
CA VAL A 213 51.10 -17.64 12.96
C VAL A 213 50.13 -16.73 13.69
N ILE A 214 49.85 -17.03 14.95
CA ILE A 214 49.05 -16.12 15.74
C ILE A 214 49.97 -15.43 16.75
N PRO A 215 50.01 -14.08 16.78
CA PRO A 215 50.97 -13.36 17.62
C PRO A 215 50.69 -13.51 19.12
N GLN A 216 51.76 -13.64 19.91
CA GLN A 216 51.63 -13.79 21.36
C GLN A 216 52.17 -12.54 22.04
N SER A 217 51.54 -12.15 23.15
CA SER A 217 51.84 -10.89 23.79
C SER A 217 52.52 -11.15 25.12
N ASP A 218 53.56 -10.38 25.39
CA ASP A 218 54.37 -10.51 26.58
C ASP A 218 53.82 -9.65 27.71
N HIS A 219 52.70 -8.94 27.48
CA HIS A 219 52.34 -7.82 28.35
C HIS A 219 51.70 -8.32 29.63
N ASP A 220 51.65 -7.45 30.65
CA ASP A 220 50.93 -7.73 31.89
C ASP A 220 49.48 -8.13 31.59
N LEU A 221 48.88 -7.50 30.57
CA LEU A 221 47.51 -7.77 30.20
C LEU A 221 47.28 -9.27 29.98
N SER A 222 48.31 -9.99 29.53
CA SER A 222 48.14 -11.37 29.08
C SER A 222 47.77 -12.27 30.25
N ARG A 223 47.95 -11.80 31.50
CA ARG A 223 47.53 -12.60 32.63
C ARG A 223 46.01 -12.69 32.64
N LEU A 224 45.32 -11.64 32.15
CA LEU A 224 43.86 -11.54 32.26
C LEU A 224 43.15 -11.83 30.94
N ARG A 225 43.83 -11.55 29.82
N ARG A 225 43.82 -11.57 29.81
CA ARG A 225 43.22 -11.65 28.49
CA ARG A 225 43.17 -11.69 28.52
C ARG A 225 43.78 -12.86 27.76
C ARG A 225 43.80 -12.83 27.72
N GLY A 226 44.95 -13.33 28.20
CA GLY A 226 45.67 -14.38 27.50
C GLY A 226 46.61 -13.75 26.50
N PRO A 227 47.66 -14.47 26.04
CA PRO A 227 48.73 -13.88 25.23
C PRO A 227 48.32 -13.62 23.77
N GLY A 228 47.16 -14.18 23.38
CA GLY A 228 46.69 -14.14 22.02
C GLY A 228 46.12 -15.50 21.61
N GLN A 229 44.82 -15.49 21.27
CA GLN A 229 44.13 -16.68 20.85
C GLN A 229 42.86 -16.25 20.11
N THR A 230 42.20 -17.21 19.45
CA THR A 230 40.84 -17.03 18.97
C THR A 230 39.92 -16.73 20.14
N VAL A 231 38.94 -15.84 19.92
CA VAL A 231 37.99 -15.43 20.95
C VAL A 231 36.59 -15.31 20.32
N VAL A 232 35.56 -15.51 21.15
CA VAL A 232 34.17 -15.41 20.75
C VAL A 232 33.41 -14.52 21.71
N GLN A 233 32.49 -13.71 21.16
CA GLN A 233 31.53 -12.97 21.97
C GLN A 233 30.10 -13.21 21.48
N SER A 234 29.24 -13.51 22.46
CA SER A 234 27.87 -13.90 22.22
C SER A 234 26.97 -12.81 22.79
N LEU A 235 26.20 -12.17 21.91
CA LEU A 235 25.41 -11.01 22.27
C LEU A 235 23.95 -11.27 21.87
N THR A 236 23.05 -10.44 22.41
CA THR A 236 21.71 -10.31 21.84
CA THR A 236 21.71 -10.31 21.84
C THR A 236 21.38 -8.82 21.69
N TYR A 237 20.83 -8.48 20.50
CA TYR A 237 20.25 -7.18 20.18
C TYR A 237 18.86 -7.44 19.64
N PRO A 238 17.95 -6.44 19.59
CA PRO A 238 16.67 -6.65 18.91
C PRO A 238 16.93 -6.95 17.44
N ASP A 239 16.10 -7.85 16.87
CA ASP A 239 16.31 -8.47 15.55
C ASP A 239 16.59 -7.43 14.47
N GLU A 240 15.91 -6.29 14.55
CA GLU A 240 15.89 -5.38 13.43
C GLU A 240 17.25 -4.68 13.27
N VAL A 241 18.18 -4.83 14.23
CA VAL A 241 19.46 -4.15 14.12
C VAL A 241 20.61 -5.13 13.89
N LEU A 242 20.30 -6.44 13.83
CA LEU A 242 21.33 -7.47 13.73
C LEU A 242 22.24 -7.22 12.52
N TRP A 243 21.72 -6.57 11.48
CA TRP A 243 22.46 -6.45 10.23
C TRP A 243 23.61 -5.45 10.38
N GLN A 244 23.48 -4.54 11.36
CA GLN A 244 24.41 -3.43 11.50
C GLN A 244 25.68 -3.91 12.21
N ALA A 245 26.45 -4.73 11.49
CA ALA A 245 27.50 -5.54 12.07
C ALA A 245 28.74 -4.69 12.41
N LYS A 246 29.07 -3.70 11.56
CA LYS A 246 30.23 -2.86 11.82
C LYS A 246 30.05 -2.14 13.16
N PRO A 247 28.92 -1.42 13.38
CA PRO A 247 28.68 -0.73 14.65
C PRO A 247 28.57 -1.69 15.85
N ILE A 248 27.93 -2.85 15.63
CA ILE A 248 27.80 -3.81 16.70
C ILE A 248 29.22 -4.17 17.16
N LEU A 249 30.10 -4.39 16.18
CA LEU A 249 31.45 -4.83 16.45
C LEU A 249 32.22 -3.72 17.17
N PHE A 250 32.15 -2.52 16.62
CA PHE A 250 32.95 -1.47 17.22
C PHE A 250 32.48 -1.20 18.63
N GLN A 251 31.20 -1.47 18.88
CA GLN A 251 30.66 -1.18 20.21
C GLN A 251 31.38 -2.05 21.25
N GLN A 252 31.72 -3.29 20.84
CA GLN A 252 32.44 -4.23 21.69
C GLN A 252 33.93 -3.82 21.84
N LEU A 253 34.55 -3.46 20.72
CA LEU A 253 35.92 -2.99 20.72
C LEU A 253 36.07 -1.77 21.63
N LYS A 254 35.12 -0.82 21.53
CA LYS A 254 35.19 0.36 22.39
C LYS A 254 35.03 -0.09 23.83
N ALA A 255 34.12 -1.06 24.04
CA ALA A 255 33.83 -1.52 25.39
C ALA A 255 35.11 -2.07 26.05
N GLY A 256 35.92 -2.78 25.25
CA GLY A 256 37.17 -3.40 25.68
C GLY A 256 38.23 -2.34 26.03
N ILE A 257 38.42 -1.39 25.11
CA ILE A 257 39.36 -0.29 25.32
C ILE A 257 38.94 0.48 26.59
N ASP A 258 37.63 0.69 26.76
CA ASP A 258 37.13 1.40 27.93
C ASP A 258 37.61 0.67 29.19
N TRP A 259 37.59 -0.66 29.13
CA TRP A 259 37.91 -1.51 30.27
C TRP A 259 39.40 -1.35 30.64
N LEU A 260 40.27 -1.44 29.63
CA LEU A 260 41.70 -1.16 29.76
C LEU A 260 41.91 0.15 30.52
N VAL A 261 41.25 1.22 30.07
CA VAL A 261 41.49 2.53 30.65
C VAL A 261 41.08 2.54 32.12
N GLU A 262 39.94 1.92 32.47
CA GLU A 262 39.46 1.94 33.86
C GLU A 262 40.44 1.16 34.76
N ASN A 263 41.11 0.17 34.18
CA ASN A 263 41.87 -0.81 34.96
C ASN A 263 43.38 -0.48 34.92
N LYS A 264 43.72 0.77 34.59
CA LYS A 264 45.06 1.29 34.77
C LYS A 264 46.02 0.77 33.68
N TYR A 265 45.50 0.42 32.50
CA TYR A 265 46.38 0.18 31.36
C TYR A 265 46.56 1.47 30.55
N ASP A 266 47.78 2.04 30.60
CA ASP A 266 48.00 3.40 30.13
C ASP A 266 49.27 3.52 29.27
N VAL A 267 49.67 4.77 29.00
CA VAL A 267 50.71 5.10 28.02
C VAL A 267 52.10 4.83 28.60
N ALA A 268 52.19 4.70 29.92
CA ALA A 268 53.43 4.36 30.57
C ALA A 268 53.95 3.02 30.01
N ASP A 269 53.04 2.03 29.92
CA ASP A 269 53.38 0.69 29.45
C ASP A 269 52.18 0.10 28.71
N PRO A 270 51.85 0.57 27.48
CA PRO A 270 50.66 0.12 26.77
C PRO A 270 50.87 -1.26 26.16
N PRO A 271 49.82 -2.12 26.08
CA PRO A 271 49.92 -3.37 25.34
C PRO A 271 50.01 -3.06 23.86
N PRO A 272 50.44 -4.02 23.01
CA PRO A 272 50.52 -3.79 21.58
C PRO A 272 49.11 -3.59 21.01
N PRO A 273 48.98 -2.86 19.88
CA PRO A 273 47.66 -2.52 19.31
C PRO A 273 46.75 -3.72 19.07
N TRP A 274 47.32 -4.79 18.53
CA TRP A 274 46.54 -5.95 18.16
C TRP A 274 45.93 -6.63 19.40
N GLN A 275 46.60 -6.49 20.55
CA GLN A 275 46.06 -7.07 21.78
C GLN A 275 44.96 -6.17 22.33
N VAL A 276 45.08 -4.86 22.08
CA VAL A 276 44.05 -3.94 22.52
C VAL A 276 42.75 -4.22 21.77
N TYR A 277 42.86 -4.80 20.56
CA TYR A 277 41.70 -4.99 19.71
C TYR A 277 41.25 -6.45 19.73
N LEU A 278 41.76 -7.21 20.70
CA LEU A 278 41.22 -8.52 20.95
C LEU A 278 40.06 -8.38 21.94
N LEU A 279 38.91 -8.97 21.59
CA LEU A 279 37.78 -8.94 22.50
C LEU A 279 38.03 -9.95 23.61
N ALA A 280 37.62 -9.60 24.84
CA ALA A 280 37.57 -10.56 25.94
C ALA A 280 36.61 -11.71 25.57
N ASN A 281 37.07 -12.98 25.75
CA ASN A 281 36.27 -14.15 25.42
C ASN A 281 35.02 -14.18 26.31
N LYS A 282 33.84 -14.30 25.68
CA LYS A 282 32.58 -14.43 26.43
C LYS A 282 31.58 -15.22 25.58
N PRO A 283 31.87 -16.50 25.28
CA PRO A 283 30.96 -17.33 24.51
C PRO A 283 29.67 -17.60 25.28
N GLY A 284 28.63 -17.97 24.55
CA GLY A 284 27.36 -18.35 25.16
C GLY A 284 26.27 -18.39 24.11
N SER A 285 25.04 -18.02 24.52
CA SER A 285 23.94 -17.96 23.57
C SER A 285 23.48 -16.52 23.36
N GLY A 286 22.88 -16.29 22.18
CA GLY A 286 22.44 -14.98 21.72
C GLY A 286 22.08 -15.01 20.23
N ASN A 287 21.64 -13.87 19.70
CA ASN A 287 21.32 -13.81 18.28
C ASN A 287 22.52 -13.29 17.49
N VAL A 288 23.62 -13.00 18.19
CA VAL A 288 24.80 -12.46 17.55
C VAL A 288 26.05 -13.06 18.17
N HIS A 289 26.89 -13.66 17.32
CA HIS A 289 28.15 -14.27 17.74
C HIS A 289 29.28 -13.67 16.91
N ILE A 290 30.25 -13.03 17.59
CA ILE A 290 31.46 -12.53 16.96
C ILE A 290 32.61 -13.51 17.19
N VAL A 291 33.19 -14.02 16.10
CA VAL A 291 34.39 -14.84 16.17
C VAL A 291 35.59 -14.03 15.64
N GLN A 292 36.61 -13.87 16.48
CA GLN A 292 37.73 -12.98 16.16
C GLN A 292 39.03 -13.77 16.16
N LYS A 293 39.83 -13.56 15.10
CA LYS A 293 41.15 -14.15 14.95
C LYS A 293 42.15 -13.03 14.67
N VAL A 294 43.37 -13.14 15.21
CA VAL A 294 44.44 -12.22 14.83
C VAL A 294 45.58 -13.03 14.21
N PHE A 295 46.08 -12.58 13.06
CA PHE A 295 47.06 -13.35 12.32
C PHE A 295 48.29 -12.48 12.04
N GLU A 296 49.47 -13.14 12.11
CA GLU A 296 50.73 -12.55 11.71
C GLU A 296 51.20 -13.24 10.44
N GLY A 297 51.30 -12.47 9.37
CA GLY A 297 51.57 -13.04 8.08
C GLY A 297 50.32 -13.66 7.47
N ASP A 298 50.56 -14.66 6.60
CA ASP A 298 49.53 -15.32 5.82
C ASP A 298 48.70 -16.18 6.74
N PHE A 299 47.47 -16.51 6.30
CA PHE A 299 46.48 -17.21 7.10
C PHE A 299 45.46 -17.86 6.18
N GLU A 300 44.69 -18.79 6.76
CA GLU A 300 43.48 -19.31 6.15
C GLU A 300 42.68 -20.07 7.21
N PHE A 301 41.36 -20.11 7.03
CA PHE A 301 40.50 -20.88 7.93
C PHE A 301 39.19 -21.27 7.24
N ASP A 302 38.49 -22.24 7.84
CA ASP A 302 37.31 -22.81 7.22
C ASP A 302 36.06 -22.46 8.04
N ILE A 303 34.94 -22.32 7.32
CA ILE A 303 33.63 -22.30 7.96
C ILE A 303 32.80 -23.46 7.44
N LEU A 304 32.35 -24.31 8.36
CA LEU A 304 31.60 -25.52 8.02
C LEU A 304 30.21 -25.47 8.65
N PHE A 305 29.19 -25.38 7.79
CA PHE A 305 27.80 -25.42 8.20
C PHE A 305 27.21 -26.81 7.91
N SER A 306 26.86 -27.52 9.00
CA SER A 306 26.37 -28.89 8.89
C SER A 306 24.89 -28.93 9.28
N SER A 307 24.06 -29.32 8.31
CA SER A 307 22.66 -29.60 8.55
C SER A 307 22.54 -30.93 9.32
N GLU A 308 21.92 -30.88 10.53
CA GLU A 308 21.74 -32.08 11.34
C GLU A 308 20.99 -33.15 10.55
N SER A 309 19.96 -32.72 9.80
CA SER A 309 19.05 -33.62 9.14
C SER A 309 19.70 -34.30 7.91
N ALA A 310 20.89 -33.87 7.50
CA ALA A 310 21.62 -34.63 6.48
C ALA A 310 22.55 -35.63 7.16
N GLY A 311 23.40 -36.31 6.35
CA GLY A 311 24.36 -37.31 6.83
C GLY A 311 25.21 -36.83 8.01
N LYS A 312 26.48 -37.27 8.04
CA LYS A 312 27.43 -36.79 9.04
C LYS A 312 27.85 -35.36 8.69
N GLU A 313 28.56 -34.73 9.62
CA GLU A 313 28.82 -33.31 9.51
C GLU A 313 29.83 -33.03 8.40
N VAL A 314 29.96 -31.75 8.02
CA VAL A 314 30.83 -31.33 6.93
C VAL A 314 32.23 -31.08 7.49
N THR A 315 33.23 -31.63 6.80
CA THR A 315 34.61 -31.58 7.26
C THR A 315 35.47 -30.85 6.22
N SER A 316 36.65 -30.37 6.67
CA SER A 316 37.54 -29.62 5.80
C SER A 316 37.90 -30.41 4.54
N LYS A 317 38.17 -31.72 4.69
CA LYS A 317 38.48 -32.58 3.55
C LYS A 317 37.28 -32.60 2.60
N ASP A 318 36.07 -32.43 3.14
CA ASP A 318 34.88 -32.37 2.31
C ASP A 318 34.91 -31.15 1.40
N LEU A 319 35.25 -29.99 1.97
CA LEU A 319 35.21 -28.70 1.28
C LEU A 319 36.20 -28.72 0.12
N GLU A 320 37.41 -29.24 0.37
CA GLU A 320 38.42 -29.31 -0.67
C GLU A 320 37.91 -30.14 -1.85
N ARG A 321 37.32 -31.30 -1.55
CA ARG A 321 36.84 -32.19 -2.58
C ARG A 321 35.75 -31.49 -3.39
N GLU A 322 34.78 -30.92 -2.69
CA GLU A 322 33.63 -30.34 -3.35
C GLU A 322 34.04 -29.12 -4.19
N VAL A 323 34.94 -28.26 -3.66
CA VAL A 323 35.43 -27.11 -4.40
C VAL A 323 35.93 -27.59 -5.76
N LYS A 324 36.90 -28.52 -5.72
CA LYS A 324 37.63 -29.00 -6.89
C LYS A 324 36.65 -29.50 -7.95
N GLN A 325 35.59 -30.19 -7.52
CA GLN A 325 34.64 -30.82 -8.44
C GLN A 325 33.73 -29.75 -9.05
N ALA A 326 33.38 -28.75 -8.24
CA ALA A 326 32.57 -27.63 -8.72
C ALA A 326 33.30 -26.91 -9.84
N THR A 327 34.61 -26.70 -9.65
CA THR A 327 35.42 -26.00 -10.63
C THR A 327 35.33 -26.70 -11.98
N GLU A 328 35.31 -28.04 -11.93
CA GLU A 328 35.36 -28.88 -13.12
C GLU A 328 34.03 -28.83 -13.86
N VAL A 329 32.91 -28.86 -13.10
CA VAL A 329 31.56 -28.77 -13.63
C VAL A 329 31.33 -27.41 -14.28
N PHE A 330 31.81 -26.36 -13.61
CA PHE A 330 31.76 -25.01 -14.13
C PHE A 330 32.53 -24.94 -15.46
N GLY A 331 33.78 -25.43 -15.44
CA GLY A 331 34.60 -25.50 -16.66
C GLY A 331 33.81 -26.09 -17.84
N GLU A 332 33.16 -27.24 -17.56
CA GLU A 332 32.50 -28.08 -18.55
C GLU A 332 31.27 -27.34 -19.09
N ARG A 333 30.46 -26.77 -18.19
CA ARG A 333 29.21 -26.14 -18.60
C ARG A 333 29.54 -24.93 -19.49
N PHE A 334 30.60 -24.19 -19.10
CA PHE A 334 30.93 -22.94 -19.75
C PHE A 334 31.20 -23.18 -21.24
N ALA A 335 31.99 -24.22 -21.52
CA ALA A 335 32.35 -24.62 -22.87
C ALA A 335 31.09 -24.94 -23.70
N ARG A 336 30.14 -25.65 -23.10
CA ARG A 336 28.91 -25.96 -23.81
C ARG A 336 28.10 -24.68 -24.00
N VAL A 337 27.78 -23.99 -22.91
CA VAL A 337 26.79 -22.92 -22.92
C VAL A 337 27.36 -21.65 -23.55
N PHE A 338 28.67 -21.40 -23.35
CA PHE A 338 29.30 -20.17 -23.83
C PHE A 338 30.48 -20.52 -24.73
N ASP A 339 30.16 -21.10 -25.89
CA ASP A 339 31.16 -21.42 -26.89
C ASP A 339 31.46 -20.17 -27.71
N LEU A 340 32.57 -19.50 -27.36
CA LEU A 340 32.94 -18.24 -27.98
C LEU A 340 33.42 -18.48 -29.41
N LYS A 341 32.71 -17.88 -30.38
CA LYS A 341 33.04 -17.92 -31.80
C LYS A 341 34.15 -16.91 -32.11
N ALA A 342 34.75 -17.06 -33.30
CA ALA A 342 35.87 -16.24 -33.72
C ALA A 342 35.42 -14.79 -33.88
N PRO A 343 36.34 -13.79 -33.73
CA PRO A 343 37.75 -14.07 -33.43
C PRO A 343 38.07 -14.13 -31.94
N PHE A 344 37.20 -14.77 -31.17
CA PHE A 344 37.32 -14.71 -29.72
C PHE A 344 37.33 -16.12 -29.14
N GLN A 345 37.95 -17.05 -29.87
CA GLN A 345 38.08 -18.43 -29.42
C GLN A 345 39.19 -18.52 -28.37
N GLY A 346 40.12 -17.55 -28.40
CA GLY A 346 41.35 -17.59 -27.62
C GLY A 346 41.11 -17.65 -26.11
N ASP A 347 42.20 -17.95 -25.37
CA ASP A 347 42.17 -18.22 -23.93
C ASP A 347 41.93 -16.92 -23.15
N ASN A 348 42.60 -15.85 -23.60
CA ASN A 348 42.44 -14.49 -23.10
C ASN A 348 40.93 -14.13 -23.03
N TYR A 349 40.18 -14.40 -24.12
CA TYR A 349 38.77 -14.08 -24.22
C TYR A 349 37.92 -15.06 -23.38
N LYS A 350 38.37 -16.30 -23.23
CA LYS A 350 37.64 -17.22 -22.36
C LYS A 350 37.76 -16.77 -20.90
N LYS A 351 38.96 -16.35 -20.49
CA LYS A 351 39.16 -15.81 -19.15
C LYS A 351 38.21 -14.64 -18.91
N PHE A 352 38.17 -13.72 -19.88
CA PHE A 352 37.34 -12.53 -19.76
C PHE A 352 35.85 -12.90 -19.72
N GLY A 353 35.42 -13.79 -20.64
CA GLY A 353 34.05 -14.28 -20.68
C GLY A 353 33.63 -14.89 -19.35
N LYS A 354 34.52 -15.72 -18.80
CA LYS A 354 34.27 -16.37 -17.51
C LYS A 354 34.11 -15.31 -16.42
N SER A 355 34.84 -14.20 -16.52
CA SER A 355 34.79 -13.21 -15.45
C SER A 355 33.51 -12.37 -15.56
N MET A 356 33.23 -11.88 -16.76
CA MET A 356 31.97 -11.20 -16.99
C MET A 356 30.81 -12.07 -16.50
N PHE A 357 30.78 -13.36 -16.86
CA PHE A 357 29.63 -14.17 -16.48
C PHE A 357 29.54 -14.34 -14.96
N SER A 358 30.65 -14.77 -14.36
CA SER A 358 30.69 -15.13 -12.95
C SER A 358 30.23 -13.96 -12.07
N ASN A 359 30.78 -12.76 -12.34
CA ASN A 359 30.38 -11.54 -11.69
C ASN A 359 28.87 -11.27 -11.83
N LEU A 360 28.32 -11.43 -13.05
CA LEU A 360 26.89 -11.23 -13.27
C LEU A 360 26.07 -12.14 -12.38
N ILE A 361 26.34 -13.45 -12.45
CA ILE A 361 25.45 -14.43 -11.83
C ILE A 361 25.79 -14.55 -10.34
N GLY A 362 27.07 -14.22 -10.01
CA GLY A 362 27.56 -14.17 -8.63
C GLY A 362 26.94 -13.02 -7.83
N GLY A 363 26.42 -12.02 -8.53
CA GLY A 363 25.85 -10.86 -7.91
C GLY A 363 24.44 -11.08 -7.39
N ILE A 364 23.87 -12.27 -7.67
CA ILE A 364 22.51 -12.59 -7.20
C ILE A 364 22.45 -12.42 -5.68
N GLY A 365 21.44 -11.70 -5.19
CA GLY A 365 21.20 -11.68 -3.76
C GLY A 365 19.76 -12.04 -3.41
N TYR A 366 19.53 -12.14 -2.10
CA TYR A 366 18.20 -12.31 -1.53
C TYR A 366 17.91 -11.10 -0.65
N PHE A 367 16.76 -10.46 -0.87
CA PHE A 367 16.42 -9.26 -0.12
C PHE A 367 15.07 -9.42 0.57
N TYR A 368 14.92 -8.80 1.74
CA TYR A 368 13.72 -8.97 2.55
C TYR A 368 13.51 -7.73 3.40
N GLY A 369 12.30 -7.16 3.32
CA GLY A 369 11.98 -6.00 4.14
C GLY A 369 10.81 -5.20 3.55
N HIS A 370 10.59 -4.00 4.12
CA HIS A 370 9.55 -3.09 3.65
C HIS A 370 10.06 -2.21 2.50
N SER A 371 9.15 -1.95 1.54
CA SER A 371 9.31 -0.99 0.45
C SER A 371 8.74 0.35 0.89
N LEU A 372 9.12 1.44 0.21
CA LEU A 372 8.59 2.75 0.59
C LEU A 372 7.86 3.39 -0.58
N VAL A 373 6.54 3.56 -0.42
CA VAL A 373 5.63 3.83 -1.51
C VAL A 373 4.73 5.02 -1.16
N ASP A 374 4.43 5.82 -2.19
CA ASP A 374 3.38 6.82 -2.10
C ASP A 374 2.08 6.20 -2.60
N ARG A 375 1.19 5.81 -1.67
CA ARG A 375 -0.10 5.26 -2.08
C ARG A 375 -1.17 6.36 -2.13
N SER A 376 -0.75 7.62 -1.98
CA SER A 376 -1.66 8.76 -2.01
C SER A 376 -2.41 8.86 -3.35
N TYR A 377 -1.80 8.35 -4.45
CA TYR A 377 -2.41 8.39 -5.77
C TYR A 377 -2.97 9.80 -6.06
N ALA A 378 -2.20 10.82 -5.67
CA ALA A 378 -2.59 12.21 -5.83
C ALA A 378 -3.16 12.46 -7.22
N PRO A 379 -4.08 13.45 -7.40
CA PRO A 379 -4.53 13.83 -8.74
C PRO A 379 -3.42 14.42 -9.64
N GLU A 380 -2.42 15.07 -9.02
CA GLU A 380 -1.37 15.79 -9.71
C GLU A 380 -0.48 14.85 -10.52
N TYR A 381 -0.42 13.58 -10.10
CA TYR A 381 0.34 12.56 -10.80
C TYR A 381 -0.41 12.08 -12.05
N ASP A 382 -1.60 12.65 -12.31
CA ASP A 382 -2.33 12.36 -13.54
C ASP A 382 -1.60 12.96 -14.75
N GLU A 383 -0.83 14.05 -14.49
CA GLU A 383 -0.01 14.79 -15.47
C GLU A 383 -0.85 15.12 -16.69
N GLU A 384 -1.93 15.87 -16.47
CA GLU A 384 -2.87 16.15 -17.55
C GLU A 384 -2.93 17.64 -17.83
N ASN A 385 -2.40 18.45 -16.91
CA ASN A 385 -2.20 19.86 -17.16
C ASN A 385 -0.85 20.07 -17.85
N GLU A 386 -0.75 21.13 -18.66
CA GLU A 386 0.55 21.70 -19.02
C GLU A 386 1.20 22.24 -17.75
N GLY A 387 2.52 22.03 -17.62
CA GLY A 387 3.27 22.43 -16.43
C GLY A 387 3.15 21.40 -15.30
N PHE A 388 2.76 20.16 -15.66
CA PHE A 388 2.41 19.10 -14.73
C PHE A 388 3.56 18.73 -13.80
N TRP A 389 4.79 18.89 -14.26
CA TRP A 389 5.93 18.57 -13.39
C TRP A 389 5.90 19.45 -12.14
N GLU A 390 5.36 20.68 -12.25
CA GLU A 390 5.29 21.60 -11.12
C GLU A 390 4.27 21.08 -10.09
N ASP A 391 3.15 20.54 -10.61
CA ASP A 391 2.12 19.90 -9.83
C ASP A 391 2.70 18.73 -9.06
N ALA A 392 3.23 17.76 -9.82
CA ALA A 392 3.63 16.47 -9.26
C ALA A 392 4.73 16.67 -8.22
N ALA A 393 5.65 17.61 -8.48
CA ALA A 393 6.64 18.06 -7.49
C ALA A 393 5.95 18.35 -6.16
N GLU A 394 4.79 19.01 -6.23
CA GLU A 394 4.14 19.52 -5.04
C GLU A 394 3.44 18.38 -4.28
N ALA A 395 2.88 17.40 -5.01
CA ALA A 395 2.25 16.23 -4.38
C ALA A 395 3.31 15.43 -3.60
N ARG A 396 4.51 15.37 -4.16
CA ARG A 396 5.63 14.66 -3.57
C ARG A 396 6.04 15.33 -2.26
N ALA A 397 5.90 16.65 -2.20
CA ALA A 397 6.33 17.43 -1.05
C ALA A 397 5.40 17.19 0.15
N ARG A 398 4.22 16.61 -0.11
CA ARG A 398 3.30 16.26 0.94
C ARG A 398 3.86 15.10 1.78
N HIS A 399 4.49 14.13 1.10
CA HIS A 399 5.23 13.07 1.78
C HIS A 399 4.26 12.11 2.45
N GLN A 400 3.42 11.49 1.65
CA GLN A 400 2.39 10.58 2.13
C GLN A 400 2.86 9.13 1.95
N GLU A 401 4.14 8.98 1.62
CA GLU A 401 4.70 7.66 1.38
C GLU A 401 4.86 6.96 2.74
N ALA A 402 4.56 5.67 2.78
CA ALA A 402 4.75 4.92 4.02
C ALA A 402 5.33 3.53 3.74
N LEU A 403 5.88 2.89 4.76
CA LEU A 403 6.49 1.57 4.58
C LEU A 403 5.40 0.51 4.43
N GLU A 404 5.71 -0.56 3.71
CA GLU A 404 4.72 -1.59 3.45
C GLU A 404 5.44 -2.89 3.08
N GLY A 405 4.71 -4.01 3.18
CA GLY A 405 5.28 -5.34 3.00
C GLY A 405 5.19 -6.19 4.27
N PRO A 406 6.24 -6.93 4.66
CA PRO A 406 7.54 -6.86 3.97
C PRO A 406 7.46 -7.70 2.69
N TYR A 407 8.46 -7.58 1.84
CA TYR A 407 8.52 -8.37 0.62
C TYR A 407 9.86 -9.08 0.55
N GLU A 408 9.94 -10.06 -0.38
CA GLU A 408 11.17 -10.77 -0.68
C GLU A 408 11.47 -10.64 -2.17
N LEU A 409 12.75 -10.46 -2.52
CA LEU A 409 13.12 -10.52 -3.92
C LEU A 409 14.44 -11.26 -4.09
N PHE A 410 14.46 -12.14 -5.10
CA PHE A 410 15.62 -12.94 -5.44
C PHE A 410 16.08 -12.55 -6.83
N THR A 411 17.20 -11.82 -6.91
CA THR A 411 17.52 -11.13 -8.16
C THR A 411 19.02 -10.87 -8.30
N SER A 412 19.45 -10.75 -9.57
CA SER A 412 20.75 -10.21 -9.90
C SER A 412 20.73 -8.69 -9.79
N ILE A 413 21.92 -8.10 -9.69
CA ILE A 413 22.03 -6.67 -9.45
C ILE A 413 22.89 -6.04 -10.53
N PRO A 414 22.80 -4.72 -10.75
CA PRO A 414 23.72 -4.02 -11.64
C PRO A 414 25.16 -3.86 -11.13
N SER A 415 25.35 -3.83 -9.80
CA SER A 415 26.66 -3.47 -9.26
C SER A 415 26.75 -3.65 -7.74
N ARG A 416 27.69 -4.48 -7.31
CA ARG A 416 27.81 -4.76 -5.91
C ARG A 416 28.06 -3.45 -5.14
N PRO A 417 29.08 -2.64 -5.48
CA PRO A 417 29.42 -1.46 -4.69
C PRO A 417 28.42 -0.32 -4.76
N PHE A 418 27.76 -0.13 -5.91
CA PHE A 418 26.93 1.06 -6.06
C PHE A 418 25.44 0.75 -6.10
N PHE A 419 25.05 -0.41 -6.63
CA PHE A 419 23.62 -0.62 -6.82
C PHE A 419 23.22 -2.04 -6.47
N PRO A 420 23.45 -2.50 -5.21
CA PRO A 420 23.11 -3.87 -4.83
C PRO A 420 21.61 -4.01 -4.48
N ARG A 421 20.75 -3.81 -5.47
CA ARG A 421 19.33 -4.03 -5.29
C ARG A 421 18.71 -4.27 -6.66
N GLY A 422 17.42 -4.65 -6.68
CA GLY A 422 16.71 -5.03 -7.91
C GLY A 422 16.28 -3.81 -8.72
N PHE A 423 16.59 -3.81 -10.03
CA PHE A 423 16.11 -2.77 -10.94
C PHE A 423 15.30 -3.40 -12.08
N LEU A 424 14.10 -2.84 -12.36
CA LEU A 424 13.13 -3.57 -13.16
C LEU A 424 13.67 -3.90 -14.57
N TRP A 425 14.02 -2.86 -15.35
CA TRP A 425 14.42 -3.13 -16.73
C TRP A 425 15.84 -3.69 -16.80
N ASP A 426 16.68 -3.38 -15.79
CA ASP A 426 18.02 -3.96 -15.75
C ASP A 426 17.93 -5.48 -15.79
N GLU A 427 16.86 -6.05 -15.20
CA GLU A 427 16.87 -7.48 -14.98
C GLU A 427 16.57 -8.25 -16.26
N GLY A 428 15.74 -7.68 -17.14
CA GLY A 428 15.55 -8.29 -18.44
C GLY A 428 16.87 -8.66 -19.13
N PHE A 429 17.89 -7.79 -18.98
CA PHE A 429 19.18 -7.98 -19.64
C PHE A 429 20.05 -8.95 -18.85
N HIS A 430 20.04 -8.84 -17.50
CA HIS A 430 20.82 -9.73 -16.63
C HIS A 430 20.48 -11.19 -16.89
N LEU A 431 19.20 -11.46 -17.17
CA LEU A 431 18.74 -12.84 -17.19
C LEU A 431 19.02 -13.48 -18.54
N LEU A 432 19.45 -12.68 -19.53
CA LEU A 432 19.66 -13.22 -20.86
C LEU A 432 20.81 -14.23 -20.87
N PRO A 433 21.99 -13.92 -20.28
CA PRO A 433 23.03 -14.93 -20.05
C PRO A 433 22.68 -15.99 -19.00
N ILE A 434 21.98 -15.58 -17.95
CA ILE A 434 21.65 -16.51 -16.88
C ILE A 434 20.67 -17.59 -17.38
N ALA A 435 19.68 -17.17 -18.19
CA ALA A 435 18.72 -18.05 -18.84
C ALA A 435 19.46 -19.15 -19.60
N ASP A 436 20.48 -18.75 -20.38
CA ASP A 436 21.34 -19.68 -21.10
C ASP A 436 21.93 -20.69 -20.14
N TRP A 437 22.43 -20.20 -19.00
CA TRP A 437 23.26 -21.01 -18.14
C TRP A 437 22.37 -21.95 -17.31
N ASP A 438 21.17 -21.50 -16.98
CA ASP A 438 20.31 -22.25 -16.05
C ASP A 438 18.90 -21.65 -16.06
N ILE A 439 18.09 -22.10 -17.02
CA ILE A 439 16.80 -21.50 -17.30
C ILE A 439 15.87 -21.58 -16.07
N ASP A 440 16.06 -22.60 -15.25
CA ASP A 440 15.19 -22.75 -14.09
C ASP A 440 15.48 -21.65 -13.08
N LEU A 441 16.77 -21.33 -12.91
CA LEU A 441 17.15 -20.20 -12.06
C LEU A 441 16.55 -18.90 -12.61
N ALA A 442 16.63 -18.68 -13.94
CA ALA A 442 16.06 -17.46 -14.52
C ALA A 442 14.56 -17.36 -14.19
N LEU A 443 13.83 -18.49 -14.36
CA LEU A 443 12.38 -18.50 -14.17
C LEU A 443 12.04 -18.27 -12.70
N GLU A 444 12.91 -18.74 -11.81
CA GLU A 444 12.79 -18.42 -10.40
C GLU A 444 12.85 -16.91 -10.19
N ILE A 445 13.79 -16.23 -10.88
CA ILE A 445 13.98 -14.81 -10.67
C ILE A 445 12.80 -14.05 -11.26
N ILE A 446 12.30 -14.54 -12.41
CA ILE A 446 11.12 -13.92 -13.01
C ILE A 446 9.97 -13.99 -12.01
N LYS A 447 9.75 -15.22 -11.47
CA LYS A 447 8.64 -15.49 -10.59
C LYS A 447 8.68 -14.50 -9.42
N SER A 448 9.87 -14.33 -8.85
CA SER A 448 10.15 -13.48 -7.69
C SER A 448 9.76 -12.03 -7.98
N TRP A 449 10.16 -11.55 -9.17
CA TRP A 449 9.85 -10.20 -9.60
C TRP A 449 8.35 -10.00 -9.75
N TYR A 450 7.66 -11.03 -10.31
CA TYR A 450 6.25 -10.87 -10.61
C TYR A 450 5.40 -10.95 -9.33
N ASN A 451 5.96 -11.56 -8.28
CA ASN A 451 5.30 -11.62 -6.98
C ASN A 451 5.31 -10.25 -6.30
N LEU A 452 5.95 -9.25 -6.93
CA LEU A 452 6.00 -7.91 -6.36
C LEU A 452 4.89 -7.03 -6.94
N MET A 453 4.20 -7.55 -7.97
CA MET A 453 3.20 -6.78 -8.69
C MET A 453 1.98 -6.54 -7.78
N ASP A 454 1.50 -5.30 -7.78
CA ASP A 454 0.36 -4.94 -6.93
C ASP A 454 -0.97 -5.31 -7.64
N GLU A 455 -2.09 -4.85 -7.06
CA GLU A 455 -3.42 -5.18 -7.56
C GLU A 455 -3.60 -4.64 -8.98
N ASP A 456 -3.08 -3.42 -9.25
CA ASP A 456 -3.24 -2.72 -10.53
C ASP A 456 -2.30 -3.26 -11.63
N GLY A 457 -1.28 -4.06 -11.25
CA GLY A 457 -0.28 -4.54 -12.20
C GLY A 457 0.98 -3.65 -12.29
N TRP A 458 1.31 -2.96 -11.19
CA TRP A 458 2.52 -2.16 -11.07
C TRP A 458 3.59 -2.89 -10.26
N ILE A 459 4.80 -2.93 -10.82
CA ILE A 459 6.01 -3.24 -10.07
C ILE A 459 6.90 -1.99 -10.01
N ALA A 460 7.30 -1.59 -8.81
CA ALA A 460 8.25 -0.49 -8.66
C ALA A 460 9.52 -0.77 -9.46
N ARG A 461 10.09 0.29 -10.01
CA ARG A 461 11.20 0.13 -10.93
C ARG A 461 12.45 -0.21 -10.12
N GLU A 462 12.43 0.19 -8.84
CA GLU A 462 13.58 -0.04 -7.96
C GLU A 462 13.12 -0.68 -6.64
N GLN A 463 13.62 -1.88 -6.35
CA GLN A 463 13.20 -2.62 -5.16
C GLN A 463 14.21 -2.46 -4.03
N ILE A 464 13.87 -1.62 -3.04
CA ILE A 464 14.71 -1.41 -1.88
C ILE A 464 14.04 -2.04 -0.64
N LEU A 465 14.28 -3.35 -0.41
CA LEU A 465 13.62 -4.13 0.64
C LEU A 465 14.50 -4.27 1.89
N GLY A 466 14.09 -3.66 3.01
CA GLY A 466 14.84 -3.78 4.25
C GLY A 466 15.72 -2.56 4.53
N ALA A 467 15.91 -2.30 5.83
CA ALA A 467 16.75 -1.23 6.31
C ALA A 467 18.19 -1.38 5.78
N GLU A 468 18.68 -2.61 5.64
CA GLU A 468 20.02 -2.80 5.13
C GLU A 468 20.11 -2.26 3.71
N ALA A 469 19.12 -2.57 2.85
CA ALA A 469 19.10 -2.05 1.49
C ALA A 469 18.99 -0.53 1.50
N ARG A 470 18.09 -0.02 2.35
CA ARG A 470 17.84 1.40 2.43
C ARG A 470 19.09 2.15 2.86
N SER A 471 19.99 1.48 3.58
CA SER A 471 21.10 2.14 4.25
C SER A 471 21.99 2.85 3.23
N LYS A 472 22.00 2.33 2.00
CA LYS A 472 22.94 2.72 0.97
C LYS A 472 22.26 3.63 -0.06
N VAL A 473 21.02 4.05 0.21
CA VAL A 473 20.23 4.79 -0.78
C VAL A 473 19.89 6.19 -0.21
N PRO A 474 20.23 7.29 -0.91
CA PRO A 474 19.96 8.62 -0.35
C PRO A 474 18.45 8.84 -0.34
N LYS A 475 17.95 9.52 0.70
CA LYS A 475 16.53 9.47 1.06
C LYS A 475 15.66 9.86 -0.14
N GLU A 476 16.16 10.79 -0.97
CA GLU A 476 15.42 11.37 -2.09
C GLU A 476 14.97 10.31 -3.10
N PHE A 477 15.60 9.13 -3.09
CA PHE A 477 15.34 8.18 -4.17
C PHE A 477 14.67 6.94 -3.62
N GLN A 478 14.26 6.99 -2.34
CA GLN A 478 13.79 5.80 -1.67
C GLN A 478 12.36 5.48 -2.09
N THR A 479 11.51 6.53 -2.10
CA THR A 479 10.08 6.43 -2.33
C THR A 479 9.83 5.97 -3.76
N GLN A 480 9.03 4.92 -3.91
CA GLN A 480 8.58 4.46 -5.21
C GLN A 480 7.20 5.05 -5.49
N TYR A 481 6.85 5.15 -6.78
CA TYR A 481 5.60 5.77 -7.20
C TYR A 481 4.80 4.85 -8.14
N PRO A 482 3.54 4.53 -7.81
CA PRO A 482 2.77 3.54 -8.59
C PRO A 482 2.39 4.02 -10.00
N HIS A 483 2.70 5.28 -10.34
CA HIS A 483 2.54 5.73 -11.73
C HIS A 483 3.84 5.74 -12.53
N TYR A 484 4.93 5.18 -11.98
CA TYR A 484 6.20 5.10 -12.71
C TYR A 484 6.36 3.73 -13.40
N ALA A 485 6.48 3.76 -14.72
CA ALA A 485 6.67 2.56 -15.51
C ALA A 485 8.17 2.30 -15.67
N ASN A 486 8.51 1.26 -16.43
CA ASN A 486 9.87 0.85 -16.71
C ASN A 486 9.80 -0.15 -17.87
N PRO A 487 10.79 -0.12 -18.81
CA PRO A 487 10.74 -0.98 -19.99
C PRO A 487 10.52 -2.43 -19.59
N PRO A 488 9.50 -3.12 -20.15
CA PRO A 488 9.22 -4.52 -19.79
C PRO A 488 10.26 -5.50 -20.33
N THR A 489 11.53 -5.29 -19.98
CA THR A 489 12.63 -6.04 -20.57
C THR A 489 12.59 -7.51 -20.15
N LEU A 490 11.86 -7.78 -19.08
CA LEU A 490 11.72 -9.15 -18.60
C LEU A 490 10.99 -10.01 -19.64
N PHE A 491 10.07 -9.40 -20.40
CA PHE A 491 9.37 -10.14 -21.43
C PHE A 491 10.35 -10.80 -22.38
N LEU A 492 11.47 -10.09 -22.65
CA LEU A 492 12.48 -10.53 -23.60
C LEU A 492 13.03 -11.89 -23.20
N VAL A 493 13.11 -12.16 -21.88
CA VAL A 493 13.63 -13.47 -21.46
C VAL A 493 12.53 -14.52 -21.60
N LEU A 494 11.31 -14.12 -21.29
CA LEU A 494 10.16 -14.98 -21.52
C LEU A 494 10.15 -15.40 -22.98
N ASP A 495 10.48 -14.44 -23.86
CA ASP A 495 10.62 -14.76 -25.28
C ASP A 495 11.57 -15.96 -25.47
N ASN A 496 12.75 -15.91 -24.86
CA ASN A 496 13.76 -16.95 -25.10
C ASN A 496 13.24 -18.30 -24.61
N PHE A 497 12.50 -18.28 -23.50
CA PHE A 497 11.97 -19.49 -22.90
C PHE A 497 11.09 -20.20 -23.92
N VAL A 498 10.09 -19.47 -24.45
CA VAL A 498 9.07 -19.98 -25.35
C VAL A 498 9.70 -20.62 -26.59
N GLU A 499 10.72 -19.97 -27.17
CA GLU A 499 11.41 -20.49 -28.33
C GLU A 499 12.09 -21.82 -27.96
N ARG A 500 12.64 -21.89 -26.75
CA ARG A 500 13.29 -23.10 -26.26
C ARG A 500 12.23 -24.17 -25.98
N LEU A 501 11.03 -23.73 -25.61
CA LEU A 501 9.94 -24.64 -25.27
C LEU A 501 9.41 -25.28 -26.56
N ARG A 502 9.08 -24.43 -27.55
CA ARG A 502 8.63 -24.86 -28.87
C ARG A 502 9.49 -26.04 -29.36
N LYS A 503 10.83 -25.85 -29.36
CA LYS A 503 11.78 -26.78 -29.97
C LYS A 503 12.42 -27.68 -28.88
N LEU A 517 22.01 -34.27 -10.77
CA LEU A 517 20.67 -33.69 -10.48
C LEU A 517 20.72 -32.19 -10.71
N ASP A 518 21.83 -31.57 -10.27
CA ASP A 518 22.09 -30.16 -10.49
C ASP A 518 21.99 -29.87 -11.99
N GLU A 519 22.61 -30.75 -12.78
CA GLU A 519 22.50 -30.70 -14.23
C GLU A 519 21.00 -30.67 -14.64
N THR A 520 20.22 -31.64 -14.13
CA THR A 520 18.84 -31.87 -14.56
C THR A 520 17.98 -30.64 -14.29
N LEU A 521 18.14 -30.08 -13.10
CA LEU A 521 17.21 -29.07 -12.61
C LEU A 521 17.36 -27.80 -13.43
N SER A 522 18.57 -27.51 -13.88
CA SER A 522 18.80 -26.28 -14.60
C SER A 522 17.84 -26.18 -15.80
N THR A 523 17.54 -27.33 -16.45
CA THR A 523 16.79 -27.32 -17.71
C THR A 523 15.43 -27.98 -17.55
N ALA A 524 15.16 -28.51 -16.35
CA ALA A 524 13.95 -29.26 -16.05
C ALA A 524 12.69 -28.64 -16.67
N SER A 525 12.62 -27.31 -16.74
CA SER A 525 11.39 -26.64 -17.13
C SER A 525 11.22 -26.58 -18.65
N VAL A 526 12.30 -26.87 -19.39
CA VAL A 526 12.20 -26.97 -20.83
C VAL A 526 12.12 -28.44 -21.24
N ASP A 527 12.86 -29.30 -20.52
CA ASP A 527 12.92 -30.71 -20.82
C ASP A 527 11.56 -31.37 -20.61
N ASN A 528 10.81 -30.87 -19.62
CA ASN A 528 9.52 -31.44 -19.23
C ASN A 528 8.43 -30.43 -19.52
N PRO A 529 7.82 -30.46 -20.74
CA PRO A 529 7.01 -29.35 -21.21
C PRO A 529 5.64 -29.23 -20.52
N GLU A 530 5.18 -30.34 -19.90
CA GLU A 530 4.07 -30.26 -18.98
C GLU A 530 4.39 -29.22 -17.90
N VAL A 531 5.64 -29.25 -17.41
CA VAL A 531 6.15 -28.35 -16.37
C VAL A 531 6.30 -26.94 -16.94
N GLY A 532 6.89 -26.84 -18.15
CA GLY A 532 7.04 -25.59 -18.86
C GLY A 532 5.73 -24.81 -18.93
N LEU A 533 4.65 -25.48 -19.40
CA LEU A 533 3.43 -24.78 -19.75
C LEU A 533 2.72 -24.34 -18.46
N GLU A 534 2.91 -25.12 -17.38
CA GLU A 534 2.27 -24.86 -16.10
C GLU A 534 2.78 -23.54 -15.53
N TYR A 535 4.10 -23.35 -15.62
CA TYR A 535 4.71 -22.09 -15.22
C TYR A 535 4.02 -20.93 -15.92
N LEU A 536 4.03 -20.96 -17.27
CA LEU A 536 3.48 -19.87 -18.06
C LEU A 536 1.97 -19.70 -17.77
N ARG A 537 1.29 -20.82 -17.46
CA ARG A 537 -0.13 -20.76 -17.09
C ARG A 537 -0.33 -19.83 -15.90
N ARG A 538 0.41 -20.07 -14.81
CA ARG A 538 0.19 -19.33 -13.57
C ARG A 538 0.56 -17.87 -13.78
N LEU A 539 1.59 -17.65 -14.60
CA LEU A 539 2.22 -16.34 -14.75
C LEU A 539 1.36 -15.45 -15.65
N TYR A 540 0.72 -16.05 -16.67
CA TYR A 540 0.06 -15.36 -17.77
C TYR A 540 -0.84 -14.23 -17.27
N PRO A 541 -1.77 -14.50 -16.31
CA PRO A 541 -2.66 -13.46 -15.80
C PRO A 541 -1.94 -12.17 -15.44
N LEU A 542 -0.75 -12.29 -14.85
CA LEU A 542 -0.01 -11.15 -14.31
C LEU A 542 0.61 -10.35 -15.45
N LEU A 543 1.21 -11.06 -16.43
CA LEU A 543 1.64 -10.43 -17.68
C LEU A 543 0.48 -9.58 -18.23
N ARG A 544 -0.68 -10.24 -18.36
CA ARG A 544 -1.88 -9.64 -18.93
C ARG A 544 -2.25 -8.41 -18.12
N ARG A 545 -2.18 -8.57 -16.79
CA ARG A 545 -2.51 -7.47 -15.90
C ARG A 545 -1.56 -6.31 -16.17
N GLN A 546 -0.26 -6.62 -16.32
CA GLN A 546 0.75 -5.60 -16.56
C GLN A 546 0.51 -4.95 -17.92
N PHE A 547 0.18 -5.79 -18.92
CA PHE A 547 -0.14 -5.30 -20.25
C PHE A 547 -1.21 -4.21 -20.16
N ASP A 548 -2.26 -4.50 -19.36
CA ASP A 548 -3.39 -3.59 -19.23
C ASP A 548 -2.99 -2.36 -18.45
N TRP A 549 -2.14 -2.57 -17.43
CA TRP A 549 -1.71 -1.50 -16.56
C TRP A 549 -1.04 -0.41 -17.41
N PHE A 550 -0.20 -0.86 -18.36
CA PHE A 550 0.51 0.04 -19.26
C PHE A 550 -0.51 0.89 -19.99
N ARG A 551 -1.56 0.21 -20.48
CA ARG A 551 -2.57 0.82 -21.31
C ARG A 551 -3.40 1.82 -20.50
N LYS A 552 -3.72 1.47 -19.25
CA LYS A 552 -4.50 2.39 -18.42
C LYS A 552 -3.69 3.63 -18.06
N THR A 553 -2.40 3.46 -17.68
CA THR A 553 -1.65 4.53 -17.01
C THR A 553 -0.69 5.26 -17.94
N GLN A 554 -0.25 4.61 -19.03
CA GLN A 554 0.76 5.24 -19.85
C GLN A 554 0.20 5.50 -21.25
N ALA A 555 -1.08 5.87 -21.31
CA ALA A 555 -1.73 6.13 -22.59
C ALA A 555 -1.53 7.60 -23.00
N GLY A 556 -1.34 7.83 -24.31
CA GLY A 556 -1.24 9.18 -24.84
C GLY A 556 -2.55 9.57 -25.53
N ASP A 557 -2.63 10.83 -25.96
CA ASP A 557 -3.86 11.38 -26.49
C ASP A 557 -3.79 11.50 -28.02
N ILE A 558 -4.67 10.75 -28.69
CA ILE A 558 -4.99 10.95 -30.09
C ILE A 558 -6.25 11.81 -30.21
N LYS A 559 -7.35 11.34 -29.58
CA LYS A 559 -8.72 11.71 -29.94
C LYS A 559 -8.99 13.19 -29.62
N SER A 560 -8.10 13.84 -28.85
CA SER A 560 -8.36 15.22 -28.43
C SER A 560 -7.46 16.22 -29.15
N TYR A 561 -6.83 15.78 -30.25
CA TYR A 561 -5.85 16.62 -30.91
C TYR A 561 -6.01 16.55 -32.45
N ASP A 562 -5.36 17.49 -33.16
CA ASP A 562 -5.25 17.47 -34.62
C ASP A 562 -4.46 16.24 -35.07
N ARG A 563 -4.98 15.03 -34.81
CA ARG A 563 -4.22 13.80 -34.99
C ARG A 563 -5.08 12.72 -35.65
N GLU A 564 -4.59 12.20 -36.78
CA GLU A 564 -5.25 11.12 -37.49
C GLU A 564 -4.28 9.95 -37.58
N ALA A 565 -4.81 8.72 -37.49
CA ALA A 565 -4.00 7.52 -37.55
C ALA A 565 -4.92 6.32 -37.70
N TYR A 566 -4.34 5.17 -38.05
CA TYR A 566 -5.08 3.98 -38.44
C TYR A 566 -5.93 3.47 -37.28
N SER A 567 -5.44 3.72 -36.05
CA SER A 567 -6.14 3.38 -34.81
C SER A 567 -6.10 4.58 -33.85
N THR A 568 -7.18 4.76 -33.08
CA THR A 568 -7.35 5.90 -32.20
C THR A 568 -6.98 5.51 -30.77
N LYS A 569 -6.83 4.19 -30.55
CA LYS A 569 -6.59 3.63 -29.22
C LYS A 569 -5.10 3.74 -28.85
N GLU A 570 -4.21 3.41 -29.80
CA GLU A 570 -2.83 3.05 -29.50
C GLU A 570 -1.89 4.25 -29.64
N ALA A 571 -1.38 4.71 -28.50
CA ALA A 571 -0.46 5.83 -28.44
C ALA A 571 -0.07 6.04 -26.98
N TYR A 572 1.24 6.17 -26.73
CA TYR A 572 1.74 5.98 -25.39
C TYR A 572 2.62 7.14 -24.96
N ARG A 573 2.57 7.47 -23.67
CA ARG A 573 3.41 8.50 -23.09
C ARG A 573 3.88 8.07 -21.71
N TRP A 574 5.19 8.28 -21.43
CA TRP A 574 5.77 7.97 -20.12
C TRP A 574 5.30 9.01 -19.11
N ARG A 575 4.63 8.53 -18.05
CA ARG A 575 4.46 9.36 -16.87
C ARG A 575 5.81 9.46 -16.17
N GLY A 576 6.07 10.61 -15.55
CA GLY A 576 7.20 10.71 -14.66
C GLY A 576 8.13 11.84 -15.07
N ARG A 577 7.88 12.39 -16.24
CA ARG A 577 8.96 13.08 -16.91
C ARG A 577 9.07 14.50 -16.39
N THR A 578 10.29 14.97 -16.28
CA THR A 578 10.54 16.32 -15.82
C THR A 578 11.12 17.10 -16.99
N VAL A 579 11.55 18.34 -16.72
CA VAL A 579 11.93 19.27 -17.80
C VAL A 579 12.98 18.60 -18.69
N SER A 580 13.95 17.93 -18.07
CA SER A 580 15.16 17.50 -18.76
C SER A 580 15.28 15.97 -18.77
N HIS A 581 14.43 15.32 -17.99
CA HIS A 581 14.60 13.91 -17.71
C HIS A 581 13.36 13.12 -18.12
N CYS A 582 13.56 11.80 -18.28
CA CYS A 582 12.50 10.81 -18.30
C CYS A 582 13.00 9.49 -17.67
N LEU A 583 13.11 9.47 -16.31
CA LEU A 583 13.60 8.36 -15.49
C LEU A 583 13.00 7.03 -15.94
N THR A 584 11.70 7.04 -16.27
CA THR A 584 10.91 5.81 -16.29
C THR A 584 11.15 5.04 -17.57
N SER A 585 11.65 5.74 -18.60
CA SER A 585 11.92 5.13 -19.90
C SER A 585 13.19 4.28 -19.82
N GLY A 586 14.10 4.69 -18.93
CA GLY A 586 15.39 4.04 -18.73
C GLY A 586 16.55 4.88 -19.25
N LEU A 587 16.29 5.59 -20.36
CA LEU A 587 17.29 6.40 -21.05
C LEU A 587 17.18 7.81 -20.53
N ASP A 588 17.53 7.95 -19.27
CA ASP A 588 17.03 9.00 -18.41
C ASP A 588 17.16 10.40 -19.04
N ASP A 589 18.29 10.72 -19.73
CA ASP A 589 18.53 12.11 -20.17
C ASP A 589 18.60 12.22 -21.69
N TYR A 590 18.21 11.16 -22.40
CA TYR A 590 17.98 11.25 -23.84
C TYR A 590 17.07 12.44 -24.11
N PRO A 591 17.42 13.29 -25.10
CA PRO A 591 16.64 14.48 -25.41
C PRO A 591 15.19 14.13 -25.81
N ARG A 592 14.23 14.89 -25.25
CA ARG A 592 12.82 14.62 -25.49
C ARG A 592 12.15 15.93 -25.91
N PRO A 593 10.88 15.90 -26.41
CA PRO A 593 10.16 17.13 -26.74
C PRO A 593 10.35 18.21 -25.67
N GLN A 594 10.44 19.48 -26.09
CA GLN A 594 10.56 20.61 -25.16
C GLN A 594 9.41 21.61 -25.39
N PRO A 595 8.73 22.09 -24.30
CA PRO A 595 8.85 21.51 -22.97
C PRO A 595 7.98 20.24 -22.87
N PRO A 596 8.06 19.47 -21.76
CA PRO A 596 7.31 18.22 -21.67
C PRO A 596 5.86 18.68 -21.72
N HIS A 597 4.96 17.74 -22.02
CA HIS A 597 3.65 18.17 -22.45
C HIS A 597 2.75 16.95 -22.63
N PRO A 598 1.49 17.00 -22.09
CA PRO A 598 0.59 15.84 -22.10
C PRO A 598 0.27 15.34 -23.49
N GLY A 599 0.54 16.19 -24.50
CA GLY A 599 0.35 15.83 -25.88
C GLY A 599 1.42 14.88 -26.41
N GLU A 600 2.56 14.78 -25.69
CA GLU A 600 3.66 13.89 -26.05
C GLU A 600 3.15 12.49 -26.41
N LEU A 601 3.82 11.86 -27.37
CA LEU A 601 3.80 10.42 -27.53
C LEU A 601 5.25 9.96 -27.69
N HIS A 602 5.55 8.73 -27.23
CA HIS A 602 6.94 8.31 -27.08
C HIS A 602 7.15 6.99 -27.81
N VAL A 603 8.02 7.00 -28.83
CA VAL A 603 8.05 5.88 -29.75
C VAL A 603 8.60 4.62 -29.06
N ASP A 604 9.56 4.82 -28.13
CA ASP A 604 10.16 3.72 -27.40
C ASP A 604 9.09 2.97 -26.62
N LEU A 605 8.28 3.75 -25.89
CA LEU A 605 7.21 3.18 -25.09
C LEU A 605 6.30 2.31 -25.98
N MET A 606 5.89 2.88 -27.14
CA MET A 606 4.95 2.17 -28.01
C MET A 606 5.52 0.81 -28.38
N SER A 607 6.82 0.80 -28.67
CA SER A 607 7.47 -0.40 -29.17
C SER A 607 7.57 -1.44 -28.05
N TRP A 608 7.73 -0.98 -26.79
CA TRP A 608 7.79 -1.88 -25.66
C TRP A 608 6.46 -2.64 -25.53
N VAL A 609 5.35 -1.90 -25.72
CA VAL A 609 4.02 -2.48 -25.79
C VAL A 609 3.98 -3.52 -26.92
N GLY A 610 4.54 -3.16 -28.07
CA GLY A 610 4.75 -4.12 -29.12
C GLY A 610 5.42 -5.39 -28.60
N VAL A 611 6.46 -5.21 -27.77
CA VAL A 611 7.21 -6.34 -27.28
C VAL A 611 6.28 -7.22 -26.47
N MET A 612 5.41 -6.58 -25.67
CA MET A 612 4.54 -7.36 -24.82
C MET A 612 3.46 -8.08 -25.64
N VAL A 613 2.80 -7.36 -26.56
CA VAL A 613 1.71 -7.96 -27.32
C VAL A 613 2.21 -9.23 -27.97
N LYS A 614 3.43 -9.16 -28.53
CA LYS A 614 4.00 -10.28 -29.27
C LYS A 614 4.22 -11.46 -28.35
N SER A 615 4.60 -11.20 -27.10
CA SER A 615 4.88 -12.26 -26.15
C SER A 615 3.57 -12.93 -25.73
N LEU A 616 2.58 -12.09 -25.40
CA LEU A 616 1.24 -12.51 -25.00
C LEU A 616 0.60 -13.34 -26.12
N ILE A 617 0.74 -12.88 -27.36
CA ILE A 617 0.28 -13.64 -28.51
C ILE A 617 0.88 -15.05 -28.43
N SER A 618 2.20 -15.13 -28.29
CA SER A 618 2.91 -16.39 -28.31
C SER A 618 2.54 -17.25 -27.12
N ILE A 619 2.39 -16.61 -25.94
CA ILE A 619 2.12 -17.36 -24.73
C ILE A 619 0.64 -17.76 -24.73
N GLY A 620 -0.22 -16.83 -25.18
CA GLY A 620 -1.63 -17.10 -25.39
C GLY A 620 -1.86 -18.37 -26.20
N SER A 621 -1.24 -18.43 -27.40
CA SER A 621 -1.29 -19.61 -28.24
C SER A 621 -0.95 -20.86 -27.44
N LEU A 622 0.17 -20.82 -26.70
CA LEU A 622 0.65 -21.99 -25.99
C LEU A 622 -0.43 -22.50 -25.03
N LEU A 623 -1.36 -21.63 -24.62
CA LEU A 623 -2.42 -21.99 -23.67
C LEU A 623 -3.81 -21.87 -24.33
N GLY A 624 -3.85 -21.49 -25.61
CA GLY A 624 -5.08 -21.50 -26.39
C GLY A 624 -6.13 -20.53 -25.85
N ALA A 625 -5.69 -19.35 -25.39
CA ALA A 625 -6.59 -18.27 -25.03
C ALA A 625 -7.11 -17.60 -26.31
N THR A 626 -8.12 -18.24 -26.91
CA THR A 626 -8.69 -17.87 -28.20
C THR A 626 -9.03 -16.39 -28.20
N GLU A 627 -9.96 -16.01 -27.33
CA GLU A 627 -10.52 -14.67 -27.27
C GLU A 627 -9.41 -13.67 -26.95
N ASP A 628 -8.36 -14.17 -26.28
CA ASP A 628 -7.26 -13.33 -25.84
C ASP A 628 -6.31 -13.06 -27.01
N VAL A 629 -5.91 -14.12 -27.73
CA VAL A 629 -5.01 -13.97 -28.86
C VAL A 629 -5.55 -12.91 -29.80
N GLU A 630 -6.87 -12.98 -30.07
CA GLU A 630 -7.50 -12.16 -31.09
C GLU A 630 -7.36 -10.68 -30.77
N PHE A 631 -7.58 -10.31 -29.51
CA PHE A 631 -7.47 -8.92 -29.08
C PHE A 631 -6.03 -8.43 -29.25
N TYR A 632 -5.06 -9.30 -28.93
CA TYR A 632 -3.64 -8.98 -29.04
C TYR A 632 -3.29 -8.71 -30.50
N THR A 633 -3.89 -9.50 -31.40
CA THR A 633 -3.65 -9.43 -32.84
C THR A 633 -4.19 -8.11 -33.41
N LYS A 634 -5.36 -7.69 -32.91
CA LYS A 634 -5.94 -6.39 -33.21
C LYS A 634 -4.98 -5.29 -32.75
N VAL A 635 -4.53 -5.40 -31.48
CA VAL A 635 -3.71 -4.38 -30.83
C VAL A 635 -2.37 -4.26 -31.57
N LEU A 636 -1.79 -5.42 -31.94
CA LEU A 636 -0.53 -5.46 -32.67
C LEU A 636 -0.67 -4.70 -33.98
N ASP A 637 -1.57 -5.21 -34.85
CA ASP A 637 -1.87 -4.67 -36.17
C ASP A 637 -1.97 -3.15 -36.10
N ALA A 638 -2.57 -2.67 -35.01
CA ALA A 638 -2.81 -1.24 -34.84
C ALA A 638 -1.48 -0.52 -34.60
N ILE A 639 -0.65 -1.11 -33.70
CA ILE A 639 0.59 -0.50 -33.27
C ILE A 639 1.52 -0.37 -34.47
N GLU A 640 1.61 -1.45 -35.28
CA GLU A 640 2.38 -1.41 -36.53
C GLU A 640 1.98 -0.20 -37.38
N HIS A 641 0.67 -0.01 -37.58
CA HIS A 641 0.17 1.06 -38.45
C HIS A 641 0.46 2.42 -37.81
N ASN A 642 0.23 2.50 -36.48
CA ASN A 642 0.18 3.77 -35.78
C ASN A 642 1.61 4.26 -35.51
N LEU A 643 2.52 3.30 -35.38
CA LEU A 643 3.93 3.60 -35.31
C LEU A 643 4.29 4.50 -36.48
N ASP A 644 3.98 3.98 -37.68
CA ASP A 644 4.25 4.66 -38.94
C ASP A 644 3.51 5.99 -38.96
N ASP A 645 2.22 5.97 -38.58
CA ASP A 645 1.38 7.14 -38.74
C ASP A 645 1.83 8.23 -37.78
N LEU A 646 2.18 7.84 -36.55
CA LEU A 646 2.31 8.82 -35.50
C LEU A 646 3.78 9.21 -35.27
N HIS A 647 4.71 8.31 -35.67
CA HIS A 647 6.09 8.40 -35.21
C HIS A 647 7.09 8.53 -36.37
N TRP A 648 6.80 7.89 -37.51
CA TRP A 648 7.74 7.85 -38.62
C TRP A 648 7.90 9.24 -39.25
N SER A 649 9.17 9.66 -39.47
CA SER A 649 9.48 10.86 -40.23
C SER A 649 10.05 10.50 -41.61
N GLU A 650 9.43 11.05 -42.66
CA GLU A 650 9.96 10.92 -44.01
C GLU A 650 11.12 11.90 -44.23
N LYS A 651 10.99 13.14 -43.74
CA LYS A 651 12.05 14.16 -43.86
C LYS A 651 13.37 13.63 -43.30
N GLU A 652 13.29 12.74 -42.30
CA GLU A 652 14.46 12.38 -41.49
C GLU A 652 14.84 10.92 -41.70
N GLY A 653 13.91 10.11 -42.21
CA GLY A 653 14.19 8.71 -42.51
C GLY A 653 14.48 7.86 -41.28
N CYS A 654 13.64 8.01 -40.25
CA CYS A 654 13.76 7.29 -38.99
C CYS A 654 12.55 7.65 -38.13
N TYR A 655 12.33 6.90 -37.03
CA TYR A 655 11.22 7.17 -36.12
C TYR A 655 11.61 8.25 -35.11
N CYS A 656 10.59 8.94 -34.58
CA CYS A 656 10.77 10.10 -33.72
C CYS A 656 9.69 10.13 -32.64
N ASP A 657 9.94 10.91 -31.57
CA ASP A 657 8.94 11.22 -30.58
C ASP A 657 8.01 12.31 -31.15
N ALA A 658 7.02 12.78 -30.35
CA ALA A 658 5.97 13.69 -30.81
C ALA A 658 5.42 14.56 -29.68
N THR A 659 4.98 15.78 -30.03
CA THR A 659 4.33 16.69 -29.09
C THR A 659 3.03 17.20 -29.71
N ILE A 660 2.55 18.34 -29.18
CA ILE A 660 1.75 19.28 -29.94
C ILE A 660 2.33 20.67 -29.72
N ASP A 661 2.03 21.59 -30.66
CA ASP A 661 2.81 22.78 -30.98
C ASP A 661 2.49 23.93 -30.03
N GLU A 662 3.19 25.06 -30.21
CA GLU A 662 2.77 26.36 -29.68
C GLU A 662 1.49 26.82 -30.39
N PHE A 663 1.02 26.03 -31.38
CA PHE A 663 -0.17 26.32 -32.16
C PHE A 663 -1.01 25.03 -32.31
N GLU A 664 -0.76 24.06 -31.43
CA GLU A 664 -1.72 23.02 -31.07
C GLU A 664 -1.84 21.92 -32.16
N GLU A 665 -0.84 21.79 -33.04
CA GLU A 665 -0.87 20.67 -33.98
C GLU A 665 0.27 19.67 -33.67
N HIS A 666 0.18 18.47 -34.27
CA HIS A 666 1.06 17.34 -34.01
C HIS A 666 2.44 17.58 -34.62
N LYS A 667 3.46 17.76 -33.79
CA LYS A 667 4.82 17.90 -34.27
C LYS A 667 5.59 16.61 -33.96
N LEU A 668 6.39 16.16 -34.92
CA LEU A 668 7.43 15.16 -34.68
C LEU A 668 8.71 15.88 -34.24
N VAL A 669 9.42 15.23 -33.31
CA VAL A 669 10.70 15.76 -32.86
C VAL A 669 11.73 14.63 -32.91
N CYS A 670 12.69 14.79 -33.83
CA CYS A 670 13.67 13.75 -34.08
C CYS A 670 15.00 14.12 -33.42
N HIS A 671 15.52 13.18 -32.65
CA HIS A 671 16.88 13.28 -32.20
C HIS A 671 17.57 11.97 -32.55
N LYS A 672 18.39 11.99 -33.60
CA LYS A 672 18.97 10.76 -34.12
C LYS A 672 19.75 10.07 -33.00
N GLY A 673 19.31 8.85 -32.66
CA GLY A 673 19.90 8.15 -31.54
C GLY A 673 19.14 6.86 -31.24
N TYR A 674 19.35 6.35 -30.02
CA TYR A 674 18.91 5.01 -29.72
C TYR A 674 17.40 4.90 -29.93
N ILE A 675 16.66 5.90 -29.39
CA ILE A 675 15.21 5.99 -29.50
C ILE A 675 14.80 5.88 -30.97
N SER A 676 15.49 6.65 -31.83
CA SER A 676 15.20 6.72 -33.25
C SER A 676 15.13 5.32 -33.86
N LEU A 677 15.81 4.36 -33.24
CA LEU A 677 15.94 3.01 -33.79
C LEU A 677 14.94 2.09 -33.12
N PHE A 678 14.11 2.64 -32.25
CA PHE A 678 13.49 1.77 -31.28
C PHE A 678 12.74 0.64 -31.95
N PRO A 679 11.85 0.89 -32.95
CA PRO A 679 10.98 -0.16 -33.50
C PRO A 679 11.82 -1.29 -34.09
N PHE A 680 13.03 -0.94 -34.53
CA PHE A 680 14.01 -1.92 -34.99
C PHE A 680 14.53 -2.76 -33.81
N LEU A 681 15.07 -2.07 -32.78
CA LEU A 681 15.74 -2.72 -31.66
C LEU A 681 14.84 -3.77 -31.00
N THR A 682 13.52 -3.58 -31.16
CA THR A 682 12.52 -4.33 -30.42
C THR A 682 11.92 -5.43 -31.31
N GLY A 683 12.35 -5.46 -32.57
CA GLY A 683 12.05 -6.58 -33.44
C GLY A 683 10.63 -6.51 -34.02
N LEU A 684 10.27 -5.33 -34.54
CA LEU A 684 8.88 -5.01 -34.87
C LEU A 684 8.72 -4.89 -36.38
N LEU A 685 9.84 -4.67 -37.08
CA LEU A 685 9.84 -4.46 -38.51
C LEU A 685 10.03 -5.78 -39.27
N LYS A 686 9.27 -5.95 -40.37
CA LYS A 686 9.46 -7.03 -41.34
C LYS A 686 10.78 -6.82 -42.10
N PRO A 687 11.57 -7.90 -42.35
CA PRO A 687 12.90 -7.75 -42.92
C PRO A 687 12.91 -7.02 -44.26
N ASP A 688 11.79 -7.11 -45.00
CA ASP A 688 11.72 -6.55 -46.34
C ASP A 688 11.32 -5.07 -46.28
N SER A 689 11.17 -4.53 -45.06
CA SER A 689 10.70 -3.17 -44.90
C SER A 689 11.69 -2.17 -45.48
N PRO A 690 11.20 -1.14 -46.21
CA PRO A 690 12.06 -0.04 -46.69
C PRO A 690 12.57 0.80 -45.52
N LYS A 691 11.74 0.86 -44.47
CA LYS A 691 12.04 1.65 -43.28
C LYS A 691 13.31 1.11 -42.62
N LEU A 692 13.32 -0.21 -42.42
CA LEU A 692 14.50 -0.97 -42.06
C LEU A 692 15.72 -0.40 -42.78
N GLY A 693 15.62 -0.31 -44.11
CA GLY A 693 16.70 0.17 -44.95
C GLY A 693 17.32 1.47 -44.42
N LYS A 694 16.49 2.50 -44.24
CA LYS A 694 16.96 3.85 -43.97
C LYS A 694 17.55 3.89 -42.55
N LEU A 695 17.19 2.90 -41.75
CA LEU A 695 17.64 2.82 -40.38
C LEU A 695 19.06 2.27 -40.37
N LEU A 696 19.24 1.10 -41.03
CA LEU A 696 20.55 0.48 -41.17
C LEU A 696 21.54 1.48 -41.73
N ALA A 697 21.05 2.39 -42.58
CA ALA A 697 21.83 3.52 -43.06
C ALA A 697 22.32 4.38 -41.89
N LEU A 698 21.39 4.64 -40.95
CA LEU A 698 21.64 5.55 -39.83
C LEU A 698 22.63 4.91 -38.86
N ILE A 699 22.41 3.61 -38.59
CA ILE A 699 23.27 2.83 -37.72
C ILE A 699 24.70 2.84 -38.27
N GLY A 700 24.84 2.60 -39.59
CA GLY A 700 26.14 2.39 -40.20
C GLY A 700 26.94 3.70 -40.37
N ASP A 701 26.21 4.81 -40.29
CA ASP A 701 26.72 6.10 -40.69
C ASP A 701 27.73 6.59 -39.67
N GLU A 702 29.02 6.64 -40.04
CA GLU A 702 30.07 7.12 -39.15
C GLU A 702 29.71 8.48 -38.54
N SER A 703 29.13 9.38 -39.34
CA SER A 703 28.98 10.77 -38.91
C SER A 703 27.78 10.92 -37.96
N GLU A 704 26.92 9.89 -37.90
CA GLU A 704 25.78 9.86 -36.99
C GLU A 704 26.12 9.04 -35.73
N LEU A 705 25.87 7.72 -35.80
CA LEU A 705 25.83 6.88 -34.61
C LEU A 705 27.07 5.98 -34.53
N TRP A 706 27.75 5.77 -35.66
CA TRP A 706 28.69 4.66 -35.75
C TRP A 706 30.09 5.07 -35.31
N SER A 707 30.50 4.56 -34.16
CA SER A 707 31.79 4.86 -33.59
C SER A 707 32.66 3.61 -33.68
N PRO A 708 33.98 3.78 -33.53
CA PRO A 708 34.90 2.64 -33.55
C PRO A 708 34.62 1.68 -32.39
N TYR A 709 33.83 2.15 -31.41
CA TYR A 709 33.65 1.46 -30.14
C TYR A 709 32.25 0.88 -30.00
N GLY A 710 31.34 1.23 -30.94
CA GLY A 710 29.95 0.79 -30.90
C GLY A 710 28.98 1.90 -31.31
N LEU A 711 27.67 1.65 -31.14
CA LEU A 711 26.64 2.63 -31.45
C LEU A 711 26.55 3.65 -30.33
N ARG A 712 26.53 4.94 -30.70
CA ARG A 712 26.38 6.05 -29.76
C ARG A 712 24.92 6.18 -29.33
N SER A 713 24.70 6.37 -28.02
CA SER A 713 23.38 6.73 -27.54
C SER A 713 22.73 7.78 -28.46
N LEU A 714 23.47 8.84 -28.81
CA LEU A 714 22.92 9.96 -29.57
C LEU A 714 23.93 10.48 -30.60
N SER A 715 23.43 10.87 -31.79
CA SER A 715 24.26 11.24 -32.94
C SER A 715 25.00 12.55 -32.72
N LYS A 716 26.22 12.64 -33.30
CA LYS A 716 27.10 13.82 -33.21
C LYS A 716 26.47 15.00 -33.95
N LYS A 717 25.59 14.67 -34.92
CA LYS A 717 24.85 15.66 -35.69
C LYS A 717 23.85 16.37 -34.79
N ASP A 718 23.38 15.69 -33.73
CA ASP A 718 22.35 16.25 -32.87
C ASP A 718 22.92 17.38 -32.02
N GLU A 719 22.08 18.41 -31.81
CA GLU A 719 22.52 19.66 -31.22
C GLU A 719 22.74 19.45 -29.74
N PHE A 720 22.33 18.28 -29.27
CA PHE A 720 22.37 17.94 -27.86
C PHE A 720 23.44 16.87 -27.58
N TYR A 721 24.18 16.47 -28.63
CA TYR A 721 25.35 15.63 -28.47
C TYR A 721 26.32 16.23 -27.43
N GLY A 722 26.66 15.41 -26.42
CA GLY A 722 27.75 15.69 -25.51
C GLY A 722 27.37 16.67 -24.40
N THR A 723 26.07 16.98 -24.33
CA THR A 723 25.54 18.10 -23.56
C THR A 723 25.06 17.62 -22.19
N ALA A 724 24.86 18.60 -21.27
CA ALA A 724 24.34 18.36 -19.92
C ALA A 724 25.25 17.39 -19.17
N GLU A 725 24.66 16.32 -18.62
CA GLU A 725 25.40 15.36 -17.81
C GLU A 725 25.82 14.19 -18.69
N ASN A 726 25.18 14.08 -19.84
CA ASN A 726 25.72 13.24 -20.88
C ASN A 726 25.60 11.75 -20.50
N TYR A 727 24.50 11.36 -19.84
CA TYR A 727 24.30 9.92 -19.66
C TYR A 727 23.95 9.25 -20.97
N TRP A 728 22.99 9.80 -21.71
CA TRP A 728 22.56 9.16 -22.96
C TRP A 728 22.68 10.14 -24.13
N ARG A 729 23.69 11.01 -24.11
CA ARG A 729 23.77 12.03 -25.14
C ARG A 729 25.00 11.87 -26.04
N SER A 730 25.56 10.65 -26.06
CA SER A 730 26.77 10.30 -26.81
C SER A 730 27.22 8.88 -26.47
N PRO A 731 27.51 8.58 -25.17
CA PRO A 731 28.19 7.34 -24.79
C PRO A 731 27.59 6.02 -25.27
N VAL A 732 28.38 4.95 -25.14
CA VAL A 732 28.09 3.66 -25.73
C VAL A 732 27.65 2.72 -24.63
N TRP A 733 26.54 2.03 -24.89
CA TRP A 733 25.81 1.30 -23.85
C TRP A 733 25.65 -0.14 -24.29
N ILE A 734 26.08 -1.07 -23.44
CA ILE A 734 26.16 -2.42 -23.98
C ILE A 734 24.78 -2.98 -24.20
N ASN A 735 23.79 -2.41 -23.49
CA ASN A 735 22.48 -3.03 -23.46
C ASN A 735 21.72 -2.72 -24.77
N ILE A 736 21.82 -1.46 -25.22
CA ILE A 736 21.17 -1.06 -26.46
C ILE A 736 21.95 -1.64 -27.64
N ASN A 737 23.28 -1.66 -27.53
CA ASN A 737 24.11 -2.25 -28.57
C ASN A 737 23.79 -3.73 -28.70
N TYR A 738 23.50 -4.39 -27.56
CA TYR A 738 23.15 -5.80 -27.59
C TYR A 738 21.88 -5.99 -28.43
N LEU A 739 20.88 -5.13 -28.20
CA LEU A 739 19.63 -5.23 -28.92
C LEU A 739 19.88 -5.18 -30.42
N ALA A 740 20.57 -4.11 -30.86
CA ALA A 740 20.92 -3.87 -32.25
C ALA A 740 21.56 -5.12 -32.85
N ILE A 741 22.59 -5.63 -32.19
CA ILE A 741 23.39 -6.74 -32.68
C ILE A 741 22.48 -7.93 -32.97
N VAL A 742 21.53 -8.18 -32.08
CA VAL A 742 20.65 -9.33 -32.22
C VAL A 742 19.77 -9.15 -33.46
N GLN A 743 19.19 -7.96 -33.60
CA GLN A 743 18.34 -7.62 -34.72
C GLN A 743 19.08 -7.73 -36.05
N LEU A 744 20.31 -7.18 -36.12
CA LEU A 744 21.15 -7.27 -37.32
C LEU A 744 21.31 -8.73 -37.73
N TYR A 745 21.66 -9.58 -36.75
CA TYR A 745 21.92 -10.98 -37.03
C TYR A 745 20.67 -11.66 -37.56
N ASN A 746 19.51 -11.21 -37.12
CA ASN A 746 18.26 -11.78 -37.57
C ASN A 746 18.04 -11.42 -39.05
N ILE A 747 18.30 -10.14 -39.39
CA ILE A 747 18.20 -9.69 -40.77
C ILE A 747 19.25 -10.43 -41.61
N ALA A 748 20.39 -10.76 -41.00
CA ALA A 748 21.54 -11.24 -41.74
C ALA A 748 21.44 -12.72 -42.06
N THR A 749 20.47 -13.44 -41.46
CA THR A 749 20.39 -14.87 -41.66
C THR A 749 19.03 -15.26 -42.26
N GLN A 750 18.56 -14.45 -43.20
CA GLN A 750 17.25 -14.62 -43.80
C GLN A 750 17.31 -14.21 -45.27
N ASP A 751 16.69 -15.01 -46.14
CA ASP A 751 16.38 -14.56 -47.48
C ASP A 751 15.72 -13.17 -47.38
N GLY A 752 16.36 -12.14 -47.95
CA GLY A 752 15.80 -10.80 -47.92
C GLY A 752 16.79 -9.74 -48.42
N PRO A 753 16.30 -8.53 -48.79
CA PRO A 753 17.11 -7.56 -49.55
C PRO A 753 18.23 -6.86 -48.80
N TYR A 754 18.28 -7.03 -47.47
CA TYR A 754 19.27 -6.31 -46.69
C TYR A 754 20.28 -7.29 -46.10
N LYS A 755 20.02 -8.59 -46.28
CA LYS A 755 20.81 -9.68 -45.73
C LYS A 755 22.31 -9.32 -45.63
N GLU A 756 22.87 -8.68 -46.66
CA GLU A 756 24.32 -8.52 -46.73
C GLU A 756 24.80 -7.19 -46.10
N THR A 757 23.95 -6.14 -46.08
CA THR A 757 24.29 -4.93 -45.33
C THR A 757 24.26 -5.25 -43.84
N ALA A 758 23.30 -6.12 -43.48
CA ALA A 758 23.13 -6.63 -42.12
C ALA A 758 24.38 -7.38 -41.68
N ARG A 759 24.86 -8.29 -42.53
CA ARG A 759 25.94 -9.18 -42.15
C ARG A 759 27.22 -8.37 -41.89
N ASP A 760 27.44 -7.31 -42.66
CA ASP A 760 28.64 -6.51 -42.47
C ASP A 760 28.56 -5.78 -41.13
N LEU A 761 27.35 -5.33 -40.79
CA LEU A 761 27.12 -4.50 -39.63
C LEU A 761 27.22 -5.34 -38.34
N TYR A 762 26.56 -6.51 -38.35
CA TYR A 762 26.64 -7.44 -37.24
C TYR A 762 28.11 -7.79 -36.97
N THR A 763 28.85 -8.12 -38.03
CA THR A 763 30.24 -8.52 -37.89
C THR A 763 31.02 -7.42 -37.19
N ARG A 764 30.86 -6.19 -37.67
CA ARG A 764 31.74 -5.12 -37.22
C ARG A 764 31.33 -4.63 -35.84
N LEU A 765 30.02 -4.59 -35.59
CA LEU A 765 29.55 -4.14 -34.29
C LEU A 765 29.99 -5.14 -33.21
N ARG A 766 29.71 -6.42 -33.45
CA ARG A 766 30.05 -7.50 -32.54
C ARG A 766 31.53 -7.43 -32.15
N LYS A 767 32.40 -7.21 -33.15
CA LYS A 767 33.82 -7.00 -32.91
C LYS A 767 34.03 -5.75 -32.05
N ASN A 768 33.43 -4.64 -32.47
CA ASN A 768 33.70 -3.36 -31.83
C ASN A 768 33.34 -3.42 -30.34
N ILE A 769 32.17 -4.01 -30.05
CA ILE A 769 31.61 -3.97 -28.71
C ILE A 769 32.48 -4.81 -27.77
N VAL A 770 32.64 -6.11 -28.11
CA VAL A 770 33.47 -7.04 -27.38
C VAL A 770 34.87 -6.47 -27.13
N GLU A 771 35.51 -5.90 -28.17
CA GLU A 771 36.89 -5.46 -28.04
C GLU A 771 37.04 -4.31 -27.05
N THR A 772 36.05 -3.39 -27.02
CA THR A 772 36.06 -2.25 -26.11
C THR A 772 35.91 -2.73 -24.65
N VAL A 773 35.01 -3.69 -24.42
CA VAL A 773 34.76 -4.14 -23.08
C VAL A 773 36.00 -4.90 -22.62
N TYR A 774 36.57 -5.66 -23.53
CA TYR A 774 37.71 -6.48 -23.21
C TYR A 774 38.95 -5.61 -22.92
N ARG A 775 39.31 -4.70 -23.84
CA ARG A 775 40.47 -3.83 -23.67
C ARG A 775 40.42 -3.22 -22.28
N ASN A 776 39.21 -2.74 -21.91
CA ASN A 776 38.96 -1.99 -20.70
C ASN A 776 39.05 -2.91 -19.46
N TRP A 777 38.65 -4.18 -19.65
CA TRP A 777 38.73 -5.16 -18.59
C TRP A 777 40.17 -5.52 -18.36
N GLU A 778 40.91 -5.68 -19.46
CA GLU A 778 42.31 -6.01 -19.41
C GLU A 778 43.06 -4.90 -18.67
N GLU A 779 42.79 -3.63 -19.04
CA GLU A 779 43.48 -2.48 -18.44
C GLU A 779 43.04 -2.24 -16.99
N THR A 780 41.73 -2.22 -16.71
CA THR A 780 41.24 -1.75 -15.41
C THR A 780 40.64 -2.88 -14.55
N GLY A 781 40.40 -4.04 -15.14
CA GLY A 781 39.88 -5.16 -14.40
C GLY A 781 38.38 -5.06 -14.10
N PHE A 782 37.68 -4.06 -14.69
CA PHE A 782 36.28 -3.82 -14.39
C PHE A 782 35.43 -3.87 -15.65
N ALA A 783 34.14 -4.18 -15.44
CA ALA A 783 33.12 -3.82 -16.42
C ALA A 783 32.59 -2.43 -16.08
N TRP A 784 32.33 -1.64 -17.13
CA TRP A 784 31.89 -0.27 -16.88
C TRP A 784 30.47 -0.07 -17.41
N GLU A 785 29.80 0.97 -16.85
CA GLU A 785 28.38 1.23 -17.02
C GLU A 785 28.12 1.63 -18.47
N GLN A 786 29.01 2.47 -19.01
CA GLN A 786 28.99 2.96 -20.39
C GLN A 786 30.43 3.18 -20.90
N TYR A 787 30.56 3.36 -22.22
CA TYR A 787 31.86 3.48 -22.85
C TYR A 787 31.95 4.76 -23.66
N ASN A 788 33.05 5.51 -23.42
CA ASN A 788 33.30 6.79 -24.08
C ASN A 788 33.39 6.60 -25.60
N PRO A 789 32.59 7.35 -26.38
CA PRO A 789 32.53 7.13 -27.83
C PRO A 789 33.77 7.61 -28.57
N GLU A 790 34.50 8.55 -27.94
CA GLU A 790 35.65 9.20 -28.54
C GLU A 790 36.90 8.36 -28.29
N THR A 791 37.08 7.90 -27.03
CA THR A 791 38.36 7.38 -26.58
C THR A 791 38.28 5.89 -26.27
N GLY A 792 37.06 5.37 -26.11
CA GLY A 792 36.87 3.95 -25.89
C GLY A 792 36.93 3.54 -24.42
N LYS A 793 37.15 4.53 -23.53
CA LYS A 793 37.39 4.24 -22.13
C LYS A 793 36.07 4.02 -21.40
N GLY A 794 36.05 3.01 -20.51
CA GLY A 794 34.97 2.86 -19.56
C GLY A 794 34.82 4.08 -18.65
N GLN A 795 33.58 4.56 -18.50
CA GLN A 795 33.28 5.64 -17.56
C GLN A 795 32.06 5.29 -16.68
N ARG A 796 31.85 6.13 -15.64
CA ARG A 796 30.78 6.00 -14.65
C ARG A 796 31.03 4.78 -13.74
N THR A 797 30.00 3.97 -13.54
CA THR A 797 29.97 3.00 -12.46
C THR A 797 30.83 1.80 -12.84
N GLN A 798 31.77 1.41 -11.95
CA GLN A 798 32.57 0.22 -12.13
C GLN A 798 31.83 -1.00 -11.62
N HIS A 799 32.42 -2.19 -11.87
CA HIS A 799 31.87 -3.42 -11.34
C HIS A 799 30.42 -3.58 -11.81
N PHE A 800 30.15 -3.08 -13.01
CA PHE A 800 28.81 -3.01 -13.53
C PHE A 800 28.45 -4.33 -14.24
N THR A 801 28.09 -5.34 -13.46
CA THR A 801 27.75 -6.64 -14.01
C THR A 801 26.44 -7.14 -13.39
N GLY A 802 25.30 -6.53 -13.75
CA GLY A 802 25.24 -5.44 -14.73
C GLY A 802 25.14 -5.96 -16.15
N TRP A 803 24.52 -5.17 -17.03
CA TRP A 803 24.20 -5.63 -18.38
C TRP A 803 25.43 -5.59 -19.29
N THR A 804 26.55 -5.02 -18.79
CA THR A 804 27.78 -5.09 -19.54
C THR A 804 28.20 -6.55 -19.72
N SER A 805 27.77 -7.42 -18.81
CA SER A 805 28.00 -8.84 -18.92
C SER A 805 27.32 -9.47 -20.15
N LEU A 806 26.38 -8.77 -20.80
CA LEU A 806 25.76 -9.31 -22.01
C LEU A 806 26.83 -9.70 -23.04
N VAL A 807 28.07 -9.32 -22.76
CA VAL A 807 29.13 -9.44 -23.75
CA VAL A 807 29.14 -9.43 -23.75
C VAL A 807 29.47 -10.92 -23.95
N VAL A 808 29.19 -11.76 -22.95
CA VAL A 808 29.41 -13.20 -23.09
CA VAL A 808 29.41 -13.20 -23.10
C VAL A 808 28.44 -13.75 -24.14
N LYS A 809 27.28 -13.10 -24.29
CA LYS A 809 26.27 -13.62 -25.20
C LYS A 809 26.56 -13.11 -26.60
N ILE A 810 27.22 -11.95 -26.69
CA ILE A 810 27.65 -11.40 -27.97
C ILE A 810 28.79 -12.25 -28.55
N MET A 811 29.71 -12.70 -27.70
CA MET A 811 30.83 -13.52 -28.14
C MET A 811 30.37 -14.92 -28.56
N SER A 812 29.29 -15.42 -27.98
CA SER A 812 28.94 -16.81 -28.21
C SER A 812 27.95 -16.95 -29.35
N GLY A 813 27.50 -15.81 -29.91
CA GLY A 813 26.70 -15.80 -31.14
C GLY A 813 25.51 -16.76 -31.08
N HIS A 814 25.05 -17.23 -32.26
CA HIS A 814 23.89 -18.12 -32.39
C HIS A 814 22.69 -17.56 -31.63
N HIS A 815 22.13 -16.46 -32.13
CA HIS A 815 21.02 -15.76 -31.47
C HIS A 815 19.67 -16.28 -31.99
N GLU B 35 -30.22 34.85 11.28
CA GLU B 35 -30.47 36.29 10.97
C GLU B 35 -31.17 36.96 12.16
N SER B 36 -32.24 36.33 12.68
CA SER B 36 -32.85 36.80 13.92
C SER B 36 -31.91 36.55 15.10
N ILE B 37 -31.84 37.52 16.02
CA ILE B 37 -30.88 37.50 17.11
C ILE B 37 -30.99 36.18 17.88
N LEU B 38 -32.23 35.70 18.06
CA LEU B 38 -32.48 34.50 18.84
C LEU B 38 -31.92 33.29 18.12
N HIS B 39 -32.25 33.20 16.82
CA HIS B 39 -31.82 32.05 16.01
C HIS B 39 -30.30 31.99 16.05
N SER B 40 -29.64 33.16 15.99
CA SER B 40 -28.20 33.23 16.13
C SER B 40 -27.72 32.68 17.49
N GLU B 41 -28.44 33.01 18.57
CA GLU B 41 -27.99 32.63 19.91
C GLU B 41 -28.15 31.13 20.11
N ILE B 42 -29.28 30.57 19.65
CA ILE B 42 -29.48 29.13 19.78
C ILE B 42 -28.38 28.40 19.02
N GLY B 43 -27.92 29.01 17.92
CA GLY B 43 -26.76 28.53 17.18
C GLY B 43 -25.51 28.44 18.06
N ARG B 44 -25.05 29.59 18.60
CA ARG B 44 -23.80 29.63 19.35
C ARG B 44 -23.89 28.65 20.52
N LEU B 45 -25.10 28.36 20.99
CA LEU B 45 -25.20 27.52 22.16
C LEU B 45 -25.12 26.06 21.73
N ASN B 46 -25.75 25.74 20.60
CA ASN B 46 -25.68 24.42 20.01
C ASN B 46 -24.24 24.13 19.63
N ASN B 47 -23.60 25.16 19.06
CA ASN B 47 -22.22 25.12 18.62
C ASN B 47 -21.33 24.81 19.83
N GLN B 48 -21.60 25.47 20.95
CA GLN B 48 -20.76 25.34 22.13
C GLN B 48 -21.02 24.00 22.82
N SER B 49 -22.28 23.52 22.70
N SER B 49 -22.28 23.53 22.74
CA SER B 49 -22.67 22.26 23.32
CA SER B 49 -22.64 22.25 23.35
C SER B 49 -22.04 21.08 22.61
C SER B 49 -21.92 21.11 22.62
N LEU B 50 -21.74 21.25 21.31
CA LEU B 50 -21.40 20.11 20.47
C LEU B 50 -19.91 20.07 20.09
N LEU B 51 -19.09 21.06 20.56
CA LEU B 51 -17.77 21.33 19.99
C LEU B 51 -16.86 20.13 20.12
N TRP B 52 -16.79 19.60 21.33
CA TRP B 52 -15.93 18.46 21.64
C TRP B 52 -16.72 17.16 21.57
N GLY B 53 -16.09 16.10 21.08
CA GLY B 53 -16.65 14.76 21.10
C GLY B 53 -15.57 13.76 20.73
N PRO B 54 -15.79 12.44 20.87
CA PRO B 54 -14.84 11.46 20.37
C PRO B 54 -15.13 11.28 18.90
N TYR B 55 -14.86 12.32 18.11
CA TYR B 55 -15.41 12.47 16.77
C TYR B 55 -14.48 11.85 15.70
N ARG B 56 -13.75 10.79 16.07
CA ARG B 56 -12.99 10.02 15.10
C ARG B 56 -13.41 8.56 15.12
N PRO B 57 -14.61 8.22 14.58
CA PRO B 57 -15.09 6.84 14.55
C PRO B 57 -14.14 5.83 13.91
N ASN B 58 -13.18 6.33 13.13
CA ASN B 58 -12.33 5.42 12.36
C ASN B 58 -11.30 4.72 13.25
N ILE B 59 -10.98 5.30 14.42
CA ILE B 59 -10.06 4.66 15.36
C ILE B 59 -10.86 4.19 16.56
N TYR B 60 -10.26 3.35 17.43
CA TYR B 60 -10.99 2.81 18.59
C TYR B 60 -11.36 3.91 19.56
N PHE B 61 -10.41 4.76 19.93
CA PHE B 61 -10.74 5.85 20.82
C PHE B 61 -9.81 7.03 20.57
N GLY B 62 -10.43 8.18 20.38
CA GLY B 62 -9.72 9.42 20.20
C GLY B 62 -10.70 10.57 20.17
N THR B 63 -10.20 11.79 20.22
CA THR B 63 -11.09 12.93 20.35
C THR B 63 -10.59 14.03 19.44
N ARG B 64 -11.53 14.87 18.98
CA ARG B 64 -11.16 16.13 18.37
C ARG B 64 -12.39 17.04 18.38
N PRO B 65 -12.21 18.37 18.39
CA PRO B 65 -13.34 19.29 18.24
C PRO B 65 -13.83 19.35 16.80
N ARG B 66 -14.96 20.02 16.60
CA ARG B 66 -15.42 20.40 15.29
C ARG B 66 -14.65 21.66 14.84
N ILE B 67 -13.33 21.50 14.68
CA ILE B 67 -12.51 22.53 14.08
C ILE B 67 -11.57 21.86 13.08
N GLY B 68 -11.40 22.51 11.93
CA GLY B 68 -10.51 22.01 10.87
C GLY B 68 -9.12 21.63 11.39
N LYS B 69 -8.35 22.62 11.84
CA LYS B 69 -6.98 22.40 12.28
C LYS B 69 -6.92 22.63 13.78
N SER B 70 -6.70 21.56 14.55
CA SER B 70 -6.74 21.73 16.00
C SER B 70 -6.13 20.55 16.74
N LEU B 71 -6.57 20.37 17.97
CA LEU B 71 -6.06 19.34 18.85
C LEU B 71 -6.77 18.03 18.51
N MET B 72 -5.99 16.97 18.24
CA MET B 72 -6.55 15.64 18.09
C MET B 72 -5.80 14.66 18.98
N THR B 73 -6.52 13.65 19.47
CA THR B 73 -5.98 12.68 20.39
C THR B 73 -6.37 11.29 19.91
N GLY B 74 -5.65 10.26 20.39
CA GLY B 74 -5.88 8.89 19.96
C GLY B 74 -5.15 7.89 20.85
N LEU B 75 -5.71 6.67 20.93
CA LEU B 75 -5.30 5.67 21.91
C LEU B 75 -4.70 4.47 21.19
N MET B 76 -3.61 3.94 21.76
CA MET B 76 -3.00 2.75 21.23
C MET B 76 -2.61 1.84 22.38
N TRP B 77 -2.95 0.55 22.25
CA TRP B 77 -2.47 -0.45 23.18
C TRP B 77 -1.97 -1.66 22.40
N GLY B 78 -1.28 -2.56 23.13
CA GLY B 78 -0.75 -3.77 22.55
C GLY B 78 0.07 -4.56 23.58
N LYS B 79 -0.09 -5.88 23.56
CA LYS B 79 0.74 -6.77 24.34
C LYS B 79 2.15 -6.82 23.73
N ILE B 80 3.18 -7.01 24.59
CA ILE B 80 4.53 -7.17 24.07
C ILE B 80 5.22 -8.35 24.72
N GLU B 81 5.73 -9.25 23.89
CA GLU B 81 6.25 -10.52 24.37
C GLU B 81 7.59 -10.80 23.72
N SER B 82 7.78 -10.32 22.48
CA SER B 82 9.02 -10.54 21.74
C SER B 82 9.56 -9.23 21.20
N TYR B 83 10.75 -9.30 20.61
CA TYR B 83 11.38 -8.12 20.05
C TYR B 83 10.68 -7.68 18.76
N THR B 84 9.66 -8.43 18.32
CA THR B 84 9.14 -8.23 16.97
C THR B 84 7.61 -8.39 16.93
N ASP B 85 6.99 -8.63 18.09
CA ASP B 85 5.57 -8.98 18.07
C ASP B 85 4.69 -7.71 18.16
N PHE B 86 5.25 -6.61 18.68
CA PHE B 86 4.42 -5.46 19.00
C PHE B 86 3.76 -4.89 17.75
N GLN B 87 4.47 -4.87 16.63
CA GLN B 87 3.96 -4.29 15.40
C GLN B 87 2.71 -5.06 14.93
N HIS B 88 2.60 -6.34 15.33
CA HIS B 88 1.45 -7.13 14.92
C HIS B 88 0.28 -7.02 15.90
N THR B 89 0.56 -6.62 17.16
CA THR B 89 -0.46 -6.66 18.22
C THR B 89 -1.17 -5.31 18.41
N VAL B 90 -0.52 -4.21 18.02
CA VAL B 90 -0.93 -2.88 18.43
C VAL B 90 -2.26 -2.55 17.73
N ARG B 91 -3.13 -1.81 18.43
CA ARG B 91 -4.43 -1.40 17.89
C ARG B 91 -4.45 0.11 17.78
N TYR B 92 -5.15 0.61 16.74
CA TYR B 92 -5.36 2.04 16.57
C TYR B 92 -6.62 2.30 15.76
N THR B 93 -6.62 1.89 14.49
CA THR B 93 -7.83 2.08 13.69
C THR B 93 -8.73 0.85 13.79
N CYS B 94 -10.04 1.05 13.52
CA CYS B 94 -11.07 0.04 13.74
C CYS B 94 -10.96 -1.07 12.69
N GLU B 95 -11.08 -2.33 13.13
CA GLU B 95 -11.10 -3.47 12.21
C GLU B 95 -12.14 -4.47 12.68
N GLN B 96 -12.36 -5.52 11.89
CA GLN B 96 -13.08 -6.69 12.34
C GLN B 96 -12.41 -7.94 11.76
N ASN B 97 -11.96 -8.83 12.64
CA ASN B 97 -11.34 -10.08 12.25
C ASN B 97 -11.49 -11.07 13.40
N GLU B 98 -10.92 -12.28 13.25
CA GLU B 98 -11.04 -13.29 14.30
C GLU B 98 -10.36 -12.78 15.59
N GLY B 99 -9.59 -11.69 15.47
CA GLY B 99 -8.77 -11.16 16.55
C GLY B 99 -9.57 -10.34 17.57
N MET B 100 -10.71 -9.80 17.12
CA MET B 100 -11.58 -8.96 17.95
C MET B 100 -12.94 -9.66 18.14
N LYS B 101 -13.36 -9.82 19.41
CA LYS B 101 -14.68 -10.38 19.72
C LYS B 101 -15.76 -9.37 19.38
N GLY B 102 -15.51 -8.12 19.78
CA GLY B 102 -16.40 -7.04 19.39
C GLY B 102 -16.06 -5.75 20.10
N TYR B 103 -16.73 -4.69 19.71
CA TYR B 103 -16.59 -3.39 20.34
C TYR B 103 -17.73 -2.49 19.90
N GLY B 104 -18.01 -1.50 20.74
CA GLY B 104 -18.97 -0.46 20.44
C GLY B 104 -19.39 0.25 21.70
N TRP B 105 -20.30 1.23 21.55
CA TRP B 105 -20.78 2.02 22.66
C TRP B 105 -21.96 1.32 23.30
N ASP B 106 -22.00 1.34 24.64
CA ASP B 106 -23.11 0.78 25.39
C ASP B 106 -24.08 1.89 25.68
N GLU B 107 -23.53 3.09 25.88
CA GLU B 107 -24.36 4.28 25.98
C GLU B 107 -23.56 5.50 25.50
N TYR B 108 -24.27 6.45 24.87
CA TYR B 108 -23.62 7.62 24.33
C TYR B 108 -24.62 8.74 24.10
N ASP B 109 -24.25 9.95 24.52
CA ASP B 109 -24.98 11.13 24.12
C ASP B 109 -23.97 12.23 23.77
N PRO B 110 -24.01 12.77 22.54
CA PRO B 110 -23.00 13.72 22.08
C PRO B 110 -22.79 14.90 23.01
N ARG B 111 -23.85 15.23 23.77
CA ARG B 111 -23.81 16.43 24.58
C ARG B 111 -23.14 16.12 25.91
N ARG B 112 -23.10 14.82 26.23
CA ARG B 112 -22.78 14.36 27.56
C ARG B 112 -21.53 13.49 27.51
N GLY B 113 -21.63 12.37 26.78
CA GLY B 113 -20.54 11.42 26.66
C GLY B 113 -21.07 9.99 26.68
N GLY B 114 -20.27 9.07 27.22
CA GLY B 114 -20.67 7.68 27.22
C GLY B 114 -19.50 6.75 27.49
N ILE B 115 -19.81 5.45 27.35
CA ILE B 115 -18.93 4.39 27.79
C ILE B 115 -18.82 3.38 26.65
N GLN B 116 -17.56 3.08 26.27
CA GLN B 116 -17.28 2.17 25.17
C GLN B 116 -16.61 0.93 25.75
N SER B 117 -16.95 -0.22 25.15
CA SER B 117 -16.29 -1.46 25.51
C SER B 117 -15.62 -2.05 24.28
N ILE B 118 -14.33 -2.40 24.42
CA ILE B 118 -13.63 -3.14 23.40
C ILE B 118 -13.25 -4.51 23.96
N HIS B 119 -13.56 -5.56 23.16
CA HIS B 119 -13.23 -6.93 23.52
C HIS B 119 -12.21 -7.50 22.53
N ASP B 120 -10.94 -7.47 22.96
CA ASP B 120 -9.77 -7.75 22.14
C ASP B 120 -9.29 -9.19 22.42
N ILE B 121 -9.55 -10.12 21.49
CA ILE B 121 -9.12 -11.51 21.71
C ILE B 121 -7.59 -11.60 21.66
N GLN B 122 -6.98 -10.87 20.72
CA GLN B 122 -5.57 -11.03 20.43
C GLN B 122 -4.69 -10.55 21.60
N ASN B 123 -5.12 -9.51 22.33
CA ASN B 123 -4.28 -8.93 23.36
C ASN B 123 -4.81 -9.30 24.75
N GLY B 124 -5.78 -10.21 24.78
CA GLY B 124 -6.31 -10.74 26.02
C GLY B 124 -6.87 -9.65 26.93
N LEU B 125 -7.41 -8.59 26.35
CA LEU B 125 -7.82 -7.44 27.14
C LEU B 125 -9.30 -7.13 26.90
N ASP B 126 -10.02 -6.82 27.97
CA ASP B 126 -11.29 -6.15 27.87
C ASP B 126 -11.09 -4.71 28.30
N ILE B 127 -11.41 -3.79 27.39
CA ILE B 127 -11.12 -2.38 27.64
C ILE B 127 -12.39 -1.56 27.73
N THR B 128 -12.29 -0.45 28.43
CA THR B 128 -13.41 0.42 28.64
C THR B 128 -12.92 1.84 28.45
N THR B 129 -13.68 2.62 27.67
CA THR B 129 -13.35 4.02 27.47
C THR B 129 -14.52 4.88 27.90
N SER B 130 -14.27 5.76 28.86
CA SER B 130 -15.34 6.53 29.44
C SER B 130 -15.13 7.99 29.07
N PHE B 131 -16.17 8.58 28.50
CA PHE B 131 -16.01 9.91 27.98
C PHE B 131 -17.13 10.78 28.52
N VAL B 132 -16.73 11.89 29.13
CA VAL B 132 -17.67 12.83 29.72
C VAL B 132 -17.26 14.22 29.28
N LYS B 133 -18.26 15.09 29.09
CA LYS B 133 -18.08 16.48 28.74
C LYS B 133 -18.51 17.33 29.93
N ILE B 134 -17.83 18.47 30.15
CA ILE B 134 -18.11 19.36 31.26
C ILE B 134 -18.25 20.77 30.71
N PRO B 135 -19.50 21.30 30.66
CA PRO B 135 -19.73 22.67 30.20
C PRO B 135 -19.01 23.69 31.08
N GLY B 136 -18.74 24.89 30.53
CA GLY B 136 -17.87 25.86 31.18
C GLY B 136 -16.97 26.58 30.17
N GLY B 137 -16.96 27.91 30.25
CA GLY B 137 -15.98 28.71 29.54
C GLY B 137 -16.42 29.04 28.12
N ALA B 138 -15.55 29.72 27.38
CA ALA B 138 -15.91 30.37 26.13
C ALA B 138 -15.53 29.51 24.92
N HIS B 139 -15.03 28.28 25.16
CA HIS B 139 -14.34 27.53 24.12
C HIS B 139 -14.86 26.09 24.06
N GLY B 140 -16.13 25.88 24.41
CA GLY B 140 -16.77 24.60 24.16
C GLY B 140 -16.52 23.60 25.27
N GLY B 141 -16.03 24.08 26.42
CA GLY B 141 -16.03 23.28 27.63
C GLY B 141 -14.79 22.40 27.78
N SER B 142 -14.87 21.50 28.76
CA SER B 142 -13.78 20.62 29.13
C SER B 142 -14.26 19.19 29.02
N TRP B 143 -13.33 18.23 29.10
CA TRP B 143 -13.73 16.84 28.96
C TRP B 143 -12.73 15.96 29.67
N ALA B 144 -13.09 14.67 29.80
CA ALA B 144 -12.24 13.71 30.46
C ALA B 144 -12.60 12.32 29.99
N ALA B 145 -11.69 11.39 30.25
CA ALA B 145 -11.83 10.06 29.74
C ALA B 145 -11.12 9.13 30.69
N ARG B 146 -11.69 7.96 30.91
CA ARG B 146 -10.97 6.96 31.69
C ARG B 146 -10.76 5.74 30.83
N ILE B 147 -9.51 5.27 30.85
CA ILE B 147 -9.15 4.07 30.14
C ILE B 147 -8.89 3.00 31.18
N LYS B 148 -9.68 1.92 31.13
CA LYS B 148 -9.49 0.81 32.04
C LYS B 148 -9.36 -0.48 31.23
N GLY B 149 -8.40 -1.32 31.61
CA GLY B 149 -8.09 -2.56 30.92
C GLY B 149 -7.98 -3.74 31.90
N THR B 150 -8.78 -4.79 31.63
CA THR B 150 -8.77 -5.99 32.45
C THR B 150 -8.39 -7.18 31.57
N LEU B 151 -7.34 -7.91 31.96
CA LEU B 151 -6.99 -9.14 31.27
C LEU B 151 -8.12 -10.15 31.46
N ASN B 152 -8.43 -10.89 30.41
CA ASN B 152 -9.44 -11.92 30.48
C ASN B 152 -8.80 -13.17 31.09
N ASP B 153 -9.55 -14.29 31.06
CA ASP B 153 -9.18 -15.47 31.83
C ASP B 153 -8.16 -16.30 31.05
N ASP B 154 -7.86 -15.90 29.81
CA ASP B 154 -6.99 -16.68 28.96
C ASP B 154 -5.59 -16.08 28.95
N ALA B 155 -5.48 -14.82 29.41
CA ALA B 155 -4.28 -14.02 29.25
C ALA B 155 -3.28 -14.32 30.36
N PRO B 156 -1.99 -14.52 30.02
CA PRO B 156 -0.94 -14.62 31.04
C PRO B 156 -1.10 -13.54 32.11
N LYS B 157 -1.15 -13.96 33.39
CA LYS B 157 -1.56 -13.11 34.51
C LYS B 157 -0.61 -11.92 34.63
N ASP B 158 0.57 -12.04 34.03
CA ASP B 158 1.61 -11.03 34.16
C ASP B 158 1.87 -10.35 32.81
N GLN B 159 0.92 -10.48 31.88
CA GLN B 159 1.06 -9.93 30.54
C GLN B 159 1.53 -8.46 30.61
N LYS B 160 2.44 -8.11 29.70
CA LYS B 160 2.91 -6.74 29.60
C LYS B 160 2.13 -6.06 28.49
N THR B 161 1.59 -4.87 28.78
CA THR B 161 0.82 -4.15 27.79
C THR B 161 1.37 -2.75 27.62
N ILE B 162 1.76 -2.42 26.37
CA ILE B 162 2.11 -1.05 26.05
C ILE B 162 0.84 -0.28 25.70
N VAL B 163 0.75 0.95 26.22
CA VAL B 163 -0.35 1.83 25.93
C VAL B 163 0.20 3.22 25.60
N VAL B 164 -0.29 3.78 24.51
CA VAL B 164 0.16 5.09 24.06
C VAL B 164 -1.05 6.00 23.93
N PHE B 165 -0.87 7.24 24.36
CA PHE B 165 -1.82 8.28 24.09
C PHE B 165 -1.14 9.33 23.22
N TYR B 166 -1.66 9.52 22.00
CA TYR B 166 -1.07 10.39 20.98
C TYR B 166 -1.88 11.68 20.93
N VAL B 167 -1.18 12.82 21.10
CA VAL B 167 -1.79 14.13 20.97
C VAL B 167 -1.02 14.90 19.92
N SER B 168 -1.77 15.50 19.00
CA SER B 168 -1.21 16.31 17.93
C SER B 168 -2.02 17.60 17.87
N GLN B 169 -1.40 18.67 17.38
CA GLN B 169 -2.13 19.91 17.20
C GLN B 169 -1.69 20.58 15.91
N GLU B 170 -2.68 20.87 15.07
CA GLU B 170 -2.50 21.57 13.81
C GLU B 170 -3.07 22.99 13.97
N GLY B 171 -2.58 23.94 13.16
CA GLY B 171 -3.15 25.28 13.09
C GLY B 171 -2.12 26.39 13.32
N GLU B 172 -2.25 27.49 12.57
CA GLU B 172 -1.35 28.63 12.74
C GLU B 172 -1.61 29.27 14.10
N ASN B 173 -0.57 29.95 14.62
CA ASN B 173 -0.58 30.60 15.92
C ASN B 173 -1.15 29.66 16.98
N SER B 174 -0.43 28.56 17.23
CA SER B 174 -0.80 27.61 18.27
C SER B 174 0.44 26.91 18.84
N GLU B 175 0.34 26.51 20.10
CA GLU B 175 1.49 26.07 20.86
C GLU B 175 1.06 24.96 21.82
N LEU B 176 2.00 24.03 22.07
CA LEU B 176 1.73 22.87 22.91
C LEU B 176 3.06 22.35 23.45
N GLU B 177 3.08 22.07 24.76
CA GLU B 177 4.32 21.86 25.49
C GLU B 177 4.05 20.88 26.62
N ALA B 178 4.92 19.87 26.75
CA ALA B 178 4.89 19.01 27.92
C ALA B 178 5.75 19.60 29.03
N VAL B 179 5.17 19.73 30.23
CA VAL B 179 5.92 20.18 31.38
C VAL B 179 6.92 19.08 31.73
N PRO B 180 8.24 19.42 31.88
CA PRO B 180 9.27 18.41 32.11
C PRO B 180 9.05 17.66 33.43
N SER B 181 9.57 16.44 33.48
CA SER B 181 9.55 15.62 34.67
C SER B 181 10.47 16.21 35.77
N GLU B 182 10.23 15.82 37.04
CA GLU B 182 11.16 16.11 38.13
C GLU B 182 12.33 15.14 38.05
N ASN B 183 12.06 13.90 37.60
CA ASN B 183 13.02 12.79 37.60
C ASN B 183 13.76 12.71 36.25
N GLU B 184 14.80 11.86 36.19
CA GLU B 184 15.78 11.88 35.11
C GLU B 184 15.20 11.24 33.84
N PHE B 185 14.52 10.09 34.02
CA PHE B 185 14.28 9.15 32.93
C PHE B 185 12.80 9.10 32.56
N GLY B 186 11.99 9.99 33.14
CA GLY B 186 10.56 9.93 32.91
C GLY B 186 9.78 10.33 34.16
N TYR B 187 8.52 9.87 34.23
CA TYR B 187 7.50 10.47 35.08
C TYR B 187 7.01 9.46 36.12
N GLU B 188 6.88 9.92 37.37
CA GLU B 188 6.29 9.14 38.46
C GLU B 188 4.80 9.44 38.54
N GLY B 189 4.43 10.68 38.20
CA GLY B 189 3.07 11.15 38.42
C GLY B 189 2.34 11.50 37.12
N ASP B 190 1.52 12.54 37.20
CA ASP B 190 0.76 13.06 36.08
C ASP B 190 1.74 13.64 35.08
N VAL B 191 1.46 13.40 33.78
CA VAL B 191 2.06 14.17 32.71
C VAL B 191 1.09 15.31 32.41
N ILE B 192 1.65 16.52 32.21
CA ILE B 192 0.85 17.72 32.01
C ILE B 192 1.26 18.38 30.68
N LEU B 193 0.27 18.62 29.79
CA LEU B 193 0.50 19.33 28.53
C LEU B 193 -0.22 20.67 28.61
N LYS B 194 0.51 21.76 28.30
CA LYS B 194 -0.05 23.11 28.23
C LYS B 194 -0.05 23.57 26.78
N GLY B 195 -1.21 24.06 26.33
CA GLY B 195 -1.41 24.47 24.96
C GLY B 195 -2.21 25.75 24.88
N ARG B 196 -2.16 26.38 23.71
CA ARG B 196 -2.97 27.52 23.40
C ARG B 196 -3.18 27.55 21.88
N SER B 197 -4.39 27.90 21.44
CA SER B 197 -4.70 28.19 20.05
C SER B 197 -5.78 29.27 20.01
N GLU B 198 -5.94 29.95 18.86
CA GLU B 198 -7.05 30.89 18.74
C GLU B 198 -8.35 30.14 19.02
N ALA B 199 -8.46 28.90 18.49
CA ALA B 199 -9.68 28.10 18.54
C ALA B 199 -10.04 27.73 19.99
N LEU B 200 -9.09 27.19 20.74
CA LEU B 200 -9.39 26.58 22.03
C LEU B 200 -9.03 27.48 23.22
N GLY B 201 -8.35 28.61 22.94
CA GLY B 201 -7.70 29.42 23.97
C GLY B 201 -6.62 28.65 24.73
N ASN B 202 -6.47 28.94 26.03
CA ASN B 202 -5.49 28.29 26.89
C ASN B 202 -6.11 27.05 27.52
N TYR B 203 -5.35 25.94 27.54
CA TYR B 203 -5.90 24.68 28.02
C TYR B 203 -4.80 23.86 28.67
N LYS B 204 -5.24 22.81 29.34
CA LYS B 204 -4.39 21.91 30.07
C LYS B 204 -4.91 20.48 29.82
N LEU B 205 -4.05 19.67 29.19
CA LEU B 205 -4.30 18.25 28.98
C LEU B 205 -3.41 17.45 29.94
N VAL B 206 -4.02 16.64 30.80
CA VAL B 206 -3.28 15.84 31.76
C VAL B 206 -3.53 14.36 31.50
N VAL B 207 -2.45 13.58 31.41
CA VAL B 207 -2.52 12.13 31.48
C VAL B 207 -2.05 11.70 32.86
N THR B 208 -2.93 11.04 33.62
CA THR B 208 -2.70 10.84 35.05
C THR B 208 -1.77 9.64 35.27
N LYS B 209 -1.21 9.57 36.49
CA LYS B 209 -0.36 8.45 36.88
C LYS B 209 -1.02 7.15 36.46
N GLY B 210 -2.26 6.93 36.95
CA GLY B 210 -3.00 5.70 36.71
C GLY B 210 -2.72 4.62 37.75
N LYS B 211 -3.55 3.58 37.74
CA LYS B 211 -3.44 2.44 38.64
C LYS B 211 -3.01 1.21 37.84
N GLY B 212 -2.15 0.37 38.44
CA GLY B 212 -1.60 -0.85 37.84
C GLY B 212 -0.08 -0.97 38.11
N VAL B 213 0.43 -2.22 38.12
CA VAL B 213 1.84 -2.52 38.25
C VAL B 213 2.60 -2.04 37.01
N ILE B 214 3.61 -1.19 37.24
CA ILE B 214 4.60 -0.81 36.23
C ILE B 214 5.81 -1.75 36.34
N PRO B 215 6.11 -2.62 35.35
CA PRO B 215 7.18 -3.61 35.54
C PRO B 215 8.53 -2.90 35.56
N GLN B 216 9.48 -3.43 36.36
CA GLN B 216 10.78 -2.79 36.52
C GLN B 216 11.89 -3.70 35.99
N SER B 217 12.93 -3.09 35.42
CA SER B 217 14.05 -3.81 34.79
C SER B 217 15.35 -3.66 35.61
N ASP B 218 16.09 -4.77 35.72
CA ASP B 218 17.35 -4.81 36.46
C ASP B 218 18.55 -4.83 35.52
N HIS B 219 18.28 -4.80 34.20
CA HIS B 219 19.28 -4.91 33.13
C HIS B 219 20.11 -3.64 33.02
N ASP B 220 21.34 -3.78 32.47
CA ASP B 220 22.29 -2.68 32.42
C ASP B 220 21.70 -1.48 31.64
N LEU B 221 20.82 -1.79 30.67
CA LEU B 221 20.08 -0.81 29.91
C LEU B 221 19.51 0.29 30.82
N SER B 222 19.06 -0.12 32.02
CA SER B 222 18.37 0.76 32.95
C SER B 222 19.21 1.99 33.28
N ARG B 223 20.53 1.88 33.18
CA ARG B 223 21.42 2.99 33.47
C ARG B 223 21.16 4.13 32.49
N LEU B 224 20.57 3.78 31.36
CA LEU B 224 20.48 4.70 30.23
C LEU B 224 19.02 5.06 29.99
N ARG B 225 18.11 4.16 30.40
CA ARG B 225 16.70 4.22 29.99
C ARG B 225 15.75 4.12 31.18
N GLY B 226 16.30 4.21 32.41
CA GLY B 226 15.49 4.08 33.61
C GLY B 226 15.02 2.65 33.86
N PRO B 227 14.56 2.33 35.09
CA PRO B 227 14.10 0.97 35.39
C PRO B 227 12.73 0.63 34.78
N GLY B 228 12.00 1.67 34.36
CA GLY B 228 10.65 1.54 33.82
C GLY B 228 9.73 2.64 34.37
N GLN B 229 9.16 3.46 33.48
CA GLN B 229 8.33 4.58 33.91
C GLN B 229 7.60 5.21 32.71
N THR B 230 6.58 6.02 33.03
CA THR B 230 5.88 6.81 32.03
C THR B 230 6.89 7.71 31.31
N VAL B 231 6.76 7.80 29.98
CA VAL B 231 7.63 8.69 29.23
C VAL B 231 6.80 9.51 28.24
N VAL B 232 7.33 10.68 27.88
CA VAL B 232 6.74 11.54 26.86
C VAL B 232 7.83 11.93 25.86
N GLN B 233 7.50 11.83 24.55
CA GLN B 233 8.32 12.45 23.51
C GLN B 233 7.53 13.58 22.84
N SER B 234 8.11 14.79 22.87
CA SER B 234 7.52 15.92 22.18
C SER B 234 8.28 16.18 20.87
N LEU B 235 7.53 16.19 19.76
CA LEU B 235 8.12 16.11 18.43
C LEU B 235 7.53 17.21 17.54
N THR B 236 8.18 17.47 16.39
CA THR B 236 7.60 18.27 15.32
C THR B 236 7.60 17.52 13.99
N TYR B 237 6.41 17.39 13.40
CA TYR B 237 6.26 16.78 12.09
C TYR B 237 5.53 17.77 11.18
N PRO B 238 5.56 17.60 9.86
CA PRO B 238 4.78 18.48 8.96
C PRO B 238 3.29 18.16 9.04
N ASP B 239 2.48 19.20 8.86
CA ASP B 239 1.06 19.16 9.15
C ASP B 239 0.38 17.98 8.44
N GLU B 240 0.85 17.69 7.20
CA GLU B 240 0.23 16.71 6.29
C GLU B 240 0.24 15.30 6.87
N VAL B 241 1.05 15.05 7.93
CA VAL B 241 1.33 13.68 8.33
C VAL B 241 0.98 13.45 9.80
N LEU B 242 0.53 14.49 10.49
CA LEU B 242 0.12 14.33 11.88
C LEU B 242 -0.87 13.18 12.03
N TRP B 243 -1.67 12.91 10.99
CA TRP B 243 -2.74 11.93 11.13
C TRP B 243 -2.16 10.50 11.15
N GLN B 244 -0.97 10.31 10.56
CA GLN B 244 -0.43 8.96 10.46
C GLN B 244 0.21 8.56 11.78
N ALA B 245 -0.62 8.42 12.83
CA ALA B 245 -0.10 8.28 14.19
C ALA B 245 0.67 6.97 14.40
N LYS B 246 0.18 5.87 13.82
CA LYS B 246 0.88 4.62 13.98
C LYS B 246 2.28 4.72 13.36
N PRO B 247 2.36 5.00 12.05
CA PRO B 247 3.66 5.21 11.40
C PRO B 247 4.65 6.06 12.21
N ILE B 248 4.19 7.21 12.73
CA ILE B 248 5.03 8.08 13.52
C ILE B 248 5.53 7.40 14.82
N LEU B 249 4.63 6.70 15.53
CA LEU B 249 5.01 5.91 16.69
C LEU B 249 6.15 4.95 16.37
N PHE B 250 5.97 4.12 15.33
CA PHE B 250 6.97 3.12 14.98
C PHE B 250 8.27 3.77 14.50
N GLN B 251 8.18 4.97 13.92
CA GLN B 251 9.38 5.68 13.51
C GLN B 251 10.24 6.02 14.74
N GLN B 252 9.61 6.51 15.79
CA GLN B 252 10.32 6.74 17.04
C GLN B 252 10.81 5.42 17.64
N LEU B 253 9.98 4.37 17.54
CA LEU B 253 10.35 3.10 18.14
C LEU B 253 11.61 2.54 17.48
N LYS B 254 11.66 2.61 16.14
CA LYS B 254 12.83 2.17 15.39
C LYS B 254 14.04 3.07 15.74
N ALA B 255 13.82 4.38 15.87
CA ALA B 255 14.92 5.27 16.24
C ALA B 255 15.52 4.84 17.59
N GLY B 256 14.64 4.44 18.54
CA GLY B 256 15.04 4.02 19.88
C GLY B 256 15.85 2.73 19.87
N ILE B 257 15.63 1.92 18.84
CA ILE B 257 16.23 0.60 18.80
C ILE B 257 17.60 0.69 18.13
N ASP B 258 17.69 1.50 17.07
CA ASP B 258 18.96 1.79 16.39
C ASP B 258 19.91 2.46 17.37
N TRP B 259 19.35 3.26 18.27
CA TRP B 259 20.10 3.96 19.28
C TRP B 259 20.92 2.96 20.12
N LEU B 260 20.38 1.72 20.28
CA LEU B 260 21.02 0.69 21.08
C LEU B 260 22.48 0.46 20.64
N VAL B 261 22.69 0.25 19.33
CA VAL B 261 23.99 -0.18 18.82
C VAL B 261 24.99 0.98 18.83
N GLU B 262 24.57 2.15 19.34
CA GLU B 262 25.45 3.32 19.37
C GLU B 262 25.80 3.74 20.81
N ASN B 263 25.47 2.91 21.82
CA ASN B 263 25.59 3.35 23.20
C ASN B 263 26.07 2.22 24.10
N LYS B 264 26.87 2.57 25.13
CA LYS B 264 27.55 1.57 25.93
C LYS B 264 26.56 0.94 26.94
N TYR B 265 26.28 -0.35 26.76
CA TYR B 265 25.56 -1.11 27.77
C TYR B 265 25.83 -2.61 27.57
N ASP B 266 25.66 -3.41 28.62
CA ASP B 266 25.94 -4.84 28.59
C ASP B 266 24.93 -5.55 27.68
N VAL B 267 25.43 -6.15 26.61
CA VAL B 267 24.54 -6.76 25.63
C VAL B 267 24.65 -8.28 25.71
N ALA B 268 25.16 -8.79 26.84
CA ALA B 268 25.35 -10.22 27.00
C ALA B 268 24.01 -10.88 27.31
N ASP B 269 23.19 -10.21 28.11
CA ASP B 269 21.89 -10.75 28.48
C ASP B 269 20.77 -10.08 27.69
N PRO B 270 19.82 -10.88 27.14
CA PRO B 270 18.65 -10.34 26.44
C PRO B 270 17.85 -9.37 27.33
N PRO B 271 17.78 -8.06 26.99
CA PRO B 271 16.96 -7.12 27.77
C PRO B 271 15.47 -7.49 27.65
N PRO B 272 14.58 -6.98 28.53
CA PRO B 272 13.16 -7.31 28.42
C PRO B 272 12.54 -6.56 27.24
N PRO B 273 11.70 -7.23 26.41
CA PRO B 273 11.11 -6.63 25.22
C PRO B 273 10.44 -5.28 25.48
N TRP B 274 9.75 -5.17 26.61
CA TRP B 274 9.02 -3.96 26.87
C TRP B 274 9.99 -2.78 27.04
N GLN B 275 11.20 -3.05 27.56
CA GLN B 275 12.13 -1.96 27.88
C GLN B 275 12.82 -1.49 26.62
N VAL B 276 13.07 -2.45 25.71
CA VAL B 276 13.56 -2.17 24.37
C VAL B 276 12.57 -1.27 23.62
N TYR B 277 11.27 -1.43 23.92
CA TYR B 277 10.21 -0.72 23.21
C TYR B 277 9.73 0.49 24.00
N LEU B 278 10.46 0.86 25.04
CA LEU B 278 10.10 2.00 25.85
C LEU B 278 10.88 3.22 25.33
N LEU B 279 10.15 4.25 24.87
CA LEU B 279 10.81 5.40 24.26
C LEU B 279 11.63 6.13 25.31
N ALA B 280 12.63 6.88 24.85
CA ALA B 280 13.40 7.72 25.75
C ALA B 280 12.60 8.98 26.02
N ASN B 281 12.59 9.40 27.28
CA ASN B 281 11.86 10.59 27.70
C ASN B 281 12.49 11.83 27.04
N LYS B 282 11.63 12.72 26.47
CA LYS B 282 12.11 13.87 25.70
C LYS B 282 11.04 14.95 25.67
N PRO B 283 10.44 15.32 26.84
CA PRO B 283 9.36 16.29 26.86
C PRO B 283 9.81 17.67 26.39
N GLY B 284 8.86 18.47 25.88
CA GLY B 284 9.12 19.83 25.42
C GLY B 284 8.09 20.32 24.40
N SER B 285 8.51 21.27 23.57
CA SER B 285 7.63 21.87 22.60
C SER B 285 7.41 20.92 21.44
N GLY B 286 6.26 21.04 20.77
CA GLY B 286 6.06 20.39 19.48
C GLY B 286 4.58 20.23 19.10
N ASN B 287 4.35 19.65 17.93
CA ASN B 287 2.99 19.53 17.44
C ASN B 287 2.52 18.07 17.57
N VAL B 288 3.35 17.22 18.16
CA VAL B 288 3.04 15.83 18.35
C VAL B 288 3.68 15.40 19.67
N HIS B 289 2.85 14.87 20.58
CA HIS B 289 3.32 14.41 21.86
C HIS B 289 2.86 12.99 22.09
N ILE B 290 3.83 12.08 22.23
CA ILE B 290 3.58 10.71 22.58
C ILE B 290 3.79 10.50 24.07
N VAL B 291 2.77 9.97 24.74
CA VAL B 291 2.85 9.56 26.12
C VAL B 291 2.74 8.04 26.13
N GLN B 292 3.72 7.39 26.76
CA GLN B 292 3.76 5.95 26.74
C GLN B 292 3.82 5.40 28.15
N LYS B 293 3.13 4.27 28.34
CA LYS B 293 3.16 3.52 29.58
C LYS B 293 3.23 2.04 29.25
N VAL B 294 3.93 1.30 30.12
CA VAL B 294 3.85 -0.15 30.13
C VAL B 294 3.23 -0.58 31.46
N PHE B 295 2.37 -1.60 31.40
CA PHE B 295 1.64 -2.02 32.57
C PHE B 295 1.73 -3.53 32.66
N GLU B 296 1.80 -4.03 33.88
CA GLU B 296 1.78 -5.46 34.14
C GLU B 296 0.48 -5.82 34.84
N GLY B 297 -0.24 -6.81 34.25
CA GLY B 297 -1.60 -7.13 34.63
C GLY B 297 -2.57 -6.02 34.21
N ASP B 298 -3.54 -5.74 35.10
CA ASP B 298 -4.65 -4.83 34.83
C ASP B 298 -4.21 -3.40 35.07
N PHE B 299 -4.94 -2.46 34.47
CA PHE B 299 -4.48 -1.08 34.45
C PHE B 299 -5.66 -0.13 34.22
N GLU B 300 -5.40 1.14 34.55
CA GLU B 300 -6.37 2.20 34.43
C GLU B 300 -5.63 3.53 34.53
N PHE B 301 -5.97 4.47 33.65
CA PHE B 301 -5.54 5.86 33.80
C PHE B 301 -6.58 6.78 33.18
N ASP B 302 -6.42 8.08 33.42
CA ASP B 302 -7.43 9.06 33.08
C ASP B 302 -6.79 10.11 32.19
N ILE B 303 -7.62 10.72 31.34
CA ILE B 303 -7.21 11.90 30.62
C ILE B 303 -8.15 13.03 30.99
N LEU B 304 -7.54 14.19 31.25
CA LEU B 304 -8.25 15.31 31.82
C LEU B 304 -7.90 16.56 31.05
N PHE B 305 -8.89 17.04 30.26
CA PHE B 305 -8.78 18.25 29.49
C PHE B 305 -9.55 19.36 30.20
N SER B 306 -8.82 20.42 30.56
CA SER B 306 -9.38 21.51 31.32
C SER B 306 -9.25 22.78 30.50
N SER B 307 -10.40 23.26 30.01
CA SER B 307 -10.43 24.53 29.31
C SER B 307 -10.25 25.65 30.34
N GLU B 308 -9.21 26.46 30.15
CA GLU B 308 -8.85 27.46 31.15
C GLU B 308 -10.03 28.42 31.41
N SER B 309 -10.74 28.80 30.34
CA SER B 309 -11.81 29.79 30.44
C SER B 309 -12.97 29.28 31.34
N ALA B 310 -13.11 27.95 31.48
CA ALA B 310 -14.13 27.38 32.34
C ALA B 310 -13.79 27.60 33.82
N GLY B 311 -12.61 28.18 34.10
CA GLY B 311 -12.24 28.59 35.46
C GLY B 311 -11.82 27.40 36.34
N LYS B 312 -12.55 26.28 36.23
CA LYS B 312 -12.38 25.10 37.08
C LYS B 312 -11.64 23.99 36.32
N GLU B 313 -10.55 23.52 36.92
CA GLU B 313 -9.75 22.42 36.40
C GLU B 313 -10.47 21.10 36.67
N VAL B 314 -10.47 20.21 35.66
CA VAL B 314 -11.20 18.96 35.78
C VAL B 314 -10.31 17.94 36.51
N THR B 315 -10.91 17.28 37.53
CA THR B 315 -10.22 16.33 38.38
C THR B 315 -10.78 14.93 38.13
N SER B 316 -10.10 13.92 38.65
CA SER B 316 -10.56 12.57 38.44
C SER B 316 -11.88 12.32 39.18
N LYS B 317 -12.14 13.11 40.23
CA LYS B 317 -13.37 12.92 40.99
C LYS B 317 -14.50 13.59 40.21
N ASP B 318 -14.21 14.80 39.71
CA ASP B 318 -15.03 15.45 38.71
C ASP B 318 -15.49 14.40 37.69
N LEU B 319 -14.53 13.59 37.21
CA LEU B 319 -14.76 12.64 36.13
C LEU B 319 -15.73 11.55 36.58
N GLU B 320 -15.37 10.83 37.67
CA GLU B 320 -16.12 9.67 38.14
C GLU B 320 -17.56 10.08 38.40
N ARG B 321 -17.73 11.31 38.91
CA ARG B 321 -19.02 11.83 39.25
C ARG B 321 -19.83 11.99 37.98
N GLU B 322 -19.20 12.65 36.98
CA GLU B 322 -19.89 13.07 35.78
C GLU B 322 -20.37 11.85 34.97
N VAL B 323 -19.64 10.72 35.09
CA VAL B 323 -19.94 9.47 34.41
C VAL B 323 -21.26 8.89 34.90
N LYS B 324 -21.33 8.63 36.23
CA LYS B 324 -22.49 8.02 36.88
C LYS B 324 -23.74 8.85 36.57
N GLN B 325 -23.59 10.19 36.65
CA GLN B 325 -24.67 11.14 36.44
C GLN B 325 -25.16 11.07 34.99
N ALA B 326 -24.21 10.98 34.07
CA ALA B 326 -24.53 10.85 32.66
C ALA B 326 -25.24 9.52 32.42
N THR B 327 -24.77 8.43 33.05
CA THR B 327 -25.44 7.15 32.84
C THR B 327 -26.92 7.24 33.23
N GLU B 328 -27.21 7.94 34.33
CA GLU B 328 -28.59 8.04 34.78
C GLU B 328 -29.41 8.78 33.70
N VAL B 329 -28.95 9.98 33.32
CA VAL B 329 -29.67 10.84 32.39
C VAL B 329 -29.98 10.09 31.08
N PHE B 330 -29.03 9.24 30.65
CA PHE B 330 -29.19 8.51 29.40
C PHE B 330 -30.39 7.55 29.53
N GLY B 331 -30.37 6.72 30.59
CA GLY B 331 -31.38 5.70 30.81
C GLY B 331 -32.79 6.30 30.88
N GLU B 332 -32.91 7.52 31.41
CA GLU B 332 -34.20 8.13 31.60
C GLU B 332 -34.70 8.68 30.27
N ARG B 333 -33.79 9.31 29.51
CA ARG B 333 -34.14 9.82 28.21
C ARG B 333 -34.53 8.67 27.28
N PHE B 334 -33.90 7.50 27.47
CA PHE B 334 -34.12 6.36 26.60
C PHE B 334 -35.52 5.80 26.78
N ALA B 335 -35.97 5.71 28.04
CA ALA B 335 -37.31 5.24 28.33
C ALA B 335 -38.33 6.24 27.79
N ARG B 336 -38.00 7.54 27.89
CA ARG B 336 -38.90 8.60 27.44
C ARG B 336 -39.04 8.56 25.92
N VAL B 337 -38.01 8.09 25.20
CA VAL B 337 -37.92 8.41 23.78
C VAL B 337 -38.08 7.14 22.95
N PHE B 338 -37.69 6.00 23.52
CA PHE B 338 -38.00 4.72 22.90
C PHE B 338 -38.65 3.79 23.95
N ASP B 339 -39.93 4.08 24.30
CA ASP B 339 -40.75 3.09 25.00
C ASP B 339 -41.02 1.97 24.01
N LEU B 340 -40.26 0.90 24.15
CA LEU B 340 -40.42 -0.28 23.33
C LEU B 340 -41.82 -0.85 23.57
N LYS B 341 -42.51 -1.17 22.48
CA LYS B 341 -43.89 -1.59 22.56
C LYS B 341 -43.95 -3.11 22.42
N ALA B 342 -45.09 -3.69 22.83
CA ALA B 342 -45.29 -5.13 22.79
C ALA B 342 -44.92 -5.63 21.40
N PRO B 343 -44.30 -6.83 21.26
CA PRO B 343 -43.91 -7.65 22.40
C PRO B 343 -42.40 -7.60 22.68
N PHE B 344 -41.84 -6.37 22.66
CA PHE B 344 -40.43 -6.18 22.94
C PHE B 344 -40.29 -5.29 24.16
N GLN B 345 -41.11 -5.59 25.18
CA GLN B 345 -41.13 -4.81 26.42
C GLN B 345 -40.10 -5.39 27.40
N GLY B 346 -39.58 -6.60 27.10
CA GLY B 346 -38.58 -7.26 27.92
C GLY B 346 -37.30 -6.44 28.09
N ASP B 347 -36.47 -6.83 29.07
CA ASP B 347 -35.23 -6.13 29.37
C ASP B 347 -34.16 -6.47 28.32
N ASN B 348 -34.15 -7.73 27.88
CA ASN B 348 -33.25 -8.19 26.83
C ASN B 348 -33.38 -7.27 25.60
N TYR B 349 -34.63 -6.88 25.26
CA TYR B 349 -34.91 -6.10 24.08
C TYR B 349 -34.45 -4.66 24.29
N LYS B 350 -34.57 -4.19 25.54
CA LYS B 350 -34.20 -2.84 25.93
C LYS B 350 -32.68 -2.70 25.83
N LYS B 351 -31.94 -3.78 26.14
CA LYS B 351 -30.49 -3.73 26.15
C LYS B 351 -29.98 -3.75 24.70
N PHE B 352 -30.67 -4.50 23.84
CA PHE B 352 -30.39 -4.56 22.42
C PHE B 352 -30.73 -3.21 21.80
N GLY B 353 -31.86 -2.68 22.21
CA GLY B 353 -32.29 -1.36 21.78
C GLY B 353 -31.24 -0.32 22.10
N LYS B 354 -30.68 -0.38 23.33
CA LYS B 354 -29.77 0.63 23.85
C LYS B 354 -28.45 0.56 23.09
N SER B 355 -27.98 -0.67 22.85
CA SER B 355 -26.79 -0.89 22.05
C SER B 355 -26.95 -0.30 20.64
N MET B 356 -28.05 -0.65 19.97
CA MET B 356 -28.18 -0.33 18.56
C MET B 356 -28.19 1.20 18.39
N PHE B 357 -28.74 1.91 19.37
CA PHE B 357 -28.85 3.34 19.20
C PHE B 357 -27.55 4.03 19.63
N SER B 358 -27.00 3.59 20.77
CA SER B 358 -25.68 3.98 21.22
C SER B 358 -24.69 3.93 20.06
N ASN B 359 -24.63 2.76 19.40
CA ASN B 359 -23.68 2.58 18.30
C ASN B 359 -23.92 3.60 17.20
N LEU B 360 -25.19 3.78 16.81
CA LEU B 360 -25.51 4.64 15.69
C LEU B 360 -25.07 6.07 16.00
N ILE B 361 -25.55 6.63 17.10
CA ILE B 361 -25.23 8.01 17.42
C ILE B 361 -23.75 8.11 17.82
N GLY B 362 -23.15 6.97 18.14
CA GLY B 362 -21.77 6.92 18.60
C GLY B 362 -20.79 7.09 17.45
N GLY B 363 -21.27 6.83 16.23
CA GLY B 363 -20.45 6.87 15.04
C GLY B 363 -20.21 8.30 14.54
N ILE B 364 -20.86 9.29 15.13
CA ILE B 364 -20.73 10.64 14.59
C ILE B 364 -19.25 11.01 14.52
N GLY B 365 -18.82 11.42 13.30
CA GLY B 365 -17.49 11.93 13.06
C GLY B 365 -17.52 13.39 12.63
N TYR B 366 -16.43 14.12 12.92
CA TYR B 366 -16.18 15.39 12.27
C TYR B 366 -15.01 15.23 11.29
N PHE B 367 -15.27 15.58 10.02
CA PHE B 367 -14.31 15.37 8.95
C PHE B 367 -13.99 16.68 8.26
N TYR B 368 -12.70 16.87 7.94
CA TYR B 368 -12.20 18.11 7.34
C TYR B 368 -11.09 17.82 6.33
N GLY B 369 -11.13 18.50 5.18
CA GLY B 369 -10.15 18.23 4.13
C GLY B 369 -10.66 18.56 2.74
N HIS B 370 -9.86 18.20 1.73
CA HIS B 370 -10.23 18.43 0.35
C HIS B 370 -11.05 17.26 -0.19
N SER B 371 -11.83 17.52 -1.24
CA SER B 371 -12.63 16.49 -1.88
C SER B 371 -12.20 16.35 -3.35
N LEU B 372 -12.39 15.15 -3.91
CA LEU B 372 -11.95 14.92 -5.28
C LEU B 372 -13.15 14.88 -6.25
N VAL B 373 -13.28 15.97 -7.03
CA VAL B 373 -14.41 16.19 -7.92
C VAL B 373 -13.89 16.30 -9.35
N ASP B 374 -14.58 15.66 -10.30
CA ASP B 374 -14.35 15.89 -11.71
C ASP B 374 -15.23 17.04 -12.18
N ARG B 375 -14.62 18.21 -12.41
CA ARG B 375 -15.36 19.42 -12.75
C ARG B 375 -15.23 19.78 -14.24
N SER B 376 -14.96 18.78 -15.09
CA SER B 376 -14.79 19.01 -16.51
C SER B 376 -16.15 19.29 -17.15
N TYR B 377 -17.19 18.69 -16.60
CA TYR B 377 -18.54 18.77 -17.13
C TYR B 377 -18.54 18.27 -18.57
N ALA B 378 -17.81 17.17 -18.79
CA ALA B 378 -17.63 16.65 -20.13
C ALA B 378 -18.99 16.31 -20.74
N PRO B 379 -19.17 16.57 -22.06
CA PRO B 379 -20.42 16.26 -22.76
C PRO B 379 -20.79 14.77 -22.84
N GLU B 380 -19.84 13.88 -22.57
CA GLU B 380 -20.18 12.46 -22.50
C GLU B 380 -20.99 12.21 -21.23
N TYR B 381 -20.90 13.13 -20.28
CA TYR B 381 -21.57 13.00 -19.00
C TYR B 381 -23.09 13.18 -19.17
N ASP B 382 -23.48 13.90 -20.25
CA ASP B 382 -24.88 14.11 -20.59
C ASP B 382 -25.59 12.79 -20.94
N GLU B 383 -24.82 11.73 -21.20
CA GLU B 383 -25.36 10.39 -21.50
C GLU B 383 -26.53 10.48 -22.48
N GLU B 384 -26.27 10.96 -23.71
CA GLU B 384 -27.33 11.31 -24.63
C GLU B 384 -27.66 10.16 -25.59
N ASN B 385 -26.68 9.29 -25.89
CA ASN B 385 -26.88 8.29 -26.94
C ASN B 385 -26.59 6.89 -26.41
N GLU B 386 -27.03 5.86 -27.16
CA GLU B 386 -26.86 4.47 -26.78
C GLU B 386 -25.39 4.19 -26.49
N GLY B 387 -25.13 3.18 -25.64
CA GLY B 387 -23.81 2.96 -25.06
C GLY B 387 -23.13 4.25 -24.56
N PHE B 388 -23.82 5.01 -23.70
CA PHE B 388 -23.30 6.25 -23.15
C PHE B 388 -22.17 5.95 -22.17
N TRP B 389 -22.13 4.72 -21.62
CA TRP B 389 -21.19 4.39 -20.56
C TRP B 389 -19.76 4.36 -21.12
N GLU B 390 -19.62 3.80 -22.33
CA GLU B 390 -18.36 3.80 -23.06
C GLU B 390 -17.86 5.24 -23.21
N ASP B 391 -18.75 6.16 -23.58
CA ASP B 391 -18.40 7.56 -23.75
C ASP B 391 -17.92 8.09 -22.40
N ALA B 392 -18.48 7.50 -21.34
CA ALA B 392 -18.32 8.00 -19.99
C ALA B 392 -16.94 7.63 -19.45
N ALA B 393 -16.61 6.32 -19.56
CA ALA B 393 -15.29 5.77 -19.31
C ALA B 393 -14.17 6.62 -19.93
N GLU B 394 -14.38 7.07 -21.19
CA GLU B 394 -13.38 7.84 -21.92
C GLU B 394 -13.17 9.20 -21.25
N ALA B 395 -14.27 9.87 -20.92
CA ALA B 395 -14.17 11.19 -20.33
C ALA B 395 -13.44 11.10 -18.99
N ARG B 396 -13.63 9.98 -18.27
CA ARG B 396 -12.94 9.71 -17.03
C ARG B 396 -11.44 9.58 -17.31
N ALA B 397 -11.09 8.83 -18.36
CA ALA B 397 -9.70 8.58 -18.72
C ALA B 397 -8.95 9.89 -19.02
N ARG B 398 -9.68 10.98 -19.20
CA ARG B 398 -9.04 12.24 -19.50
C ARG B 398 -8.50 12.84 -18.21
N HIS B 399 -8.84 12.16 -17.09
CA HIS B 399 -8.37 12.46 -15.74
C HIS B 399 -8.39 13.95 -15.40
N GLN B 400 -9.59 14.52 -15.28
CA GLN B 400 -9.70 15.96 -15.06
C GLN B 400 -9.87 16.27 -13.56
N GLU B 401 -10.11 15.22 -12.74
CA GLU B 401 -10.41 15.39 -11.31
C GLU B 401 -9.34 16.24 -10.63
N ALA B 402 -9.79 17.08 -9.68
CA ALA B 402 -8.91 17.87 -8.84
C ALA B 402 -9.47 17.90 -7.41
N LEU B 403 -8.58 18.08 -6.44
CA LEU B 403 -8.99 18.31 -5.07
C LEU B 403 -9.52 19.72 -4.99
N GLU B 404 -10.67 19.89 -4.32
CA GLU B 404 -11.23 21.21 -4.01
C GLU B 404 -11.66 21.26 -2.54
N GLY B 405 -11.74 22.48 -2.01
CA GLY B 405 -12.20 22.74 -0.66
C GLY B 405 -11.32 23.77 0.04
N PRO B 406 -10.95 23.56 1.33
CA PRO B 406 -11.36 22.36 2.07
C PRO B 406 -12.82 22.45 2.48
N TYR B 407 -13.44 21.28 2.77
CA TYR B 407 -14.79 21.21 3.30
C TYR B 407 -14.76 20.66 4.73
N GLU B 408 -15.85 20.88 5.51
CA GLU B 408 -16.07 20.11 6.74
C GLU B 408 -17.38 19.33 6.65
N LEU B 409 -17.54 18.36 7.56
CA LEU B 409 -18.76 17.56 7.61
C LEU B 409 -18.89 16.91 8.97
N PHE B 410 -20.02 17.18 9.60
CA PHE B 410 -20.44 16.55 10.84
C PHE B 410 -21.59 15.57 10.54
N THR B 411 -21.31 14.26 10.55
CA THR B 411 -22.29 13.31 10.10
C THR B 411 -22.13 11.99 10.85
N SER B 412 -23.21 11.23 10.92
CA SER B 412 -23.08 9.85 11.34
C SER B 412 -22.58 9.06 10.13
N ILE B 413 -22.28 7.77 10.31
CA ILE B 413 -21.49 6.97 9.37
C ILE B 413 -22.06 5.54 9.32
N PRO B 414 -21.89 4.78 8.22
CA PRO B 414 -22.46 3.42 8.16
C PRO B 414 -21.78 2.32 8.98
N SER B 415 -20.45 2.42 9.15
CA SER B 415 -19.62 1.39 9.76
C SER B 415 -18.25 1.96 10.17
N ARG B 416 -17.91 1.83 11.45
CA ARG B 416 -16.66 2.39 11.99
C ARG B 416 -15.43 1.75 11.30
N PRO B 417 -15.39 0.38 11.20
CA PRO B 417 -14.29 -0.32 10.54
C PRO B 417 -14.26 -0.29 9.02
N PHE B 418 -15.42 -0.01 8.38
CA PHE B 418 -15.54 -0.27 6.94
C PHE B 418 -15.97 0.95 6.14
N PHE B 419 -16.71 1.90 6.76
CA PHE B 419 -17.22 3.06 6.01
C PHE B 419 -17.21 4.32 6.87
N PRO B 420 -16.06 4.71 7.46
CA PRO B 420 -16.00 5.90 8.33
C PRO B 420 -16.03 7.22 7.58
N ARG B 421 -17.13 7.44 6.84
CA ARG B 421 -17.31 8.67 6.06
C ARG B 421 -18.80 8.86 5.77
N GLY B 422 -19.15 10.03 5.21
CA GLY B 422 -20.54 10.40 4.95
C GLY B 422 -21.08 9.78 3.66
N PHE B 423 -22.23 9.09 3.76
CA PHE B 423 -22.98 8.68 2.58
C PHE B 423 -24.35 9.40 2.53
N LEU B 424 -24.58 10.12 1.42
CA LEU B 424 -25.68 11.05 1.30
C LEU B 424 -27.02 10.37 1.60
N TRP B 425 -27.27 9.18 1.04
CA TRP B 425 -28.59 8.58 1.26
C TRP B 425 -28.66 7.76 2.55
N ASP B 426 -27.52 7.21 3.01
CA ASP B 426 -27.52 6.55 4.32
C ASP B 426 -27.91 7.56 5.41
N GLU B 427 -27.51 8.84 5.25
CA GLU B 427 -27.69 9.81 6.33
C GLU B 427 -29.17 10.00 6.65
N GLY B 428 -29.98 10.08 5.60
CA GLY B 428 -31.42 10.12 5.71
C GLY B 428 -31.96 9.10 6.70
N PHE B 429 -31.61 7.82 6.51
CA PHE B 429 -32.08 6.80 7.44
C PHE B 429 -31.48 7.02 8.82
N HIS B 430 -30.17 7.31 8.90
CA HIS B 430 -29.45 7.47 10.17
C HIS B 430 -30.20 8.43 11.09
N LEU B 431 -30.65 9.57 10.55
CA LEU B 431 -31.01 10.71 11.36
C LEU B 431 -32.42 10.53 11.92
N LEU B 432 -33.21 9.59 11.36
CA LEU B 432 -34.56 9.37 11.89
C LEU B 432 -34.50 9.02 13.38
N PRO B 433 -33.78 7.95 13.80
CA PRO B 433 -33.59 7.69 15.22
C PRO B 433 -32.85 8.81 15.95
N ILE B 434 -31.92 9.48 15.27
CA ILE B 434 -31.18 10.51 15.97
C ILE B 434 -32.09 11.70 16.22
N ALA B 435 -33.01 11.97 15.29
CA ALA B 435 -33.92 13.12 15.35
C ALA B 435 -34.86 13.00 16.53
N ASP B 436 -35.28 11.75 16.81
CA ASP B 436 -36.14 11.44 17.94
C ASP B 436 -35.42 11.85 19.22
N TRP B 437 -34.22 11.32 19.40
CA TRP B 437 -33.36 11.59 20.55
C TRP B 437 -33.09 13.09 20.72
N ASP B 438 -32.74 13.77 19.63
CA ASP B 438 -32.13 15.08 19.70
C ASP B 438 -32.28 15.75 18.33
N ILE B 439 -33.41 16.44 18.15
CA ILE B 439 -33.78 17.01 16.86
C ILE B 439 -32.72 18.02 16.47
N ASP B 440 -32.17 18.71 17.48
CA ASP B 440 -31.26 19.82 17.23
C ASP B 440 -29.91 19.30 16.74
N LEU B 441 -29.57 18.07 17.15
CA LEU B 441 -28.40 17.40 16.62
C LEU B 441 -28.64 17.07 15.13
N ALA B 442 -29.85 16.58 14.82
CA ALA B 442 -30.24 16.20 13.46
C ALA B 442 -30.19 17.40 12.52
N LEU B 443 -30.71 18.54 12.97
CA LEU B 443 -30.71 19.74 12.15
C LEU B 443 -29.28 20.19 11.86
N GLU B 444 -28.38 20.12 12.86
CA GLU B 444 -26.99 20.51 12.64
C GLU B 444 -26.32 19.61 11.60
N ILE B 445 -26.65 18.30 11.65
CA ILE B 445 -26.05 17.36 10.72
C ILE B 445 -26.54 17.65 9.29
N ILE B 446 -27.79 18.15 9.18
CA ILE B 446 -28.38 18.43 7.87
C ILE B 446 -27.80 19.74 7.33
N LYS B 447 -27.61 20.71 8.22
CA LYS B 447 -27.01 21.98 7.82
C LYS B 447 -25.63 21.67 7.27
N SER B 448 -24.97 20.72 7.92
CA SER B 448 -23.64 20.31 7.52
C SER B 448 -23.66 19.81 6.06
N TRP B 449 -24.42 18.73 5.81
CA TRP B 449 -24.59 18.19 4.47
C TRP B 449 -24.98 19.28 3.46
N TYR B 450 -25.99 20.10 3.77
CA TYR B 450 -26.48 21.04 2.77
C TYR B 450 -25.45 22.12 2.47
N ASN B 451 -24.47 22.30 3.37
CA ASN B 451 -23.38 23.23 3.11
C ASN B 451 -22.41 22.69 2.03
N LEU B 452 -22.47 21.39 1.73
CA LEU B 452 -21.60 20.86 0.69
C LEU B 452 -22.31 20.92 -0.65
N MET B 453 -23.38 21.71 -0.73
CA MET B 453 -24.08 21.84 -1.99
C MET B 453 -23.41 22.94 -2.80
N ASP B 454 -23.10 22.64 -4.07
CA ASP B 454 -22.46 23.61 -4.96
C ASP B 454 -23.51 24.55 -5.54
N GLU B 455 -23.04 25.51 -6.36
CA GLU B 455 -23.90 26.56 -6.88
C GLU B 455 -24.99 25.98 -7.83
N ASP B 456 -24.91 24.69 -8.17
CA ASP B 456 -25.85 24.09 -9.12
C ASP B 456 -26.86 23.21 -8.40
N GLY B 457 -26.55 22.85 -7.15
CA GLY B 457 -27.45 22.11 -6.29
C GLY B 457 -27.11 20.62 -6.25
N TRP B 458 -25.89 20.27 -6.65
CA TRP B 458 -25.36 18.93 -6.50
C TRP B 458 -24.64 18.77 -5.15
N ILE B 459 -24.90 17.63 -4.47
CA ILE B 459 -24.13 17.18 -3.32
C ILE B 459 -23.55 15.82 -3.64
N ALA B 460 -22.22 15.68 -3.45
CA ALA B 460 -21.57 14.43 -3.80
C ALA B 460 -22.10 13.32 -2.91
N ARG B 461 -22.22 12.10 -3.46
CA ARG B 461 -22.96 11.05 -2.75
C ARG B 461 -22.09 10.41 -1.69
N GLU B 462 -20.77 10.65 -1.76
CA GLU B 462 -19.80 10.08 -0.83
C GLU B 462 -18.77 11.13 -0.48
N GLN B 463 -18.72 11.50 0.80
CA GLN B 463 -17.89 12.59 1.23
C GLN B 463 -16.63 12.06 1.91
N ILE B 464 -15.51 12.26 1.24
CA ILE B 464 -14.22 11.74 1.67
C ILE B 464 -13.28 12.93 1.88
N LEU B 465 -13.34 13.57 3.04
CA LEU B 465 -12.61 14.83 3.21
C LEU B 465 -11.29 14.62 3.98
N GLY B 466 -10.17 14.99 3.34
CA GLY B 466 -8.83 14.93 3.95
C GLY B 466 -8.07 13.63 3.64
N ALA B 467 -6.73 13.71 3.72
CA ALA B 467 -5.84 12.59 3.40
C ALA B 467 -6.19 11.35 4.22
N GLU B 468 -6.51 11.57 5.52
CA GLU B 468 -6.82 10.49 6.44
C GLU B 468 -8.07 9.75 5.98
N ALA B 469 -9.16 10.47 5.66
CA ALA B 469 -10.34 9.81 5.12
C ALA B 469 -9.98 9.04 3.86
N ARG B 470 -9.20 9.72 3.00
CA ARG B 470 -8.86 9.27 1.66
C ARG B 470 -7.99 8.01 1.74
N SER B 471 -7.13 7.96 2.76
CA SER B 471 -6.12 6.93 2.81
C SER B 471 -6.75 5.54 2.99
N LYS B 472 -8.03 5.51 3.38
CA LYS B 472 -8.68 4.25 3.64
C LYS B 472 -9.40 3.76 2.38
N VAL B 473 -9.39 4.59 1.33
CA VAL B 473 -10.37 4.44 0.26
C VAL B 473 -9.65 4.23 -1.07
N PRO B 474 -9.92 3.12 -1.80
CA PRO B 474 -9.25 2.83 -3.08
C PRO B 474 -9.48 3.97 -4.07
N LYS B 475 -8.47 4.25 -4.89
CA LYS B 475 -8.45 5.43 -5.76
C LYS B 475 -9.68 5.39 -6.68
N GLU B 476 -10.16 4.18 -7.00
CA GLU B 476 -11.20 3.95 -7.99
C GLU B 476 -12.52 4.61 -7.58
N PHE B 477 -12.71 4.86 -6.27
CA PHE B 477 -13.97 5.37 -5.75
C PHE B 477 -13.83 6.80 -5.21
N GLN B 478 -12.68 7.45 -5.40
CA GLN B 478 -12.40 8.69 -4.69
C GLN B 478 -13.03 9.88 -5.41
N THR B 479 -13.23 9.72 -6.73
CA THR B 479 -13.63 10.84 -7.55
C THR B 479 -15.17 11.00 -7.51
N GLN B 480 -15.61 12.23 -7.28
CA GLN B 480 -17.01 12.52 -7.22
C GLN B 480 -17.43 13.21 -8.52
N TYR B 481 -18.62 12.84 -9.05
CA TYR B 481 -19.08 13.28 -10.35
C TYR B 481 -20.31 14.18 -10.23
N PRO B 482 -20.20 15.46 -10.60
CA PRO B 482 -21.31 16.41 -10.43
C PRO B 482 -22.61 16.07 -11.19
N HIS B 483 -22.63 14.92 -11.85
CA HIS B 483 -23.84 14.47 -12.52
C HIS B 483 -24.39 13.20 -11.84
N TYR B 484 -23.72 12.80 -10.74
CA TYR B 484 -24.11 11.63 -9.95
C TYR B 484 -25.09 12.02 -8.84
N ALA B 485 -26.28 11.42 -8.85
CA ALA B 485 -27.31 11.77 -7.89
C ALA B 485 -27.42 10.68 -6.82
N ASN B 486 -28.40 10.82 -5.91
CA ASN B 486 -28.52 9.92 -4.79
C ASN B 486 -29.90 10.12 -4.16
N PRO B 487 -30.58 9.04 -3.68
CA PRO B 487 -31.92 9.19 -3.13
C PRO B 487 -31.91 10.31 -2.09
N PRO B 488 -32.81 11.28 -2.21
CA PRO B 488 -32.80 12.44 -1.31
C PRO B 488 -33.48 12.12 0.04
N THR B 489 -33.03 11.03 0.70
CA THR B 489 -33.68 10.57 1.91
C THR B 489 -33.62 11.60 3.04
N LEU B 490 -32.76 12.63 2.92
CA LEU B 490 -32.68 13.59 4.00
C LEU B 490 -34.01 14.35 4.13
N PHE B 491 -34.87 14.20 3.11
CA PHE B 491 -36.19 14.81 3.08
C PHE B 491 -37.10 14.14 4.10
N LEU B 492 -36.98 12.80 4.25
CA LEU B 492 -37.77 12.09 5.25
C LEU B 492 -37.55 12.69 6.64
N VAL B 493 -36.29 12.98 7.01
CA VAL B 493 -36.02 13.60 8.31
C VAL B 493 -36.77 14.93 8.39
N LEU B 494 -36.67 15.73 7.32
CA LEU B 494 -37.35 17.02 7.32
C LEU B 494 -38.87 16.85 7.50
N ASP B 495 -39.44 15.75 6.98
CA ASP B 495 -40.86 15.45 7.10
C ASP B 495 -41.26 15.29 8.57
N ASN B 496 -40.49 14.46 9.31
CA ASN B 496 -40.70 14.27 10.75
C ASN B 496 -40.49 15.60 11.47
N PHE B 497 -39.49 16.38 11.05
CA PHE B 497 -39.26 17.64 11.73
C PHE B 497 -40.46 18.55 11.52
N VAL B 498 -41.06 18.49 10.32
CA VAL B 498 -42.12 19.41 9.94
C VAL B 498 -43.42 19.05 10.66
N GLU B 499 -43.80 17.74 10.66
CA GLU B 499 -44.96 17.24 11.39
C GLU B 499 -44.89 17.75 12.84
N ARG B 500 -43.68 17.73 13.41
CA ARG B 500 -43.48 18.04 14.82
C ARG B 500 -43.68 19.54 15.08
N LEU B 501 -43.09 20.39 14.23
CA LEU B 501 -43.30 21.83 14.30
C LEU B 501 -44.79 22.13 14.23
N ARG B 502 -45.51 21.44 13.33
CA ARG B 502 -46.94 21.62 13.12
C ARG B 502 -47.70 21.24 14.39
N LYS B 503 -47.45 20.03 14.92
CA LYS B 503 -48.16 19.52 16.09
C LYS B 503 -47.82 20.33 17.35
N ASN B 504 -46.77 21.16 17.30
CA ASN B 504 -46.57 22.21 18.29
C ASN B 504 -47.53 23.38 18.03
N ASN B 505 -47.66 23.77 16.74
CA ASN B 505 -48.58 24.79 16.21
C ASN B 505 -48.12 26.23 16.51
N ALA B 506 -48.16 27.10 15.48
CA ALA B 506 -47.95 28.54 15.62
C ALA B 506 -47.70 29.19 14.24
N THR B 520 -33.70 22.35 28.13
CA THR B 520 -32.71 21.43 27.49
C THR B 520 -32.54 21.82 26.02
N LEU B 521 -31.26 21.83 25.56
CA LEU B 521 -30.85 22.43 24.29
C LEU B 521 -31.24 21.55 23.10
N SER B 522 -31.67 20.33 23.38
CA SER B 522 -31.89 19.30 22.37
C SER B 522 -33.13 19.61 21.52
N THR B 523 -34.03 20.43 22.06
CA THR B 523 -35.32 20.60 21.40
C THR B 523 -35.57 22.09 21.14
N ALA B 524 -34.54 22.93 21.31
CA ALA B 524 -34.70 24.37 21.14
C ALA B 524 -35.60 24.68 19.94
N SER B 525 -35.41 23.93 18.85
CA SER B 525 -35.89 24.29 17.53
C SER B 525 -37.37 23.94 17.35
N VAL B 526 -37.95 23.13 18.27
CA VAL B 526 -39.38 22.82 18.23
C VAL B 526 -40.08 23.40 19.46
N ASP B 527 -39.29 23.72 20.49
CA ASP B 527 -39.81 24.23 21.75
C ASP B 527 -40.16 25.70 21.59
N ASN B 528 -39.50 26.34 20.63
CA ASN B 528 -39.82 27.70 20.26
C ASN B 528 -40.03 27.73 18.75
N PRO B 529 -41.29 27.58 18.25
CA PRO B 529 -41.50 27.40 16.80
C PRO B 529 -40.98 28.53 15.89
N GLU B 530 -40.70 29.70 16.47
CA GLU B 530 -40.19 30.82 15.70
C GLU B 530 -38.80 30.46 15.18
N VAL B 531 -38.01 29.79 16.03
CA VAL B 531 -36.62 29.41 15.75
C VAL B 531 -36.59 28.28 14.73
N GLY B 532 -37.43 27.25 14.94
CA GLY B 532 -37.61 26.18 13.97
C GLY B 532 -37.90 26.71 12.56
N LEU B 533 -38.91 27.58 12.46
CA LEU B 533 -39.35 28.07 11.17
C LEU B 533 -38.26 28.91 10.50
N GLU B 534 -37.39 29.53 11.31
CA GLU B 534 -36.33 30.37 10.74
C GLU B 534 -35.20 29.48 10.20
N TYR B 535 -35.07 28.27 10.78
CA TYR B 535 -34.17 27.28 10.23
C TYR B 535 -34.64 26.85 8.83
N LEU B 536 -35.94 26.48 8.71
CA LEU B 536 -36.52 26.07 7.42
C LEU B 536 -36.43 27.23 6.42
N ARG B 537 -36.70 28.45 6.89
CA ARG B 537 -36.60 29.64 6.06
C ARG B 537 -35.25 29.62 5.33
N ARG B 538 -34.15 29.40 6.06
CA ARG B 538 -32.82 29.53 5.48
C ARG B 538 -32.44 28.29 4.65
N LEU B 539 -33.00 27.12 5.00
CA LEU B 539 -32.66 25.89 4.31
C LEU B 539 -33.47 25.72 3.02
N TYR B 540 -34.66 26.36 2.96
CA TYR B 540 -35.62 26.14 1.87
C TYR B 540 -34.98 26.42 0.49
N PRO B 541 -34.27 27.56 0.28
CA PRO B 541 -33.69 27.87 -1.02
C PRO B 541 -32.76 26.77 -1.54
N LEU B 542 -32.00 26.14 -0.63
CA LEU B 542 -31.13 25.05 -1.03
C LEU B 542 -31.94 23.79 -1.36
N LEU B 543 -33.00 23.54 -0.61
CA LEU B 543 -33.93 22.47 -0.96
C LEU B 543 -34.57 22.71 -2.33
N ARG B 544 -34.94 23.97 -2.63
CA ARG B 544 -35.53 24.26 -3.94
C ARG B 544 -34.49 23.97 -5.02
N ARG B 545 -33.27 24.45 -4.78
CA ARG B 545 -32.16 24.26 -5.71
C ARG B 545 -32.00 22.79 -6.06
N GLN B 546 -32.02 21.94 -5.04
CA GLN B 546 -31.70 20.55 -5.28
C GLN B 546 -32.82 19.88 -6.07
N PHE B 547 -34.06 20.28 -5.78
CA PHE B 547 -35.23 19.83 -6.53
C PHE B 547 -35.06 20.17 -8.01
N ASP B 548 -34.64 21.41 -8.31
CA ASP B 548 -34.47 21.87 -9.69
C ASP B 548 -33.33 21.10 -10.36
N TRP B 549 -32.18 21.05 -9.67
CA TRP B 549 -31.02 20.28 -10.10
C TRP B 549 -31.45 18.88 -10.50
N PHE B 550 -32.34 18.28 -9.71
CA PHE B 550 -32.75 16.90 -9.94
C PHE B 550 -33.49 16.81 -11.27
N ARG B 551 -34.36 17.78 -11.53
CA ARG B 551 -35.32 17.69 -12.62
C ARG B 551 -34.61 18.02 -13.92
N LYS B 552 -33.54 18.84 -13.80
CA LYS B 552 -32.70 19.32 -14.90
C LYS B 552 -31.71 18.25 -15.37
N THR B 553 -31.09 17.51 -14.44
CA THR B 553 -29.94 16.67 -14.74
C THR B 553 -30.28 15.18 -14.65
N GLN B 554 -31.48 14.84 -14.13
CA GLN B 554 -31.92 13.45 -14.19
C GLN B 554 -33.21 13.34 -15.02
N ALA B 555 -33.37 14.27 -15.97
CA ALA B 555 -34.53 14.28 -16.84
C ALA B 555 -34.60 12.96 -17.62
N GLY B 556 -35.82 12.44 -17.80
CA GLY B 556 -36.11 11.34 -18.72
C GLY B 556 -36.46 11.84 -20.12
N ASP B 557 -36.87 10.92 -21.00
CA ASP B 557 -37.33 11.31 -22.33
C ASP B 557 -38.73 10.76 -22.59
N ILE B 558 -39.70 11.67 -22.54
CA ILE B 558 -41.07 11.40 -22.94
C ILE B 558 -41.21 11.84 -24.40
N LYS B 559 -40.88 13.13 -24.65
CA LYS B 559 -41.24 13.85 -25.88
C LYS B 559 -40.81 13.08 -27.11
N SER B 560 -39.53 12.70 -27.15
CA SER B 560 -38.91 12.35 -28.41
C SER B 560 -38.87 10.84 -28.63
N TYR B 561 -39.88 10.12 -28.10
CA TYR B 561 -40.14 8.75 -28.52
C TYR B 561 -41.64 8.55 -28.76
N ASP B 562 -42.06 7.28 -28.94
CA ASP B 562 -43.47 6.93 -29.12
C ASP B 562 -44.10 6.81 -27.74
N ARG B 563 -44.03 7.90 -26.97
CA ARG B 563 -44.37 7.84 -25.56
C ARG B 563 -45.58 8.70 -25.29
N GLU B 564 -46.70 8.01 -25.02
CA GLU B 564 -47.97 8.61 -24.66
C GLU B 564 -48.11 8.54 -23.13
N ALA B 565 -48.45 9.69 -22.52
CA ALA B 565 -48.59 9.78 -21.07
C ALA B 565 -49.25 11.10 -20.67
N TYR B 566 -49.98 11.04 -19.55
CA TYR B 566 -50.68 12.18 -18.99
C TYR B 566 -49.86 13.46 -19.11
N SER B 567 -48.56 13.36 -18.83
CA SER B 567 -47.68 14.53 -18.86
C SER B 567 -46.43 14.26 -19.67
N THR B 568 -45.84 15.33 -20.20
CA THR B 568 -44.66 15.21 -21.02
C THR B 568 -43.48 15.90 -20.33
N LYS B 569 -43.64 16.33 -19.07
CA LYS B 569 -42.54 17.00 -18.39
C LYS B 569 -41.98 16.12 -17.26
N GLU B 570 -42.68 15.04 -16.91
CA GLU B 570 -42.36 14.28 -15.71
C GLU B 570 -41.94 12.86 -16.05
N ALA B 571 -40.63 12.65 -16.19
CA ALA B 571 -40.03 11.31 -16.14
C ALA B 571 -38.53 11.42 -15.90
N TYR B 572 -37.93 10.31 -15.41
CA TYR B 572 -36.64 10.44 -14.73
C TYR B 572 -35.73 9.26 -15.05
N ARG B 573 -34.44 9.61 -15.31
CA ARG B 573 -33.42 8.61 -15.57
C ARG B 573 -32.19 8.87 -14.70
N TRP B 574 -31.81 7.86 -13.89
CA TRP B 574 -30.56 7.90 -13.13
C TRP B 574 -29.39 7.98 -14.09
N ARG B 575 -28.66 9.10 -14.03
CA ARG B 575 -27.30 9.15 -14.56
C ARG B 575 -26.37 8.17 -13.81
N GLY B 576 -25.28 7.74 -14.48
CA GLY B 576 -24.19 7.01 -13.86
C GLY B 576 -24.31 5.50 -14.05
N ARG B 577 -25.43 5.11 -14.64
CA ARG B 577 -25.73 3.71 -14.94
C ARG B 577 -24.54 3.09 -15.69
N THR B 578 -24.18 1.85 -15.33
CA THR B 578 -23.30 1.04 -16.18
C THR B 578 -23.95 -0.32 -16.40
N VAL B 579 -23.25 -1.23 -17.09
CA VAL B 579 -23.91 -2.33 -17.79
C VAL B 579 -24.64 -3.25 -16.81
N SER B 580 -24.01 -3.56 -15.66
CA SER B 580 -24.63 -4.50 -14.75
C SER B 580 -24.95 -3.83 -13.40
N HIS B 581 -25.11 -2.49 -13.43
CA HIS B 581 -25.00 -1.67 -12.22
C HIS B 581 -25.80 -0.37 -12.33
N CYS B 582 -26.11 0.20 -11.16
CA CYS B 582 -26.76 1.48 -11.03
C CYS B 582 -26.35 2.12 -9.69
N LEU B 583 -25.16 2.72 -9.64
CA LEU B 583 -24.54 3.15 -8.38
C LEU B 583 -25.39 4.24 -7.73
N THR B 584 -25.84 5.22 -8.53
CA THR B 584 -26.40 6.46 -8.00
C THR B 584 -27.77 6.21 -7.33
N SER B 585 -28.42 5.10 -7.68
CA SER B 585 -29.75 4.79 -7.19
C SER B 585 -29.66 4.25 -5.77
N GLY B 586 -28.46 3.85 -5.36
CA GLY B 586 -28.26 3.25 -4.04
C GLY B 586 -28.58 1.76 -3.99
N LEU B 587 -29.30 1.23 -4.98
CA LEU B 587 -29.53 -0.23 -5.06
C LEU B 587 -28.66 -0.85 -6.16
N ASP B 588 -27.34 -0.98 -5.89
CA ASP B 588 -26.35 -0.92 -6.96
C ASP B 588 -26.57 -2.02 -8.00
N ASP B 589 -26.84 -3.26 -7.57
CA ASP B 589 -26.90 -4.36 -8.53
C ASP B 589 -28.33 -4.88 -8.68
N TYR B 590 -29.32 -4.07 -8.29
CA TYR B 590 -30.71 -4.46 -8.54
C TYR B 590 -30.91 -4.57 -10.04
N PRO B 591 -31.50 -5.68 -10.53
CA PRO B 591 -31.80 -5.89 -11.95
C PRO B 591 -32.51 -4.71 -12.64
N ARG B 592 -31.97 -4.29 -13.77
CA ARG B 592 -32.44 -3.10 -14.45
C ARG B 592 -32.65 -3.41 -15.94
N PRO B 593 -32.87 -2.38 -16.80
CA PRO B 593 -33.03 -2.61 -18.23
C PRO B 593 -31.75 -3.02 -18.96
N GLN B 594 -31.79 -4.17 -19.63
CA GLN B 594 -30.67 -4.65 -20.45
C GLN B 594 -30.86 -4.23 -21.90
N PRO B 595 -29.91 -3.51 -22.52
CA PRO B 595 -28.82 -2.84 -21.80
C PRO B 595 -29.27 -1.47 -21.27
N PRO B 596 -28.36 -0.70 -20.64
CA PRO B 596 -28.64 0.71 -20.36
C PRO B 596 -28.96 1.40 -21.68
N HIS B 597 -29.73 2.49 -21.61
CA HIS B 597 -30.27 3.16 -22.77
C HIS B 597 -30.68 4.56 -22.36
N PRO B 598 -30.40 5.61 -23.19
CA PRO B 598 -30.71 6.99 -22.81
C PRO B 598 -32.23 7.27 -22.82
N GLY B 599 -33.02 6.22 -23.12
CA GLY B 599 -34.45 6.28 -22.99
C GLY B 599 -34.97 5.33 -21.91
N GLU B 600 -34.07 4.91 -21.01
CA GLU B 600 -34.45 4.27 -19.77
C GLU B 600 -35.32 5.22 -18.95
N LEU B 601 -36.18 4.63 -18.11
CA LEU B 601 -37.00 5.39 -17.18
C LEU B 601 -37.11 4.61 -15.87
N HIS B 602 -36.69 5.25 -14.75
CA HIS B 602 -36.57 4.52 -13.48
C HIS B 602 -37.65 4.97 -12.50
N VAL B 603 -38.44 4.00 -12.03
CA VAL B 603 -39.63 4.29 -11.23
C VAL B 603 -39.20 4.73 -9.83
N ASP B 604 -38.10 4.15 -9.34
CA ASP B 604 -37.53 4.52 -8.05
C ASP B 604 -37.21 6.02 -8.04
N LEU B 605 -36.63 6.54 -9.11
CA LEU B 605 -36.17 7.91 -9.01
C LEU B 605 -37.35 8.87 -9.09
N MET B 606 -38.45 8.46 -9.77
CA MET B 606 -39.62 9.32 -9.87
C MET B 606 -40.31 9.45 -8.51
N SER B 607 -40.52 8.31 -7.83
CA SER B 607 -40.91 8.32 -6.41
C SER B 607 -40.08 9.31 -5.59
N TRP B 608 -38.73 9.32 -5.74
CA TRP B 608 -37.93 10.19 -4.89
C TRP B 608 -38.27 11.65 -5.19
N VAL B 609 -38.52 11.95 -6.48
CA VAL B 609 -38.95 13.30 -6.85
C VAL B 609 -40.30 13.58 -6.21
N GLY B 610 -41.13 12.52 -6.11
CA GLY B 610 -42.41 12.55 -5.40
C GLY B 610 -42.28 12.98 -3.94
N VAL B 611 -41.38 12.30 -3.21
CA VAL B 611 -41.02 12.66 -1.83
C VAL B 611 -40.58 14.13 -1.72
N MET B 612 -39.70 14.55 -2.63
CA MET B 612 -39.10 15.88 -2.52
C MET B 612 -40.19 16.93 -2.61
N VAL B 613 -41.18 16.63 -3.47
CA VAL B 613 -42.15 17.63 -3.87
C VAL B 613 -43.21 17.75 -2.78
N LYS B 614 -43.66 16.59 -2.23
CA LYS B 614 -44.50 16.63 -1.03
C LYS B 614 -43.87 17.50 0.06
N SER B 615 -42.57 17.29 0.33
CA SER B 615 -41.88 18.02 1.38
C SER B 615 -41.86 19.53 1.12
N LEU B 616 -41.71 19.92 -0.15
CA LEU B 616 -41.61 21.34 -0.48
C LEU B 616 -42.99 22.02 -0.40
N ILE B 617 -44.06 21.26 -0.74
CA ILE B 617 -45.44 21.62 -0.42
C ILE B 617 -45.56 21.98 1.06
N SER B 618 -45.24 21.03 1.98
CA SER B 618 -45.20 21.27 3.42
C SER B 618 -44.45 22.56 3.79
N ILE B 619 -43.13 22.61 3.50
CA ILE B 619 -42.27 23.66 4.05
C ILE B 619 -42.67 24.98 3.41
N GLY B 620 -42.98 24.90 2.11
CA GLY B 620 -43.28 26.08 1.33
C GLY B 620 -44.50 26.79 1.89
N SER B 621 -45.56 26.01 2.12
CA SER B 621 -46.80 26.59 2.59
C SER B 621 -46.62 27.14 4.02
N LEU B 622 -45.71 26.54 4.77
CA LEU B 622 -45.40 27.00 6.12
C LEU B 622 -44.63 28.32 6.08
N LEU B 623 -43.91 28.56 4.99
CA LEU B 623 -43.11 29.77 4.89
C LEU B 623 -43.91 30.86 4.17
N GLY B 624 -45.10 30.46 3.67
CA GLY B 624 -45.99 31.34 2.94
C GLY B 624 -45.49 31.64 1.53
N ALA B 625 -44.91 30.63 0.87
CA ALA B 625 -44.36 30.80 -0.48
C ALA B 625 -45.35 30.24 -1.51
N THR B 626 -46.32 31.08 -1.86
CA THR B 626 -47.58 30.62 -2.42
C THR B 626 -47.44 30.41 -3.92
N GLU B 627 -46.67 31.30 -4.57
CA GLU B 627 -46.17 31.08 -5.93
C GLU B 627 -45.56 29.67 -6.06
N ASP B 628 -44.64 29.29 -5.15
CA ASP B 628 -43.95 28.01 -5.21
C ASP B 628 -44.96 26.86 -5.06
N VAL B 629 -45.82 26.98 -4.04
CA VAL B 629 -46.71 25.89 -3.65
C VAL B 629 -47.64 25.53 -4.81
N GLU B 630 -48.02 26.54 -5.60
CA GLU B 630 -48.89 26.34 -6.76
C GLU B 630 -48.19 25.41 -7.74
N PHE B 631 -46.91 25.70 -7.99
CA PHE B 631 -46.13 24.96 -8.97
C PHE B 631 -45.92 23.51 -8.53
N TYR B 632 -45.56 23.30 -7.25
CA TYR B 632 -45.27 21.95 -6.76
C TYR B 632 -46.51 21.07 -6.92
N THR B 633 -47.68 21.71 -6.78
CA THR B 633 -48.98 21.06 -6.83
C THR B 633 -49.21 20.45 -8.21
N LYS B 634 -48.92 21.24 -9.26
CA LYS B 634 -48.91 20.77 -10.64
C LYS B 634 -48.01 19.54 -10.80
N VAL B 635 -46.77 19.65 -10.26
CA VAL B 635 -45.75 18.62 -10.44
C VAL B 635 -46.22 17.31 -9.82
N LEU B 636 -46.67 17.41 -8.56
CA LEU B 636 -47.13 16.26 -7.80
C LEU B 636 -48.27 15.58 -8.55
N ASP B 637 -49.19 16.40 -9.10
CA ASP B 637 -50.30 15.87 -9.90
C ASP B 637 -49.75 15.08 -11.10
N ALA B 638 -48.86 15.72 -11.87
CA ALA B 638 -48.25 15.10 -13.05
C ALA B 638 -47.60 13.77 -12.68
N ILE B 639 -46.84 13.79 -11.56
CA ILE B 639 -46.04 12.67 -11.13
C ILE B 639 -46.97 11.48 -10.82
N GLU B 640 -48.13 11.79 -10.23
CA GLU B 640 -49.07 10.77 -9.80
C GLU B 640 -49.64 10.05 -11.02
N HIS B 641 -49.94 10.81 -12.07
CA HIS B 641 -50.49 10.21 -13.27
C HIS B 641 -49.38 9.46 -14.04
N ASN B 642 -48.21 10.09 -14.20
CA ASN B 642 -47.14 9.55 -15.03
C ASN B 642 -46.64 8.23 -14.48
N LEU B 643 -46.76 8.04 -13.15
CA LEU B 643 -46.43 6.79 -12.49
C LEU B 643 -47.29 5.67 -13.06
N ASP B 644 -48.61 5.90 -13.12
CA ASP B 644 -49.54 4.93 -13.66
C ASP B 644 -49.25 4.78 -15.15
N ASP B 645 -48.98 5.91 -15.79
CA ASP B 645 -48.82 5.95 -17.24
C ASP B 645 -47.59 5.16 -17.69
N LEU B 646 -46.41 5.49 -17.11
CA LEU B 646 -45.14 5.01 -17.63
C LEU B 646 -44.64 3.75 -16.92
N HIS B 647 -45.15 3.45 -15.70
CA HIS B 647 -44.51 2.43 -14.88
C HIS B 647 -45.47 1.35 -14.42
N TRP B 648 -46.78 1.64 -14.39
CA TRP B 648 -47.71 0.62 -13.95
C TRP B 648 -47.79 -0.48 -15.00
N SER B 649 -47.60 -1.72 -14.56
CA SER B 649 -47.78 -2.87 -15.42
C SER B 649 -49.01 -3.62 -14.97
N GLU B 650 -50.05 -3.58 -15.83
CA GLU B 650 -51.25 -4.37 -15.63
C GLU B 650 -50.91 -5.85 -15.76
N LYS B 651 -50.06 -6.18 -16.75
CA LYS B 651 -49.64 -7.55 -16.99
C LYS B 651 -49.34 -8.23 -15.65
N GLU B 652 -48.57 -7.51 -14.79
CA GLU B 652 -47.77 -8.11 -13.72
C GLU B 652 -48.32 -7.72 -12.34
N GLY B 653 -48.92 -6.52 -12.27
CA GLY B 653 -49.58 -6.09 -11.04
C GLY B 653 -48.60 -5.51 -10.03
N CYS B 654 -47.69 -4.67 -10.55
CA CYS B 654 -46.73 -3.91 -9.78
C CYS B 654 -46.14 -2.84 -10.68
N TYR B 655 -45.28 -2.00 -10.12
CA TYR B 655 -44.56 -1.01 -10.92
C TYR B 655 -43.31 -1.65 -11.50
N CYS B 656 -42.82 -1.05 -12.60
CA CYS B 656 -41.70 -1.55 -13.37
C CYS B 656 -40.95 -0.36 -13.97
N ASP B 657 -39.64 -0.54 -14.21
CA ASP B 657 -38.85 0.43 -14.95
C ASP B 657 -39.18 0.29 -16.43
N ALA B 658 -38.74 1.28 -17.22
CA ALA B 658 -39.04 1.29 -18.64
C ALA B 658 -37.80 1.62 -19.46
N THR B 659 -37.81 1.21 -20.74
CA THR B 659 -36.84 1.68 -21.72
C THR B 659 -37.49 1.87 -23.08
N ILE B 660 -36.61 2.04 -24.07
CA ILE B 660 -36.90 1.89 -25.48
C ILE B 660 -36.20 0.61 -25.98
N ASP B 661 -36.98 -0.29 -26.61
CA ASP B 661 -36.50 -1.63 -26.91
C ASP B 661 -35.94 -1.69 -28.34
N GLU B 662 -35.56 -2.92 -28.76
CA GLU B 662 -34.95 -3.21 -30.06
C GLU B 662 -35.71 -2.46 -31.16
N PHE B 663 -37.04 -2.61 -31.13
CA PHE B 663 -37.95 -2.15 -32.17
C PHE B 663 -38.31 -0.69 -31.93
N GLU B 664 -37.58 -0.01 -31.04
CA GLU B 664 -37.77 1.42 -30.79
C GLU B 664 -39.11 1.70 -30.11
N GLU B 665 -39.68 0.66 -29.46
CA GLU B 665 -40.93 0.77 -28.70
C GLU B 665 -40.63 0.84 -27.19
N HIS B 666 -41.27 1.78 -26.51
CA HIS B 666 -41.37 1.84 -25.05
C HIS B 666 -41.77 0.47 -24.47
N LYS B 667 -40.96 -0.05 -23.54
CA LYS B 667 -41.19 -1.36 -22.96
C LYS B 667 -41.06 -1.28 -21.43
N LEU B 668 -41.83 -2.12 -20.74
CA LEU B 668 -41.72 -2.23 -19.30
C LEU B 668 -40.82 -3.40 -18.97
N VAL B 669 -39.89 -3.18 -18.03
CA VAL B 669 -38.99 -4.23 -17.59
C VAL B 669 -39.27 -4.52 -16.11
N CYS B 670 -39.93 -5.66 -15.85
CA CYS B 670 -40.40 -5.98 -14.52
C CYS B 670 -39.47 -7.00 -13.88
N HIS B 671 -38.79 -6.54 -12.84
CA HIS B 671 -38.19 -7.41 -11.85
C HIS B 671 -38.90 -7.18 -10.53
N LYS B 672 -39.54 -8.24 -10.00
CA LYS B 672 -40.46 -8.08 -8.90
C LYS B 672 -39.69 -8.10 -7.56
N GLY B 673 -39.25 -6.90 -7.12
CA GLY B 673 -38.70 -6.71 -5.78
C GLY B 673 -38.89 -5.29 -5.25
N TYR B 674 -37.87 -4.80 -4.53
CA TYR B 674 -37.94 -3.54 -3.80
C TYR B 674 -38.34 -2.38 -4.73
N ILE B 675 -37.86 -2.40 -5.97
CA ILE B 675 -38.12 -1.30 -6.89
C ILE B 675 -39.58 -1.32 -7.33
N SER B 676 -40.17 -2.51 -7.36
CA SER B 676 -41.56 -2.71 -7.75
C SER B 676 -42.51 -1.92 -6.84
N LEU B 677 -42.11 -1.64 -5.58
CA LEU B 677 -43.04 -1.02 -4.65
C LEU B 677 -42.73 0.44 -4.43
N PHE B 678 -41.76 0.99 -5.18
CA PHE B 678 -41.24 2.27 -4.76
C PHE B 678 -42.36 3.29 -4.46
N PRO B 679 -43.37 3.51 -5.35
CA PRO B 679 -44.38 4.53 -5.10
C PRO B 679 -45.12 4.33 -3.77
N PHE B 680 -45.28 3.05 -3.38
CA PHE B 680 -45.91 2.69 -2.12
C PHE B 680 -44.93 2.96 -0.97
N LEU B 681 -43.67 2.54 -1.15
CA LEU B 681 -42.66 2.67 -0.11
C LEU B 681 -42.47 4.13 0.27
N THR B 682 -42.68 5.03 -0.70
CA THR B 682 -42.41 6.45 -0.51
C THR B 682 -43.72 7.18 -0.20
N GLY B 683 -44.80 6.41 -0.04
CA GLY B 683 -46.08 6.93 0.43
C GLY B 683 -46.72 7.88 -0.58
N LEU B 684 -46.78 7.44 -1.85
CA LEU B 684 -47.29 8.27 -2.92
C LEU B 684 -48.64 7.73 -3.40
N LEU B 685 -48.98 6.51 -2.96
CA LEU B 685 -50.30 5.95 -3.22
C LEU B 685 -51.32 6.47 -2.20
N LYS B 686 -52.60 6.41 -2.56
CA LYS B 686 -53.67 6.79 -1.65
C LYS B 686 -54.28 5.50 -1.08
N PRO B 687 -54.80 5.52 0.18
CA PRO B 687 -55.15 4.29 0.90
C PRO B 687 -56.30 3.44 0.34
N ASP B 688 -57.03 4.01 -0.65
CA ASP B 688 -58.09 3.28 -1.35
C ASP B 688 -57.57 2.66 -2.66
N SER B 689 -56.42 3.14 -3.16
CA SER B 689 -55.93 2.82 -4.51
C SER B 689 -55.97 1.32 -4.78
N PRO B 690 -56.55 0.91 -5.94
CA PRO B 690 -56.61 -0.50 -6.31
C PRO B 690 -55.22 -1.10 -6.52
N LYS B 691 -54.23 -0.24 -6.83
CA LYS B 691 -52.87 -0.67 -7.16
C LYS B 691 -52.11 -0.96 -5.86
N LEU B 692 -52.36 -0.14 -4.85
CA LEU B 692 -51.86 -0.38 -3.51
C LEU B 692 -52.22 -1.80 -3.06
N GLY B 693 -53.46 -2.23 -3.34
CA GLY B 693 -53.91 -3.53 -2.90
C GLY B 693 -53.15 -4.66 -3.57
N LYS B 694 -52.73 -4.41 -4.82
CA LYS B 694 -52.02 -5.41 -5.59
C LYS B 694 -50.61 -5.53 -5.03
N LEU B 695 -50.08 -4.40 -4.53
CA LEU B 695 -48.74 -4.36 -3.97
C LEU B 695 -48.68 -5.09 -2.63
N LEU B 696 -49.75 -5.01 -1.84
CA LEU B 696 -49.79 -5.69 -0.56
C LEU B 696 -49.84 -7.22 -0.75
N ALA B 697 -50.28 -7.67 -1.92
CA ALA B 697 -50.39 -9.11 -2.12
C ALA B 697 -49.03 -9.69 -2.46
N LEU B 698 -48.23 -8.92 -3.25
CA LEU B 698 -46.87 -9.28 -3.66
C LEU B 698 -45.96 -9.26 -2.42
N ILE B 699 -46.12 -8.22 -1.60
CA ILE B 699 -45.47 -8.09 -0.32
C ILE B 699 -45.82 -9.30 0.52
N GLY B 700 -47.13 -9.65 0.52
CA GLY B 700 -47.69 -10.71 1.35
C GLY B 700 -47.24 -12.11 0.91
N ASP B 701 -46.71 -12.20 -0.32
CA ASP B 701 -46.62 -13.46 -1.06
C ASP B 701 -45.40 -14.28 -0.62
N GLU B 702 -45.65 -15.35 0.14
CA GLU B 702 -44.62 -16.24 0.67
C GLU B 702 -43.70 -16.76 -0.46
N SER B 703 -44.19 -16.72 -1.70
CA SER B 703 -43.44 -17.24 -2.85
C SER B 703 -42.67 -16.12 -3.53
N GLU B 704 -42.93 -14.87 -3.12
CA GLU B 704 -42.40 -13.71 -3.81
C GLU B 704 -41.37 -12.99 -2.93
N LEU B 705 -41.82 -11.92 -2.28
CA LEU B 705 -40.92 -11.03 -1.59
C LEU B 705 -40.76 -11.47 -0.15
N TRP B 706 -41.65 -12.35 0.31
CA TRP B 706 -41.90 -12.46 1.75
C TRP B 706 -41.25 -13.71 2.36
N SER B 707 -40.13 -13.49 3.05
CA SER B 707 -39.44 -14.51 3.81
C SER B 707 -39.85 -14.44 5.29
N PRO B 708 -39.49 -15.47 6.10
CA PRO B 708 -39.69 -15.43 7.56
C PRO B 708 -38.87 -14.33 8.26
N TYR B 709 -38.03 -13.62 7.51
CA TYR B 709 -37.03 -12.75 8.08
C TYR B 709 -37.23 -11.30 7.62
N GLY B 710 -38.07 -11.13 6.59
CA GLY B 710 -38.35 -9.80 6.04
C GLY B 710 -38.65 -9.89 4.56
N LEU B 711 -38.90 -8.73 3.93
CA LEU B 711 -39.15 -8.71 2.50
C LEU B 711 -37.82 -8.93 1.78
N ARG B 712 -37.78 -9.92 0.88
CA ARG B 712 -36.63 -10.11 0.02
C ARG B 712 -36.49 -8.89 -0.89
N SER B 713 -35.25 -8.59 -1.27
CA SER B 713 -34.96 -7.48 -2.15
C SER B 713 -35.44 -7.81 -3.57
N LEU B 714 -35.31 -9.09 -3.94
CA LEU B 714 -35.76 -9.56 -5.25
C LEU B 714 -36.48 -10.90 -5.08
N SER B 715 -37.62 -11.07 -5.80
CA SER B 715 -38.52 -12.21 -5.62
C SER B 715 -37.86 -13.51 -6.06
N LYS B 716 -38.15 -14.60 -5.32
CA LYS B 716 -37.58 -15.92 -5.54
C LYS B 716 -37.68 -16.30 -7.02
N LYS B 717 -38.73 -15.81 -7.67
CA LYS B 717 -39.15 -16.28 -8.98
C LYS B 717 -38.35 -15.57 -10.06
N ASP B 718 -37.99 -14.31 -9.80
CA ASP B 718 -37.24 -13.53 -10.78
C ASP B 718 -36.03 -14.34 -11.26
N GLU B 719 -35.54 -14.01 -12.45
CA GLU B 719 -34.54 -14.81 -13.11
C GLU B 719 -33.17 -14.48 -12.55
N PHE B 720 -33.03 -13.28 -11.98
CA PHE B 720 -31.72 -12.83 -11.52
C PHE B 720 -31.57 -13.08 -10.04
N TYR B 721 -32.53 -13.84 -9.47
CA TYR B 721 -32.56 -14.08 -8.04
C TYR B 721 -31.31 -14.82 -7.60
N GLY B 722 -30.50 -14.14 -6.78
CA GLY B 722 -29.36 -14.73 -6.09
C GLY B 722 -28.11 -14.73 -6.96
N THR B 723 -28.17 -13.99 -8.07
CA THR B 723 -27.13 -14.04 -9.08
C THR B 723 -26.06 -12.97 -8.84
N ALA B 724 -24.94 -13.09 -9.55
CA ALA B 724 -23.81 -12.17 -9.45
C ALA B 724 -23.41 -12.01 -7.99
N GLU B 725 -23.21 -10.75 -7.58
CA GLU B 725 -22.73 -10.46 -6.26
C GLU B 725 -23.88 -10.54 -5.24
N ASN B 726 -25.13 -10.62 -5.74
CA ASN B 726 -26.31 -10.83 -4.89
C ASN B 726 -26.35 -9.84 -3.71
N TYR B 727 -26.21 -8.54 -4.01
CA TYR B 727 -26.41 -7.53 -2.97
C TYR B 727 -27.90 -7.25 -2.83
N TRP B 728 -28.56 -6.89 -3.94
CA TRP B 728 -29.97 -6.59 -3.87
C TRP B 728 -30.77 -7.59 -4.72
N ARG B 729 -30.33 -8.86 -4.71
CA ARG B 729 -30.94 -9.85 -5.57
C ARG B 729 -31.57 -10.98 -4.77
N SER B 730 -31.83 -10.74 -3.48
CA SER B 730 -32.45 -11.75 -2.62
C SER B 730 -32.52 -11.28 -1.15
N PRO B 731 -31.45 -10.67 -0.59
CA PRO B 731 -31.34 -10.52 0.87
C PRO B 731 -32.23 -9.42 1.47
N VAL B 732 -32.40 -9.48 2.81
CA VAL B 732 -33.24 -8.54 3.54
C VAL B 732 -32.44 -7.30 3.94
N TRP B 733 -32.98 -6.12 3.60
CA TRP B 733 -32.35 -4.85 3.94
C TRP B 733 -33.21 -4.09 4.95
N ILE B 734 -32.61 -3.74 6.09
CA ILE B 734 -33.38 -3.15 7.16
C ILE B 734 -33.94 -1.78 6.74
N ASN B 735 -33.25 -1.07 5.81
CA ASN B 735 -33.67 0.30 5.49
C ASN B 735 -34.91 0.31 4.60
N ILE B 736 -34.96 -0.57 3.61
CA ILE B 736 -36.12 -0.65 2.73
C ILE B 736 -37.31 -1.28 3.48
N ASN B 737 -37.04 -2.31 4.29
CA ASN B 737 -38.06 -2.92 5.14
C ASN B 737 -38.68 -1.88 6.09
N TYR B 738 -37.85 -0.95 6.59
CA TYR B 738 -38.33 0.09 7.50
C TYR B 738 -39.40 0.93 6.81
N LEU B 739 -39.14 1.26 5.53
CA LEU B 739 -40.00 2.13 4.73
C LEU B 739 -41.35 1.46 4.56
N ALA B 740 -41.32 0.13 4.33
CA ALA B 740 -42.52 -0.67 4.17
C ALA B 740 -43.31 -0.71 5.48
N ILE B 741 -42.59 -0.90 6.59
CA ILE B 741 -43.27 -1.06 7.86
C ILE B 741 -44.04 0.24 8.15
N VAL B 742 -43.40 1.38 7.88
CA VAL B 742 -43.97 2.67 8.23
C VAL B 742 -45.18 2.94 7.32
N GLN B 743 -45.09 2.50 6.07
CA GLN B 743 -46.21 2.63 5.15
C GLN B 743 -47.37 1.72 5.59
N LEU B 744 -47.08 0.43 5.85
CA LEU B 744 -48.10 -0.51 6.35
C LEU B 744 -48.81 0.06 7.57
N TYR B 745 -48.08 0.83 8.39
CA TYR B 745 -48.66 1.39 9.60
C TYR B 745 -49.74 2.41 9.22
N ASN B 746 -49.44 3.29 8.26
CA ASN B 746 -50.34 4.37 7.87
C ASN B 746 -51.67 3.80 7.32
N ILE B 747 -51.61 2.70 6.56
CA ILE B 747 -52.80 2.14 5.93
C ILE B 747 -53.67 1.51 7.00
N ALA B 748 -53.04 0.91 8.03
CA ALA B 748 -53.76 0.16 9.08
C ALA B 748 -54.39 1.08 10.13
N THR B 749 -54.10 2.38 10.07
CA THR B 749 -54.55 3.28 11.11
C THR B 749 -55.44 4.36 10.51
N GLN B 750 -56.04 4.05 9.37
CA GLN B 750 -57.08 4.91 8.82
C GLN B 750 -58.10 4.06 8.08
N ASP B 751 -59.13 4.75 7.56
CA ASP B 751 -60.27 4.09 6.95
C ASP B 751 -59.95 3.76 5.49
N GLY B 752 -60.36 2.58 5.07
CA GLY B 752 -60.12 2.10 3.73
C GLY B 752 -60.32 0.59 3.61
N PRO B 753 -60.41 0.05 2.37
CA PRO B 753 -60.68 -1.38 2.18
C PRO B 753 -59.52 -2.26 2.63
N TYR B 754 -58.38 -1.60 2.92
CA TYR B 754 -57.11 -2.29 3.08
C TYR B 754 -56.66 -2.26 4.54
N LYS B 755 -57.25 -1.35 5.32
CA LYS B 755 -56.97 -1.13 6.74
C LYS B 755 -56.64 -2.44 7.46
N GLU B 756 -57.53 -3.44 7.38
CA GLU B 756 -57.38 -4.71 8.08
C GLU B 756 -56.21 -5.51 7.52
N THR B 757 -56.00 -5.43 6.20
CA THR B 757 -54.94 -6.19 5.55
C THR B 757 -53.57 -5.66 5.98
N ALA B 758 -53.48 -4.32 6.10
CA ALA B 758 -52.27 -3.66 6.56
C ALA B 758 -51.91 -4.12 7.97
N ARG B 759 -52.83 -3.91 8.93
CA ARG B 759 -52.61 -4.17 10.35
C ARG B 759 -51.95 -5.53 10.54
N ASP B 760 -52.39 -6.50 9.74
CA ASP B 760 -51.93 -7.85 9.90
C ASP B 760 -50.48 -7.92 9.41
N LEU B 761 -50.24 -7.38 8.22
CA LEU B 761 -48.90 -7.37 7.61
C LEU B 761 -47.93 -6.56 8.47
N TYR B 762 -48.35 -5.36 8.92
CA TYR B 762 -47.53 -4.52 9.79
C TYR B 762 -47.05 -5.33 10.99
N THR B 763 -47.95 -6.11 11.56
CA THR B 763 -47.65 -6.89 12.76
C THR B 763 -46.60 -7.94 12.43
N ARG B 764 -46.85 -8.71 11.36
CA ARG B 764 -46.06 -9.89 11.03
C ARG B 764 -44.65 -9.47 10.61
N LEU B 765 -44.53 -8.34 9.88
CA LEU B 765 -43.24 -7.85 9.39
C LEU B 765 -42.43 -7.22 10.55
N ARG B 766 -43.09 -6.39 11.35
CA ARG B 766 -42.47 -5.80 12.55
C ARG B 766 -41.85 -6.90 13.40
N LYS B 767 -42.63 -7.94 13.70
CA LYS B 767 -42.17 -9.05 14.53
C LYS B 767 -41.02 -9.76 13.81
N ASN B 768 -41.19 -10.02 12.52
CA ASN B 768 -40.19 -10.78 11.77
C ASN B 768 -38.84 -10.04 11.78
N ILE B 769 -38.87 -8.71 11.53
CA ILE B 769 -37.68 -7.92 11.22
C ILE B 769 -36.88 -7.67 12.50
N VAL B 770 -37.59 -7.25 13.56
CA VAL B 770 -36.99 -7.07 14.86
C VAL B 770 -36.36 -8.38 15.30
N GLU B 771 -37.12 -9.48 15.11
CA GLU B 771 -36.61 -10.81 15.43
C GLU B 771 -35.24 -11.03 14.78
N THR B 772 -35.14 -10.78 13.47
CA THR B 772 -33.99 -11.31 12.76
C THR B 772 -32.73 -10.51 13.11
N VAL B 773 -32.91 -9.20 13.39
CA VAL B 773 -31.80 -8.32 13.72
C VAL B 773 -31.31 -8.67 15.13
N TYR B 774 -32.26 -9.01 16.00
CA TYR B 774 -31.99 -9.23 17.41
C TYR B 774 -31.29 -10.58 17.64
N ARG B 775 -31.78 -11.64 17.00
CA ARG B 775 -31.18 -12.96 17.22
C ARG B 775 -29.70 -12.91 16.81
N ASN B 776 -29.41 -12.20 15.71
CA ASN B 776 -28.06 -12.08 15.17
C ASN B 776 -27.20 -11.25 16.12
N TRP B 777 -27.81 -10.25 16.77
CA TRP B 777 -27.10 -9.41 17.70
C TRP B 777 -26.70 -10.22 18.95
N GLU B 778 -27.63 -11.04 19.46
CA GLU B 778 -27.34 -11.89 20.61
C GLU B 778 -26.35 -12.97 20.19
N GLU B 779 -26.39 -13.34 18.91
CA GLU B 779 -25.56 -14.44 18.44
C GLU B 779 -24.14 -13.95 18.13
N THR B 780 -24.01 -12.81 17.44
CA THR B 780 -22.71 -12.39 16.90
C THR B 780 -22.21 -11.13 17.62
N GLY B 781 -23.15 -10.33 18.17
CA GLY B 781 -22.78 -9.10 18.84
C GLY B 781 -22.80 -7.90 17.89
N PHE B 782 -23.14 -8.17 16.61
CA PHE B 782 -23.06 -7.18 15.53
C PHE B 782 -24.44 -6.85 14.96
N ALA B 783 -24.56 -5.61 14.49
CA ALA B 783 -25.52 -5.26 13.47
C ALA B 783 -24.92 -5.48 12.08
N TRP B 784 -25.72 -6.08 11.18
CA TRP B 784 -25.26 -6.36 9.82
C TRP B 784 -25.94 -5.47 8.79
N GLU B 785 -25.39 -5.49 7.58
CA GLU B 785 -25.78 -4.60 6.49
C GLU B 785 -27.05 -5.15 5.84
N GLN B 786 -27.04 -6.47 5.61
CA GLN B 786 -28.20 -7.18 5.16
C GLN B 786 -28.28 -8.50 5.92
N TYR B 787 -29.41 -9.18 5.76
CA TYR B 787 -29.63 -10.43 6.45
C TYR B 787 -30.16 -11.46 5.45
N ASN B 788 -29.84 -12.72 5.70
CA ASN B 788 -30.07 -13.81 4.76
C ASN B 788 -31.55 -14.15 4.69
N PRO B 789 -32.11 -14.35 3.47
CA PRO B 789 -33.53 -14.61 3.31
C PRO B 789 -33.95 -16.06 3.61
N GLU B 790 -32.98 -17.00 3.59
CA GLU B 790 -33.23 -18.40 3.93
C GLU B 790 -32.91 -18.67 5.41
N THR B 791 -31.65 -18.40 5.81
CA THR B 791 -31.17 -18.79 7.13
C THR B 791 -31.43 -17.66 8.14
N GLY B 792 -31.39 -16.42 7.65
CA GLY B 792 -31.56 -15.25 8.49
C GLY B 792 -30.23 -14.64 8.95
N LYS B 793 -29.12 -15.31 8.66
CA LYS B 793 -27.84 -14.88 9.18
C LYS B 793 -27.48 -13.50 8.59
N GLY B 794 -27.02 -12.58 9.46
CA GLY B 794 -26.36 -11.36 9.02
C GLY B 794 -25.20 -11.65 8.08
N GLN B 795 -25.04 -10.80 7.07
CA GLN B 795 -24.11 -11.01 5.97
C GLN B 795 -23.42 -9.70 5.65
N ARG B 796 -22.26 -9.78 5.02
CA ARG B 796 -21.57 -8.61 4.50
C ARG B 796 -21.01 -7.76 5.67
N THR B 797 -21.20 -6.45 5.61
CA THR B 797 -20.47 -5.54 6.48
C THR B 797 -20.95 -5.74 7.92
N GLN B 798 -20.00 -5.88 8.86
CA GLN B 798 -20.35 -5.88 10.28
C GLN B 798 -20.34 -4.46 10.83
N HIS B 799 -20.74 -4.32 12.10
CA HIS B 799 -20.72 -3.04 12.78
C HIS B 799 -21.50 -2.03 11.96
N PHE B 800 -22.61 -2.49 11.38
CA PHE B 800 -23.36 -1.66 10.44
C PHE B 800 -24.42 -0.86 11.17
N THR B 801 -24.02 0.24 11.82
CA THR B 801 -24.97 1.13 12.47
C THR B 801 -24.66 2.57 12.09
N GLY B 802 -25.09 2.97 10.87
CA GLY B 802 -25.74 2.10 9.91
C GLY B 802 -27.27 2.12 10.02
N TRP B 803 -27.96 2.11 8.86
CA TRP B 803 -29.43 2.21 8.87
C TRP B 803 -30.06 1.03 9.60
N THR B 804 -29.31 -0.09 9.80
CA THR B 804 -29.86 -1.22 10.54
C THR B 804 -30.35 -0.82 11.94
N SER B 805 -29.83 0.30 12.45
CA SER B 805 -30.23 0.78 13.76
C SER B 805 -31.68 1.27 13.76
N LEU B 806 -32.31 1.38 12.57
CA LEU B 806 -33.71 1.76 12.49
C LEU B 806 -34.54 0.79 13.34
N VAL B 807 -34.14 -0.47 13.37
CA VAL B 807 -34.76 -1.46 14.23
C VAL B 807 -35.27 -0.86 15.56
N VAL B 808 -34.57 0.16 16.11
CA VAL B 808 -35.01 0.79 17.35
C VAL B 808 -36.38 1.42 17.19
N LYS B 809 -36.55 2.25 16.14
CA LYS B 809 -37.82 2.90 15.87
C LYS B 809 -38.88 1.85 15.53
N ILE B 810 -38.47 0.74 14.88
CA ILE B 810 -39.41 -0.30 14.52
C ILE B 810 -40.04 -0.89 15.78
N MET B 811 -39.23 -0.98 16.84
CA MET B 811 -39.70 -1.54 18.12
C MET B 811 -40.51 -0.49 18.88
N SER B 812 -40.55 0.74 18.37
CA SER B 812 -41.01 1.87 19.16
C SER B 812 -42.45 2.29 18.81
N GLY B 813 -42.92 2.00 17.59
CA GLY B 813 -44.26 2.38 17.15
C GLY B 813 -44.36 3.84 16.67
N HIS B 814 -45.43 4.16 15.91
CA HIS B 814 -45.46 5.38 15.10
C HIS B 814 -46.60 6.29 15.53
#